data_2NTO
# 
_entry.id   2NTO 
# 
_audit_conform.dict_name       mmcif_pdbx.dic 
_audit_conform.dict_version    5.377 
_audit_conform.dict_location   http://mmcif.pdb.org/dictionaries/ascii/mmcif_pdbx.dic 
# 
loop_
_database_2.database_id 
_database_2.database_code 
_database_2.pdbx_database_accession 
_database_2.pdbx_DOI 
PDB   2NTO         pdb_00002nto 10.2210/pdb2nto/pdb 
RCSB  RCSB040288   ?            ?                   
WWPDB D_1000040288 ?            ?                   
# 
_pdbx_database_status.status_code                     REL 
_pdbx_database_status.entry_id                        2NTO 
_pdbx_database_status.recvd_initial_deposition_date   2006-11-08 
_pdbx_database_status.deposit_site                    RCSB 
_pdbx_database_status.process_site                    RCSB 
_pdbx_database_status.status_code_sf                  REL 
_pdbx_database_status.status_code_mr                  ? 
_pdbx_database_status.SG_entry                        ? 
_pdbx_database_status.status_code_cs                  ? 
_pdbx_database_status.pdb_format_compatible           Y 
_pdbx_database_status.status_code_nmr_data            ? 
_pdbx_database_status.methods_development_category    ? 
# 
loop_
_audit_author.name 
_audit_author.pdbx_ordinal 
'Federici, L.'  1 
'Bonivento, D.' 2 
'Di Matteo, A.' 3 
'Allocati, N.'  4 
# 
_citation.id                        primary 
_citation.title                     
'Role of Ser11 in the stabilization of the structure of Ochrobactrum anthropi glutathione transferase' 
_citation.journal_abbrev            Biochem.J. 
_citation.journal_volume            403 
_citation.page_first                267 
_citation.page_last                 274 
_citation.year                      2007 
_citation.journal_id_ASTM           BIJOAK 
_citation.country                   UK 
_citation.journal_id_ISSN           0264-6021 
_citation.journal_id_CSD            0043 
_citation.book_publisher            ? 
_citation.pdbx_database_id_PubMed   17223798 
_citation.pdbx_database_id_DOI      10.1042/BJ20061707 
# 
loop_
_citation_author.citation_id 
_citation_author.name 
_citation_author.ordinal 
_citation_author.identifier_ORCID 
primary 'Federici, L.'  1 ? 
primary 'Masulli, M.'   2 ? 
primary 'Bonivento, D.' 3 ? 
primary 'Di Matteo, A.' 4 ? 
primary 'Gianni, S.'    5 ? 
primary 'Favaloro, B.'  6 ? 
primary 'Di Ilio, C.'   7 ? 
primary 'Allocati, N.'  8 ? 
# 
_cell.entry_id           2NTO 
_cell.length_a           58.765 
_cell.length_b           58.765 
_cell.length_c           212.323 
_cell.angle_alpha        90.00 
_cell.angle_beta         90.00 
_cell.angle_gamma        120.00 
_cell.Z_PDB              12 
_cell.pdbx_unique_axis   ? 
_cell.length_a_esd       ? 
_cell.length_b_esd       ? 
_cell.length_c_esd       ? 
_cell.angle_alpha_esd    ? 
_cell.angle_beta_esd     ? 
_cell.angle_gamma_esd    ? 
# 
_symmetry.entry_id                         2NTO 
_symmetry.space_group_name_H-M             'P 61 2 2' 
_symmetry.pdbx_full_space_group_name_H-M   ? 
_symmetry.cell_setting                     ? 
_symmetry.Int_Tables_number                178 
_symmetry.space_group_name_Hall            ? 
# 
loop_
_entity.id 
_entity.type 
_entity.src_method 
_entity.pdbx_description 
_entity.formula_weight 
_entity.pdbx_number_of_molecules 
_entity.pdbx_ec 
_entity.pdbx_mutation 
_entity.pdbx_fragment 
_entity.details 
1 polymer     man 'glutathione S-transferase' 21763.824 1   2.5.1.18 ? ? ? 
2 non-polymer syn 'SULFATE ION'               96.063    1   ?        ? ? ? 
3 non-polymer syn GLUTATHIONE                 307.323   1   ?        ? ? ? 
4 water       nat water                       18.015    123 ?        ? ? ? 
# 
_entity_name_sys.entity_id   1 
_entity_name_sys.name        E.C.2.5.1.18 
# 
_entity_poly.entity_id                      1 
_entity_poly.type                           'polypeptide(L)' 
_entity_poly.nstd_linkage                   no 
_entity_poly.nstd_monomer                   no 
_entity_poly.pdbx_seq_one_letter_code       
;MKLYYKVGACSLAPHIILSEAGLPYELEAVDLKAKKTADGGDYFAVNPRGAVPALEVKPGTVITQNAAILQYIGDHSDVA
AFKPAYGSIERARLQEALGFCSDLHAAFSGLFAPNLSEEARAGVIANINRRLGQLEAMLSDKNAYWLGDDFTQPDAYASV
IIGWGVGQKLDLSAYPKALKLRERVLARPNVQKAFKEEGLN
;
_entity_poly.pdbx_seq_one_letter_code_can   
;MKLYYKVGACSLAPHIILSEAGLPYELEAVDLKAKKTADGGDYFAVNPRGAVPALEVKPGTVITQNAAILQYIGDHSDVA
AFKPAYGSIERARLQEALGFCSDLHAAFSGLFAPNLSEEARAGVIANINRRLGQLEAMLSDKNAYWLGDDFTQPDAYASV
IIGWGVGQKLDLSAYPKALKLRERVLARPNVQKAFKEEGLN
;
_entity_poly.pdbx_strand_id                 A 
_entity_poly.pdbx_target_identifier         ? 
# 
loop_
_entity_poly_seq.entity_id 
_entity_poly_seq.num 
_entity_poly_seq.mon_id 
_entity_poly_seq.hetero 
1 1   MET n 
1 2   LYS n 
1 3   LEU n 
1 4   TYR n 
1 5   TYR n 
1 6   LYS n 
1 7   VAL n 
1 8   GLY n 
1 9   ALA n 
1 10  CYS n 
1 11  SER n 
1 12  LEU n 
1 13  ALA n 
1 14  PRO n 
1 15  HIS n 
1 16  ILE n 
1 17  ILE n 
1 18  LEU n 
1 19  SER n 
1 20  GLU n 
1 21  ALA n 
1 22  GLY n 
1 23  LEU n 
1 24  PRO n 
1 25  TYR n 
1 26  GLU n 
1 27  LEU n 
1 28  GLU n 
1 29  ALA n 
1 30  VAL n 
1 31  ASP n 
1 32  LEU n 
1 33  LYS n 
1 34  ALA n 
1 35  LYS n 
1 36  LYS n 
1 37  THR n 
1 38  ALA n 
1 39  ASP n 
1 40  GLY n 
1 41  GLY n 
1 42  ASP n 
1 43  TYR n 
1 44  PHE n 
1 45  ALA n 
1 46  VAL n 
1 47  ASN n 
1 48  PRO n 
1 49  ARG n 
1 50  GLY n 
1 51  ALA n 
1 52  VAL n 
1 53  PRO n 
1 54  ALA n 
1 55  LEU n 
1 56  GLU n 
1 57  VAL n 
1 58  LYS n 
1 59  PRO n 
1 60  GLY n 
1 61  THR n 
1 62  VAL n 
1 63  ILE n 
1 64  THR n 
1 65  GLN n 
1 66  ASN n 
1 67  ALA n 
1 68  ALA n 
1 69  ILE n 
1 70  LEU n 
1 71  GLN n 
1 72  TYR n 
1 73  ILE n 
1 74  GLY n 
1 75  ASP n 
1 76  HIS n 
1 77  SER n 
1 78  ASP n 
1 79  VAL n 
1 80  ALA n 
1 81  ALA n 
1 82  PHE n 
1 83  LYS n 
1 84  PRO n 
1 85  ALA n 
1 86  TYR n 
1 87  GLY n 
1 88  SER n 
1 89  ILE n 
1 90  GLU n 
1 91  ARG n 
1 92  ALA n 
1 93  ARG n 
1 94  LEU n 
1 95  GLN n 
1 96  GLU n 
1 97  ALA n 
1 98  LEU n 
1 99  GLY n 
1 100 PHE n 
1 101 CYS n 
1 102 SER n 
1 103 ASP n 
1 104 LEU n 
1 105 HIS n 
1 106 ALA n 
1 107 ALA n 
1 108 PHE n 
1 109 SER n 
1 110 GLY n 
1 111 LEU n 
1 112 PHE n 
1 113 ALA n 
1 114 PRO n 
1 115 ASN n 
1 116 LEU n 
1 117 SER n 
1 118 GLU n 
1 119 GLU n 
1 120 ALA n 
1 121 ARG n 
1 122 ALA n 
1 123 GLY n 
1 124 VAL n 
1 125 ILE n 
1 126 ALA n 
1 127 ASN n 
1 128 ILE n 
1 129 ASN n 
1 130 ARG n 
1 131 ARG n 
1 132 LEU n 
1 133 GLY n 
1 134 GLN n 
1 135 LEU n 
1 136 GLU n 
1 137 ALA n 
1 138 MET n 
1 139 LEU n 
1 140 SER n 
1 141 ASP n 
1 142 LYS n 
1 143 ASN n 
1 144 ALA n 
1 145 TYR n 
1 146 TRP n 
1 147 LEU n 
1 148 GLY n 
1 149 ASP n 
1 150 ASP n 
1 151 PHE n 
1 152 THR n 
1 153 GLN n 
1 154 PRO n 
1 155 ASP n 
1 156 ALA n 
1 157 TYR n 
1 158 ALA n 
1 159 SER n 
1 160 VAL n 
1 161 ILE n 
1 162 ILE n 
1 163 GLY n 
1 164 TRP n 
1 165 GLY n 
1 166 VAL n 
1 167 GLY n 
1 168 GLN n 
1 169 LYS n 
1 170 LEU n 
1 171 ASP n 
1 172 LEU n 
1 173 SER n 
1 174 ALA n 
1 175 TYR n 
1 176 PRO n 
1 177 LYS n 
1 178 ALA n 
1 179 LEU n 
1 180 LYS n 
1 181 LEU n 
1 182 ARG n 
1 183 GLU n 
1 184 ARG n 
1 185 VAL n 
1 186 LEU n 
1 187 ALA n 
1 188 ARG n 
1 189 PRO n 
1 190 ASN n 
1 191 VAL n 
1 192 GLN n 
1 193 LYS n 
1 194 ALA n 
1 195 PHE n 
1 196 LYS n 
1 197 GLU n 
1 198 GLU n 
1 199 GLY n 
1 200 LEU n 
1 201 ASN n 
# 
_entity_src_gen.entity_id                          1 
_entity_src_gen.pdbx_src_id                        1 
_entity_src_gen.pdbx_alt_source_flag               sample 
_entity_src_gen.pdbx_seq_type                      ? 
_entity_src_gen.pdbx_beg_seq_num                   ? 
_entity_src_gen.pdbx_end_seq_num                   ? 
_entity_src_gen.gene_src_common_name               ? 
_entity_src_gen.gene_src_genus                     Ochrobactrum 
_entity_src_gen.pdbx_gene_src_gene                 gst 
_entity_src_gen.gene_src_species                   ? 
_entity_src_gen.gene_src_strain                    ? 
_entity_src_gen.gene_src_tissue                    ? 
_entity_src_gen.gene_src_tissue_fraction           ? 
_entity_src_gen.gene_src_details                   ? 
_entity_src_gen.pdbx_gene_src_fragment             ? 
_entity_src_gen.pdbx_gene_src_scientific_name      'Ochrobactrum anthropi' 
_entity_src_gen.pdbx_gene_src_ncbi_taxonomy_id     529 
_entity_src_gen.pdbx_gene_src_variant              ? 
_entity_src_gen.pdbx_gene_src_cell_line            ? 
_entity_src_gen.pdbx_gene_src_atcc                 ? 
_entity_src_gen.pdbx_gene_src_organ                ? 
_entity_src_gen.pdbx_gene_src_organelle            ? 
_entity_src_gen.pdbx_gene_src_cell                 ? 
_entity_src_gen.pdbx_gene_src_cellular_location    ? 
_entity_src_gen.host_org_common_name               ? 
_entity_src_gen.pdbx_host_org_scientific_name      'Escherichia coli' 
_entity_src_gen.pdbx_host_org_ncbi_taxonomy_id     562 
_entity_src_gen.host_org_genus                     Escherichia 
_entity_src_gen.pdbx_host_org_gene                 ? 
_entity_src_gen.pdbx_host_org_organ                ? 
_entity_src_gen.host_org_species                   ? 
_entity_src_gen.pdbx_host_org_tissue               ? 
_entity_src_gen.pdbx_host_org_tissue_fraction      ? 
_entity_src_gen.pdbx_host_org_strain               XL1-blue 
_entity_src_gen.pdbx_host_org_variant              ? 
_entity_src_gen.pdbx_host_org_cell_line            ? 
_entity_src_gen.pdbx_host_org_atcc                 ? 
_entity_src_gen.pdbx_host_org_culture_collection   ? 
_entity_src_gen.pdbx_host_org_cell                 ? 
_entity_src_gen.pdbx_host_org_organelle            ? 
_entity_src_gen.pdbx_host_org_cellular_location    ? 
_entity_src_gen.pdbx_host_org_vector_type          plasmid 
_entity_src_gen.pdbx_host_org_vector               ? 
_entity_src_gen.host_org_details                   ? 
_entity_src_gen.expression_system_id               ? 
_entity_src_gen.plasmid_name                       ? 
_entity_src_gen.plasmid_details                    ? 
_entity_src_gen.pdbx_description                   ? 
# 
_struct_ref.id                         1 
_struct_ref.entity_id                  1 
_struct_ref.db_name                    UNP 
_struct_ref.db_code                    GST_OCHAN 
_struct_ref.pdbx_db_accession          P81065 
_struct_ref.pdbx_align_begin           1 
_struct_ref.pdbx_seq_one_letter_code   
;MKLYYKVGACSLAPHIILSEAGLPYELEAVDLKAKKTADGGDYFAVNPRGAVPALEVKPGTVITQNAAILQYIGDHSDVA
AFKPAYGSIERARLQEALGFCSDLHAAFSGLFAPNLSEEARAGVIANINRRLGQLEAMLSDKNAYWLGDDFTQPDAYASV
IIGWGVGQKLDLSAYPKALKLRERVLARPNVQKAFKEEGLN
;
_struct_ref.pdbx_db_isoform            ? 
# 
_struct_ref_seq.align_id                      1 
_struct_ref_seq.ref_id                        1 
_struct_ref_seq.pdbx_PDB_id_code              2NTO 
_struct_ref_seq.pdbx_strand_id                A 
_struct_ref_seq.seq_align_beg                 1 
_struct_ref_seq.pdbx_seq_align_beg_ins_code   ? 
_struct_ref_seq.seq_align_end                 201 
_struct_ref_seq.pdbx_seq_align_end_ins_code   ? 
_struct_ref_seq.pdbx_db_accession             P81065 
_struct_ref_seq.db_align_beg                  1 
_struct_ref_seq.pdbx_db_align_beg_ins_code    ? 
_struct_ref_seq.db_align_end                  201 
_struct_ref_seq.pdbx_db_align_end_ins_code    ? 
_struct_ref_seq.pdbx_auth_seq_align_beg       1 
_struct_ref_seq.pdbx_auth_seq_align_end       201 
# 
loop_
_chem_comp.id 
_chem_comp.type 
_chem_comp.mon_nstd_flag 
_chem_comp.name 
_chem_comp.pdbx_synonyms 
_chem_comp.formula 
_chem_comp.formula_weight 
ALA 'L-peptide linking' y ALANINE         ? 'C3 H7 N O2'      89.093  
ARG 'L-peptide linking' y ARGININE        ? 'C6 H15 N4 O2 1'  175.209 
ASN 'L-peptide linking' y ASPARAGINE      ? 'C4 H8 N2 O3'     132.118 
ASP 'L-peptide linking' y 'ASPARTIC ACID' ? 'C4 H7 N O4'      133.103 
CYS 'L-peptide linking' y CYSTEINE        ? 'C3 H7 N O2 S'    121.158 
GLN 'L-peptide linking' y GLUTAMINE       ? 'C5 H10 N2 O3'    146.144 
GLU 'L-peptide linking' y 'GLUTAMIC ACID' ? 'C5 H9 N O4'      147.129 
GLY 'peptide linking'   y GLYCINE         ? 'C2 H5 N O2'      75.067  
GSH non-polymer         . GLUTATHIONE     ? 'C10 H17 N3 O6 S' 307.323 
HIS 'L-peptide linking' y HISTIDINE       ? 'C6 H10 N3 O2 1'  156.162 
HOH non-polymer         . WATER           ? 'H2 O'            18.015  
ILE 'L-peptide linking' y ISOLEUCINE      ? 'C6 H13 N O2'     131.173 
LEU 'L-peptide linking' y LEUCINE         ? 'C6 H13 N O2'     131.173 
LYS 'L-peptide linking' y LYSINE          ? 'C6 H15 N2 O2 1'  147.195 
MET 'L-peptide linking' y METHIONINE      ? 'C5 H11 N O2 S'   149.211 
PHE 'L-peptide linking' y PHENYLALANINE   ? 'C9 H11 N O2'     165.189 
PRO 'L-peptide linking' y PROLINE         ? 'C5 H9 N O2'      115.130 
SER 'L-peptide linking' y SERINE          ? 'C3 H7 N O3'      105.093 
SO4 non-polymer         . 'SULFATE ION'   ? 'O4 S -2'         96.063  
THR 'L-peptide linking' y THREONINE       ? 'C4 H9 N O3'      119.119 
TRP 'L-peptide linking' y TRYPTOPHAN      ? 'C11 H12 N2 O2'   204.225 
TYR 'L-peptide linking' y TYROSINE        ? 'C9 H11 N O3'     181.189 
VAL 'L-peptide linking' y VALINE          ? 'C5 H11 N O2'     117.146 
# 
_exptl.entry_id          2NTO 
_exptl.method            'X-RAY DIFFRACTION' 
_exptl.crystals_number   1 
# 
_exptl_crystal.id                    1 
_exptl_crystal.density_meas          ? 
_exptl_crystal.density_Matthews      2.43 
_exptl_crystal.density_percent_sol   49.39 
_exptl_crystal.description           ? 
_exptl_crystal.F_000                 ? 
_exptl_crystal.preparation           ? 
# 
_exptl_crystal_grow.crystal_id      1 
_exptl_crystal_grow.method          'VAPOR DIFFUSION, HANGING DROP' 
_exptl_crystal_grow.temp            294 
_exptl_crystal_grow.pH              7.0 
_exptl_crystal_grow.pdbx_details    
'2.0 M Ammonium Sulphate, 0.1 M Tris pH 7.0, 0.2 M lithium sulphate, VAPOR DIFFUSION, HANGING DROP, temperature 294K' 
_exptl_crystal_grow.temp_details    ? 
_exptl_crystal_grow.pdbx_pH_range   . 
# 
_diffrn.id                     1 
_diffrn.ambient_temp           100 
_diffrn.ambient_temp_details   ? 
_diffrn.crystal_id             1 
# 
_diffrn_detector.diffrn_id              1 
_diffrn_detector.detector               CCD 
_diffrn_detector.type                   'ADSC QUANTUM 4' 
_diffrn_detector.pdbx_collection_date   2005-07-02 
_diffrn_detector.details                ? 
# 
_diffrn_radiation.diffrn_id                        1 
_diffrn_radiation.wavelength_id                    1 
_diffrn_radiation.pdbx_monochromatic_or_laue_m_l   M 
_diffrn_radiation.monochromator                    'Si 111 CHANNEL' 
_diffrn_radiation.pdbx_diffrn_protocol             'SINGLE WAVELENGTH' 
_diffrn_radiation.pdbx_scattering_type             x-ray 
# 
_diffrn_radiation_wavelength.id           1 
_diffrn_radiation_wavelength.wavelength   0.934 
_diffrn_radiation_wavelength.wt           1.0 
# 
_diffrn_source.diffrn_id                   1 
_diffrn_source.source                      SYNCHROTRON 
_diffrn_source.type                        'ESRF BEAMLINE ID14-4' 
_diffrn_source.pdbx_synchrotron_site       ESRF 
_diffrn_source.pdbx_synchrotron_beamline   ID14-4 
_diffrn_source.pdbx_wavelength             ? 
_diffrn_source.pdbx_wavelength_list        0.934 
# 
_reflns.entry_id                     2NTO 
_reflns.observed_criterion_sigma_F   ? 
_reflns.observed_criterion_sigma_I   1.0 
_reflns.d_resolution_high            2.095 
_reflns.d_resolution_low             50.64 
_reflns.number_all                   13632 
_reflns.number_obs                   13632 
_reflns.percent_possible_obs         99.9 
_reflns.pdbx_Rmerge_I_obs            0.07 
_reflns.pdbx_Rsym_value              ? 
_reflns.pdbx_netI_over_sigmaI        11.8 
_reflns.B_iso_Wilson_estimate        26.251 
_reflns.pdbx_redundancy              13.2 
_reflns.R_free_details               ? 
_reflns.limit_h_max                  ? 
_reflns.limit_h_min                  ? 
_reflns.limit_k_max                  ? 
_reflns.limit_k_min                  ? 
_reflns.limit_l_max                  ? 
_reflns.limit_l_min                  ? 
_reflns.observed_criterion_F_max     ? 
_reflns.observed_criterion_F_min     ? 
_reflns.pdbx_chi_squared             ? 
_reflns.pdbx_scaling_rejects         ? 
_reflns.pdbx_ordinal                 1 
_reflns.pdbx_diffrn_id               1 
# 
_reflns_shell.d_res_high             2.095 
_reflns_shell.d_res_low              2.18 
_reflns_shell.percent_possible_all   99.8 
_reflns_shell.Rmerge_I_obs           0.335 
_reflns_shell.pdbx_Rsym_value        ? 
_reflns_shell.meanI_over_sigI_obs    8.41 
_reflns_shell.pdbx_redundancy        ? 
_reflns_shell.percent_possible_obs   ? 
_reflns_shell.number_unique_all      1312 
_reflns_shell.number_measured_all    ? 
_reflns_shell.number_measured_obs    ? 
_reflns_shell.number_unique_obs      ? 
_reflns_shell.pdbx_chi_squared       ? 
_reflns_shell.pdbx_ordinal           1 
_reflns_shell.pdbx_diffrn_id         1 
# 
_refine.entry_id                                 2NTO 
_refine.ls_number_reflns_obs                     12924 
_refine.ls_number_reflns_all                     13632 
_refine.pdbx_ls_sigma_I                          ? 
_refine.pdbx_ls_sigma_F                          2.1 
_refine.pdbx_data_cutoff_high_absF               ? 
_refine.pdbx_data_cutoff_low_absF                ? 
_refine.pdbx_data_cutoff_high_rms_absF           ? 
_refine.ls_d_res_low                             50.64 
_refine.ls_d_res_high                            2.095 
_refine.ls_percent_reflns_obs                    99.79 
_refine.ls_R_factor_obs                          0.18955 
_refine.ls_R_factor_all                          0.18955 
_refine.ls_R_factor_R_work                       0.18744 
_refine.ls_R_factor_R_free                       0.23181 
_refine.ls_R_factor_R_free_error                 ? 
_refine.ls_R_factor_R_free_error_details         ? 
_refine.ls_percent_reflns_R_free                 5.0 
_refine.ls_number_reflns_R_free                  676 
_refine.ls_number_parameters                     ? 
_refine.ls_number_restraints                     ? 
_refine.occupancy_min                            ? 
_refine.occupancy_max                            ? 
_refine.correlation_coeff_Fo_to_Fc               0.949 
_refine.correlation_coeff_Fo_to_Fc_free          0.927 
_refine.B_iso_mean                               15.305 
_refine.aniso_B[1][1]                            0.97 
_refine.aniso_B[2][2]                            0.97 
_refine.aniso_B[3][3]                            -1.45 
_refine.aniso_B[1][2]                            0.48 
_refine.aniso_B[1][3]                            0.00 
_refine.aniso_B[2][3]                            0.00 
_refine.solvent_model_details                    'BABINET MODEL WITH MASK' 
_refine.solvent_model_param_ksol                 ? 
_refine.solvent_model_param_bsol                 ? 
_refine.pdbx_solvent_vdw_probe_radii             1.40 
_refine.pdbx_solvent_ion_probe_radii             0.80 
_refine.pdbx_solvent_shrinkage_radii             0.80 
_refine.pdbx_ls_cross_valid_method               THROUGHOUT 
_refine.details                                  'HYDROGENS HAVE BEEN ADDED IN THE RIDING POSITIONS' 
_refine.pdbx_starting_model                      'PDB ENTRY 1A0F' 
_refine.pdbx_method_to_determine_struct          'MOLECULAR REPLACEMENT' 
_refine.pdbx_isotropic_thermal_model             ? 
_refine.pdbx_stereochemistry_target_values       'MAXIMUM LIKELIHOOD' 
_refine.pdbx_stereochem_target_val_spec_case     ? 
_refine.pdbx_R_Free_selection_details            RANDOM 
_refine.pdbx_overall_ESU_R                       0.211 
_refine.pdbx_overall_ESU_R_Free                  0.179 
_refine.overall_SU_ML                            0.115 
_refine.overall_SU_B                             4.295 
_refine.ls_redundancy_reflns_obs                 ? 
_refine.B_iso_min                                ? 
_refine.B_iso_max                                ? 
_refine.overall_SU_R_Cruickshank_DPI             ? 
_refine.overall_SU_R_free                        ? 
_refine.ls_wR_factor_R_free                      ? 
_refine.ls_wR_factor_R_work                      ? 
_refine.overall_FOM_free_R_set                   ? 
_refine.overall_FOM_work_R_set                   ? 
_refine.pdbx_refine_id                           'X-RAY DIFFRACTION' 
_refine.pdbx_TLS_residual_ADP_flag               'LIKELY RESIDUAL' 
_refine.pdbx_diffrn_id                           1 
_refine.pdbx_overall_phase_error                 ? 
_refine.pdbx_overall_SU_R_free_Cruickshank_DPI   ? 
_refine.pdbx_overall_SU_R_Blow_DPI               ? 
_refine.pdbx_overall_SU_R_free_Blow_DPI          ? 
# 
_refine_hist.pdbx_refine_id                   'X-RAY DIFFRACTION' 
_refine_hist.cycle_id                         LAST 
_refine_hist.pdbx_number_atoms_protein        1535 
_refine_hist.pdbx_number_atoms_nucleic_acid   0 
_refine_hist.pdbx_number_atoms_ligand         25 
_refine_hist.number_atoms_solvent             123 
_refine_hist.number_atoms_total               1683 
_refine_hist.d_res_high                       2.095 
_refine_hist.d_res_low                        50.64 
# 
loop_
_refine_ls_restr.type 
_refine_ls_restr.dev_ideal 
_refine_ls_restr.dev_ideal_target 
_refine_ls_restr.weight 
_refine_ls_restr.number 
_refine_ls_restr.pdbx_refine_id 
_refine_ls_restr.pdbx_restraint_function 
r_bond_refined_d         0.010 0.021 ? 1604 'X-RAY DIFFRACTION' ? 
r_bond_other_d           0.002 0.020 ? 1461 'X-RAY DIFFRACTION' ? 
r_angle_refined_deg      1.307 1.984 ? 2174 'X-RAY DIFFRACTION' ? 
r_angle_other_deg        0.841 3.000 ? 3399 'X-RAY DIFFRACTION' ? 
r_dihedral_angle_1_deg   9.262 5.000 ? 202  'X-RAY DIFFRACTION' ? 
r_chiral_restr           0.107 0.200 ? 236  'X-RAY DIFFRACTION' ? 
r_gen_planes_refined     0.005 0.020 ? 1808 'X-RAY DIFFRACTION' ? 
r_gen_planes_other       0.003 0.020 ? 319  'X-RAY DIFFRACTION' ? 
r_nbd_refined            0.221 0.200 ? 386  'X-RAY DIFFRACTION' ? 
r_nbd_other              0.248 0.200 ? 1624 'X-RAY DIFFRACTION' ? 
r_nbtor_other            0.086 0.200 ? 897  'X-RAY DIFFRACTION' ? 
r_xyhbond_nbd_refined    0.196 0.200 ? 78   'X-RAY DIFFRACTION' ? 
r_symmetry_vdw_refined   0.341 0.200 ? 17   'X-RAY DIFFRACTION' ? 
r_symmetry_vdw_other     0.314 0.200 ? 62   'X-RAY DIFFRACTION' ? 
r_symmetry_hbond_refined 0.177 0.200 ? 15   'X-RAY DIFFRACTION' ? 
r_mcbond_it              0.575 1.500 ? 1004 'X-RAY DIFFRACTION' ? 
r_mcangle_it             1.094 2.000 ? 1592 'X-RAY DIFFRACTION' ? 
r_scbond_it              1.692 3.000 ? 600  'X-RAY DIFFRACTION' ? 
r_scangle_it             2.765 4.500 ? 582  'X-RAY DIFFRACTION' ? 
# 
_refine_ls_shell.pdbx_total_number_of_bins_used   20 
_refine_ls_shell.d_res_high                       2.095 
_refine_ls_shell.d_res_low                        2.149 
_refine_ls_shell.number_reflns_R_work             898 
_refine_ls_shell.R_factor_R_work                  0.23 
_refine_ls_shell.percent_reflns_obs               ? 
_refine_ls_shell.R_factor_R_free                  0.279 
_refine_ls_shell.R_factor_R_free_error            ? 
_refine_ls_shell.percent_reflns_R_free            ? 
_refine_ls_shell.number_reflns_R_free             44 
_refine_ls_shell.number_reflns_all                ? 
_refine_ls_shell.R_factor_all                     ? 
_refine_ls_shell.number_reflns_obs                ? 
_refine_ls_shell.redundancy_reflns_obs            ? 
_refine_ls_shell.pdbx_refine_id                   'X-RAY DIFFRACTION' 
# 
_struct.entry_id                  2NTO 
_struct.title                     'Structure of the Glutathione Transferase from Ochrobactrum anthropi in complex with glutathione' 
_struct.pdbx_model_details        ? 
_struct.pdbx_CASP_flag            ? 
_struct.pdbx_model_type_details   ? 
# 
_struct_keywords.entry_id        2NTO 
_struct_keywords.pdbx_keywords   TRANSFERASE 
_struct_keywords.text            'N-terminal alpha+beta domain; C-terminal all helical domain, TRANSFERASE' 
# 
loop_
_struct_asym.id 
_struct_asym.pdbx_blank_PDB_chainid_flag 
_struct_asym.pdbx_modified 
_struct_asym.entity_id 
_struct_asym.details 
A N N 1 ? 
B N N 2 ? 
C N N 3 ? 
D N N 4 ? 
# 
_struct_biol.id        1 
_struct_biol.details   
;The second part of the biological assembly is generated by applying the following matrix. Ration: 
 
-1  0  0 
0   1  0 
0   0  -1 
 
translation: 58.7833 0  106.151
;
# 
loop_
_struct_conf.conf_type_id 
_struct_conf.id 
_struct_conf.pdbx_PDB_helix_id 
_struct_conf.beg_label_comp_id 
_struct_conf.beg_label_asym_id 
_struct_conf.beg_label_seq_id 
_struct_conf.pdbx_beg_PDB_ins_code 
_struct_conf.end_label_comp_id 
_struct_conf.end_label_asym_id 
_struct_conf.end_label_seq_id 
_struct_conf.pdbx_end_PDB_ins_code 
_struct_conf.beg_auth_comp_id 
_struct_conf.beg_auth_asym_id 
_struct_conf.beg_auth_seq_id 
_struct_conf.end_auth_comp_id 
_struct_conf.end_auth_asym_id 
_struct_conf.end_auth_seq_id 
_struct_conf.pdbx_PDB_helix_class 
_struct_conf.details 
_struct_conf.pdbx_PDB_helix_length 
HELX_P HELX_P1  1  SER A 11  ? GLY A 22  ? SER A 11  GLY A 22  1 ? 12 
HELX_P HELX_P2  2  ASP A 42  ? VAL A 46  ? ASP A 42  VAL A 46  5 ? 5  
HELX_P HELX_P3  3  GLN A 65  ? HIS A 76  ? GLN A 65  HIS A 76  1 ? 12 
HELX_P HELX_P4  4  VAL A 79  ? LYS A 83  ? VAL A 79  LYS A 83  5 ? 5  
HELX_P HELX_P5  5  SER A 88  ? GLY A 110 ? SER A 88  GLY A 110 1 ? 23 
HELX_P HELX_P6  6  LEU A 111 ? ALA A 113 ? LEU A 111 ALA A 113 5 ? 3  
HELX_P HELX_P7  7  SER A 117 ? LEU A 139 ? SER A 117 LEU A 139 1 ? 23 
HELX_P HELX_P8  8  THR A 152 ? GLN A 168 ? THR A 152 GLN A 168 1 ? 17 
HELX_P HELX_P9  9  TYR A 175 ? ARG A 188 ? TYR A 175 ARG A 188 1 ? 14 
HELX_P HELX_P10 10 ARG A 188 ? GLU A 198 ? ARG A 188 GLU A 198 1 ? 11 
# 
_struct_conf_type.id          HELX_P 
_struct_conf_type.criteria    ? 
_struct_conf_type.reference   ? 
# 
_struct_mon_prot_cis.pdbx_id                1 
_struct_mon_prot_cis.label_comp_id          VAL 
_struct_mon_prot_cis.label_seq_id           52 
_struct_mon_prot_cis.label_asym_id          A 
_struct_mon_prot_cis.label_alt_id           . 
_struct_mon_prot_cis.pdbx_PDB_ins_code      ? 
_struct_mon_prot_cis.auth_comp_id           VAL 
_struct_mon_prot_cis.auth_seq_id            52 
_struct_mon_prot_cis.auth_asym_id           A 
_struct_mon_prot_cis.pdbx_label_comp_id_2   PRO 
_struct_mon_prot_cis.pdbx_label_seq_id_2    53 
_struct_mon_prot_cis.pdbx_label_asym_id_2   A 
_struct_mon_prot_cis.pdbx_PDB_ins_code_2    ? 
_struct_mon_prot_cis.pdbx_auth_comp_id_2    PRO 
_struct_mon_prot_cis.pdbx_auth_seq_id_2     53 
_struct_mon_prot_cis.pdbx_auth_asym_id_2    A 
_struct_mon_prot_cis.pdbx_PDB_model_num     1 
_struct_mon_prot_cis.pdbx_omega_angle       -1.76 
# 
_struct_sheet.id               A 
_struct_sheet.type             ? 
_struct_sheet.number_strands   4 
_struct_sheet.details          ? 
# 
loop_
_struct_sheet_order.sheet_id 
_struct_sheet_order.range_id_1 
_struct_sheet_order.range_id_2 
_struct_sheet_order.offset 
_struct_sheet_order.sense 
A 1 2 ? parallel      
A 2 3 ? anti-parallel 
A 3 4 ? anti-parallel 
# 
loop_
_struct_sheet_range.sheet_id 
_struct_sheet_range.id 
_struct_sheet_range.beg_label_comp_id 
_struct_sheet_range.beg_label_asym_id 
_struct_sheet_range.beg_label_seq_id 
_struct_sheet_range.pdbx_beg_PDB_ins_code 
_struct_sheet_range.end_label_comp_id 
_struct_sheet_range.end_label_asym_id 
_struct_sheet_range.end_label_seq_id 
_struct_sheet_range.pdbx_end_PDB_ins_code 
_struct_sheet_range.beg_auth_comp_id 
_struct_sheet_range.beg_auth_asym_id 
_struct_sheet_range.beg_auth_seq_id 
_struct_sheet_range.end_auth_comp_id 
_struct_sheet_range.end_auth_asym_id 
_struct_sheet_range.end_auth_seq_id 
A 1 GLU A 26 ? ALA A 29 ? GLU A 26 ALA A 29 
A 2 LYS A 2  ? TYR A 5  ? LYS A 2  TYR A 5  
A 3 ALA A 54 ? LYS A 58 ? ALA A 54 LYS A 58 
A 4 THR A 61 ? THR A 64 ? THR A 61 THR A 64 
# 
loop_
_pdbx_struct_sheet_hbond.sheet_id 
_pdbx_struct_sheet_hbond.range_id_1 
_pdbx_struct_sheet_hbond.range_id_2 
_pdbx_struct_sheet_hbond.range_1_label_atom_id 
_pdbx_struct_sheet_hbond.range_1_label_comp_id 
_pdbx_struct_sheet_hbond.range_1_label_asym_id 
_pdbx_struct_sheet_hbond.range_1_label_seq_id 
_pdbx_struct_sheet_hbond.range_1_PDB_ins_code 
_pdbx_struct_sheet_hbond.range_1_auth_atom_id 
_pdbx_struct_sheet_hbond.range_1_auth_comp_id 
_pdbx_struct_sheet_hbond.range_1_auth_asym_id 
_pdbx_struct_sheet_hbond.range_1_auth_seq_id 
_pdbx_struct_sheet_hbond.range_2_label_atom_id 
_pdbx_struct_sheet_hbond.range_2_label_comp_id 
_pdbx_struct_sheet_hbond.range_2_label_asym_id 
_pdbx_struct_sheet_hbond.range_2_label_seq_id 
_pdbx_struct_sheet_hbond.range_2_PDB_ins_code 
_pdbx_struct_sheet_hbond.range_2_auth_atom_id 
_pdbx_struct_sheet_hbond.range_2_auth_comp_id 
_pdbx_struct_sheet_hbond.range_2_auth_asym_id 
_pdbx_struct_sheet_hbond.range_2_auth_seq_id 
A 1 2 O GLU A 26 ? O GLU A 26 N LEU A 3  ? N LEU A 3  
A 2 3 N TYR A 4  ? N TYR A 4  O ALA A 54 ? O ALA A 54 
A 3 4 N LEU A 55 ? N LEU A 55 O ILE A 63 ? O ILE A 63 
# 
loop_
_struct_site.id 
_struct_site.pdbx_evidence_code 
_struct_site.pdbx_auth_asym_id 
_struct_site.pdbx_auth_comp_id 
_struct_site.pdbx_auth_seq_id 
_struct_site.pdbx_auth_ins_code 
_struct_site.pdbx_num_residues 
_struct_site.details 
AC1 Software A SO4 202 ? 12 'BINDING SITE FOR RESIDUE SO4 A 202' 
AC2 Software A GSH 204 ? 14 'BINDING SITE FOR RESIDUE GSH A 204' 
# 
loop_
_struct_site_gen.id 
_struct_site_gen.site_id 
_struct_site_gen.pdbx_num_res 
_struct_site_gen.label_comp_id 
_struct_site_gen.label_asym_id 
_struct_site_gen.label_seq_id 
_struct_site_gen.pdbx_auth_ins_code 
_struct_site_gen.auth_comp_id 
_struct_site_gen.auth_asym_id 
_struct_site_gen.auth_seq_id 
_struct_site_gen.label_atom_id 
_struct_site_gen.label_alt_id 
_struct_site_gen.symmetry 
_struct_site_gen.details 
1  AC1 12 ALA A 67  ? ALA A 67  . ? 11_655 ? 
2  AC1 12 ALA A 67  ? ALA A 67  . ? 1_555  ? 
3  AC1 12 LEU A 98  ? LEU A 98  . ? 11_655 ? 
4  AC1 12 GLY A 99  ? GLY A 99  . ? 11_655 ? 
5  AC1 12 SER A 102 ? SER A 102 . ? 11_655 ? 
6  AC1 12 HOH D .   ? HOH A 218 . ? 1_555  ? 
7  AC1 12 HOH D .   ? HOH A 218 . ? 11_655 ? 
8  AC1 12 HOH D .   ? HOH A 219 . ? 11_655 ? 
9  AC1 12 HOH D .   ? HOH A 237 . ? 11_655 ? 
10 AC1 12 HOH D .   ? HOH A 237 . ? 1_555  ? 
11 AC1 12 HOH D .   ? HOH A 240 . ? 11_655 ? 
12 AC1 12 HOH D .   ? HOH A 240 . ? 1_555  ? 
13 AC2 14 CYS A 10  ? CYS A 10  . ? 1_555  ? 
14 AC2 14 LEU A 32  ? LEU A 32  . ? 1_555  ? 
15 AC2 14 LYS A 35  ? LYS A 35  . ? 1_555  ? 
16 AC2 14 ALA A 51  ? ALA A 51  . ? 1_555  ? 
17 AC2 14 VAL A 52  ? VAL A 52  . ? 1_555  ? 
18 AC2 14 GLN A 65  ? GLN A 65  . ? 1_555  ? 
19 AC2 14 ASN A 66  ? ASN A 66  . ? 1_555  ? 
20 AC2 14 ASP A 103 ? ASP A 103 . ? 11_655 ? 
21 AC2 14 HIS A 105 ? HIS A 105 . ? 1_555  ? 
22 AC2 14 HOH D .   ? HOH A 225 . ? 11_655 ? 
23 AC2 14 HOH D .   ? HOH A 230 . ? 1_555  ? 
24 AC2 14 HOH D .   ? HOH A 273 . ? 1_555  ? 
25 AC2 14 HOH D .   ? HOH A 310 . ? 1_555  ? 
26 AC2 14 HOH D .   ? HOH A 311 . ? 1_555  ? 
# 
_atom_sites.entry_id                    2NTO 
_atom_sites.fract_transf_matrix[1][1]   0.01868281 
_atom_sites.fract_transf_matrix[1][2]   -0.00543362 
_atom_sites.fract_transf_matrix[1][3]   0.00274538 
_atom_sites.fract_transf_matrix[2][1]   0.00811027 
_atom_sites.fract_transf_matrix[2][2]   0.00137307 
_atom_sites.fract_transf_matrix[2][3]   0.01784437 
_atom_sites.fract_transf_matrix[3][1]   -0.00141890 
_atom_sites.fract_transf_matrix[3][2]   -0.00438250 
_atom_sites.fract_transf_matrix[3][3]   0.00098211 
_atom_sites.fract_transf_vector[1]      0.807775 
_atom_sites.fract_transf_vector[2]      0.263908 
_atom_sites.fract_transf_vector[3]      0.225813 
# 
loop_
_atom_type.symbol 
C 
N 
O 
S 
# 
loop_
_atom_site.group_PDB 
_atom_site.id 
_atom_site.type_symbol 
_atom_site.label_atom_id 
_atom_site.label_alt_id 
_atom_site.label_comp_id 
_atom_site.label_asym_id 
_atom_site.label_entity_id 
_atom_site.label_seq_id 
_atom_site.pdbx_PDB_ins_code 
_atom_site.Cartn_x 
_atom_site.Cartn_y 
_atom_site.Cartn_z 
_atom_site.occupancy 
_atom_site.B_iso_or_equiv 
_atom_site.pdbx_formal_charge 
_atom_site.auth_seq_id 
_atom_site.auth_comp_id 
_atom_site.auth_asym_id 
_atom_site.auth_atom_id 
_atom_site.pdbx_PDB_model_num 
ATOM   1    N N   . MET A 1 1   ? 9.706   -12.194 9.997   1.00 21.29 ? 1   MET A N   1 
ATOM   2    C CA  . MET A 1 1   ? 8.395   -12.250 9.363   1.00 20.68 ? 1   MET A CA  1 
ATOM   3    C C   . MET A 1 1   ? 8.519   -12.345 7.846   1.00 19.81 ? 1   MET A C   1 
ATOM   4    O O   . MET A 1 1   ? 9.462   -11.818 7.256   1.00 19.48 ? 1   MET A O   1 
ATOM   5    C CB  . MET A 1 1   ? 7.561   -11.027 9.747   1.00 21.30 ? 1   MET A CB  1 
ATOM   6    C CG  . MET A 1 1   ? 7.475   -10.780 11.244  1.00 22.95 ? 1   MET A CG  1 
ATOM   7    S SD  . MET A 1 1   ? 6.115   -9.683  11.692  1.00 27.79 ? 1   MET A SD  1 
ATOM   8    C CE  . MET A 1 1   ? 6.671   -8.141  10.969  1.00 25.07 ? 1   MET A CE  1 
ATOM   9    N N   . LYS A 1 2   ? 7.561   -13.019 7.219   1.00 18.49 ? 2   LYS A N   1 
ATOM   10   C CA  . LYS A 1 2   ? 7.643   -13.323 5.802   1.00 18.07 ? 2   LYS A CA  1 
ATOM   11   C C   . LYS A 1 2   ? 6.481   -12.632 5.095   1.00 16.85 ? 2   LYS A C   1 
ATOM   12   O O   . LYS A 1 2   ? 5.319   -12.851 5.451   1.00 16.36 ? 2   LYS A O   1 
ATOM   13   C CB  . LYS A 1 2   ? 7.546   -14.834 5.628   1.00 18.45 ? 2   LYS A CB  1 
ATOM   14   C CG  . LYS A 1 2   ? 7.700   -15.339 4.229   1.00 20.07 ? 2   LYS A CG  1 
ATOM   15   C CD  . LYS A 1 2   ? 8.354   -16.723 4.236   1.00 22.24 ? 2   LYS A CD  1 
ATOM   16   C CE  . LYS A 1 2   ? 7.396   -17.800 4.749   1.00 23.80 ? 2   LYS A CE  1 
ATOM   17   N NZ  . LYS A 1 2   ? 8.070   -19.150 4.835   1.00 25.93 ? 2   LYS A NZ  1 
ATOM   18   N N   . LEU A 1 3   ? 6.796   -11.800 4.110   1.00 15.22 ? 3   LEU A N   1 
ATOM   19   C CA  . LEU A 1 3   ? 5.786   -11.054 3.378   1.00 15.08 ? 3   LEU A CA  1 
ATOM   20   C C   . LEU A 1 3   ? 5.537   -11.714 2.040   1.00 14.52 ? 3   LEU A C   1 
ATOM   21   O O   . LEU A 1 3   ? 6.472   -11.898 1.263   1.00 14.40 ? 3   LEU A O   1 
ATOM   22   C CB  . LEU A 1 3   ? 6.235   -9.604  3.170   1.00 14.63 ? 3   LEU A CB  1 
ATOM   23   C CG  . LEU A 1 3   ? 5.246   -8.750  2.360   1.00 14.68 ? 3   LEU A CG  1 
ATOM   24   C CD1 . LEU A 1 3   ? 4.001   -8.438  3.181   1.00 14.84 ? 3   LEU A CD1 1 
ATOM   25   C CD2 . LEU A 1 3   ? 5.898   -7.476  1.871   1.00 13.62 ? 3   LEU A CD2 1 
ATOM   26   N N   . TYR A 1 4   ? 4.285   -12.097 1.799   1.00 14.31 ? 4   TYR A N   1 
ATOM   27   C CA  . TYR A 1 4   ? 3.850   -12.600 0.504   1.00 14.04 ? 4   TYR A CA  1 
ATOM   28   C C   . TYR A 1 4   ? 3.428   -11.409 -0.345  1.00 13.90 ? 4   TYR A C   1 
ATOM   29   O O   . TYR A 1 4   ? 2.612   -10.581 0.078   1.00 13.81 ? 4   TYR A O   1 
ATOM   30   C CB  . TYR A 1 4   ? 2.712   -13.606 0.649   1.00 13.99 ? 4   TYR A CB  1 
ATOM   31   C CG  . TYR A 1 4   ? 3.117   -14.893 1.322   1.00 13.59 ? 4   TYR A CG  1 
ATOM   32   C CD1 . TYR A 1 4   ? 3.114   -14.997 2.713   1.00 13.37 ? 4   TYR A CD1 1 
ATOM   33   C CD2 . TYR A 1 4   ? 3.505   -16.012 0.577   1.00 12.58 ? 4   TYR A CD2 1 
ATOM   34   C CE1 . TYR A 1 4   ? 3.486   -16.172 3.340   1.00 14.04 ? 4   TYR A CE1 1 
ATOM   35   C CE2 . TYR A 1 4   ? 3.879   -17.192 1.193   1.00 12.37 ? 4   TYR A CE2 1 
ATOM   36   C CZ  . TYR A 1 4   ? 3.870   -17.267 2.581   1.00 14.17 ? 4   TYR A CZ  1 
ATOM   37   O OH  . TYR A 1 4   ? 4.232   -18.423 3.231   1.00 15.25 ? 4   TYR A OH  1 
ATOM   38   N N   . TYR A 1 5   ? 4.018   -11.303 -1.532  1.00 14.44 ? 5   TYR A N   1 
ATOM   39   C CA  . TYR A 1 5   ? 3.845   -10.137 -2.385  1.00 14.69 ? 5   TYR A CA  1 
ATOM   40   C C   . TYR A 1 5   ? 3.820   -10.490 -3.850  1.00 15.49 ? 5   TYR A C   1 
ATOM   41   O O   . TYR A 1 5   ? 4.173   -11.603 -4.249  1.00 15.81 ? 5   TYR A O   1 
ATOM   42   C CB  . TYR A 1 5   ? 4.974   -9.137  -2.160  1.00 14.89 ? 5   TYR A CB  1 
ATOM   43   C CG  . TYR A 1 5   ? 6.263   -9.500  -2.868  1.00 15.83 ? 5   TYR A CG  1 
ATOM   44   C CD1 . TYR A 1 5   ? 7.054   -10.552 -2.416  1.00 16.05 ? 5   TYR A CD1 1 
ATOM   45   C CD2 . TYR A 1 5   ? 6.680   -8.803  -4.000  1.00 16.59 ? 5   TYR A CD2 1 
ATOM   46   C CE1 . TYR A 1 5   ? 8.240   -10.889 -3.070  1.00 16.10 ? 5   TYR A CE1 1 
ATOM   47   C CE2 . TYR A 1 5   ? 7.860   -9.138  -4.661  1.00 16.89 ? 5   TYR A CE2 1 
ATOM   48   C CZ  . TYR A 1 5   ? 8.628   -10.178 -4.183  1.00 15.98 ? 5   TYR A CZ  1 
ATOM   49   O OH  . TYR A 1 5   ? 9.782   -10.508 -4.820  1.00 18.21 ? 5   TYR A OH  1 
ATOM   50   N N   . LYS A 1 6   ? 3.395   -9.508  -4.638  1.00 15.65 ? 6   LYS A N   1 
ATOM   51   C CA  . LYS A 1 6   ? 3.523   -9.520  -6.092  1.00 16.26 ? 6   LYS A CA  1 
ATOM   52   C C   . LYS A 1 6   ? 4.120   -8.165  -6.481  1.00 15.92 ? 6   LYS A C   1 
ATOM   53   O O   . LYS A 1 6   ? 3.713   -7.133  -5.947  1.00 15.42 ? 6   LYS A O   1 
ATOM   54   C CB  . LYS A 1 6   ? 2.144   -9.744  -6.723  1.00 16.26 ? 6   LYS A CB  1 
ATOM   55   C CG  . LYS A 1 6   ? 2.117   -9.776  -8.235  1.00 18.85 ? 6   LYS A CG  1 
ATOM   56   C CD  . LYS A 1 6   ? 1.294   -8.629  -8.786  1.00 21.32 ? 6   LYS A CD  1 
ATOM   57   C CE  . LYS A 1 6   ? 0.694   -8.949  -10.143 1.00 24.32 ? 6   LYS A CE  1 
ATOM   58   N NZ  . LYS A 1 6   ? 1.737   -9.253  -11.152 1.00 25.32 ? 6   LYS A NZ  1 
ATOM   59   N N   . VAL A 1 7   ? 5.101   -8.175  -7.384  1.00 16.39 ? 7   VAL A N   1 
ATOM   60   C CA  . VAL A 1 7   ? 5.850   -6.969  -7.754  1.00 16.84 ? 7   VAL A CA  1 
ATOM   61   C C   . VAL A 1 7   ? 4.903   -5.795  -8.089  1.00 16.99 ? 7   VAL A C   1 
ATOM   62   O O   . VAL A 1 7   ? 4.023   -5.930  -8.943  1.00 16.75 ? 7   VAL A O   1 
ATOM   63   C CB  . VAL A 1 7   ? 6.784   -7.214  -8.977  1.00 17.42 ? 7   VAL A CB  1 
ATOM   64   C CG1 . VAL A 1 7   ? 7.561   -5.930  -9.337  1.00 18.17 ? 7   VAL A CG1 1 
ATOM   65   C CG2 . VAL A 1 7   ? 7.768   -8.372  -8.713  1.00 18.54 ? 7   VAL A CG2 1 
ATOM   66   N N   . GLY A 1 8   ? 5.051   -4.677  -7.374  1.00 16.59 ? 8   GLY A N   1 
ATOM   67   C CA  . GLY A 1 8   ? 4.328   -3.452  -7.679  1.00 16.73 ? 8   GLY A CA  1 
ATOM   68   C C   . GLY A 1 8   ? 2.889   -3.338  -7.196  1.00 16.87 ? 8   GLY A C   1 
ATOM   69   O O   . GLY A 1 8   ? 2.262   -2.282  -7.347  1.00 16.95 ? 8   GLY A O   1 
ATOM   70   N N   . ALA A 1 9   ? 2.366   -4.415  -6.624  1.00 17.05 ? 9   ALA A N   1 
ATOM   71   C CA  . ALA A 1 9   ? 0.976   -4.485  -6.178  1.00 17.28 ? 9   ALA A CA  1 
ATOM   72   C C   . ALA A 1 9   ? 0.872   -3.859  -4.786  1.00 17.33 ? 9   ALA A C   1 
ATOM   73   O O   . ALA A 1 9   ? 1.843   -3.280  -4.292  1.00 16.89 ? 9   ALA A O   1 
ATOM   74   C CB  . ALA A 1 9   ? 0.500   -5.957  -6.156  1.00 17.59 ? 9   ALA A CB  1 
ATOM   75   N N   . CYS A 1 10  ? -0.288  -3.981  -4.141  1.00 17.60 ? 10  CYS A N   1 
ATOM   76   C CA  . CYS A 1 10  ? -0.512  -3.266  -2.880  1.00 17.77 ? 10  CYS A CA  1 
ATOM   77   C C   . CYS A 1 10  ? 0.357   -3.793  -1.719  1.00 16.32 ? 10  CYS A C   1 
ATOM   78   O O   . CYS A 1 10  ? 0.556   -3.107  -0.733  1.00 15.30 ? 10  CYS A O   1 
ATOM   79   C CB  . CYS A 1 10  ? -1.978  -3.283  -2.505  1.00 18.61 ? 10  CYS A CB  1 
ATOM   80   S SG  . CYS A 1 10  ? -2.530  -4.928  -2.144  1.00 24.34 ? 10  CYS A SG  1 
ATOM   81   N N   . SER A 1 11  ? 0.897   -4.996  -1.881  1.00 15.20 ? 11  SER A N   1 
ATOM   82   C CA  . SER A 1 11  ? 1.920   -5.541  -0.991  1.00 14.28 ? 11  SER A CA  1 
ATOM   83   C C   . SER A 1 11  ? 3.204   -4.702  -0.912  1.00 13.29 ? 11  SER A C   1 
ATOM   84   O O   . SER A 1 11  ? 4.025   -4.886  -0.008  1.00 13.54 ? 11  SER A O   1 
ATOM   85   C CB  . SER A 1 11  ? 2.271   -6.960  -1.459  1.00 14.79 ? 11  SER A CB  1 
ATOM   86   O OG  . SER A 1 11  ? 2.500   -6.994  -2.864  1.00 13.33 ? 11  SER A OG  1 
ATOM   87   N N   . LEU A 1 12  ? 3.391   -3.789  -1.855  1.00 11.93 ? 12  LEU A N   1 
ATOM   88   C CA  . LEU A 1 12  ? 4.542   -2.904  -1.835  1.00 10.97 ? 12  LEU A CA  1 
ATOM   89   C C   . LEU A 1 12  ? 4.514   -1.968  -0.630  1.00 10.32 ? 12  LEU A C   1 
ATOM   90   O O   . LEU A 1 12  ? 5.561   -1.592  -0.139  1.00 9.15  ? 12  LEU A O   1 
ATOM   91   C CB  . LEU A 1 12  ? 4.621   -2.115  -3.135  1.00 10.78 ? 12  LEU A CB  1 
ATOM   92   C CG  . LEU A 1 12  ? 5.819   -1.207  -3.405  1.00 12.59 ? 12  LEU A CG  1 
ATOM   93   C CD1 . LEU A 1 12  ? 7.173   -1.865  -3.095  1.00 14.45 ? 12  LEU A CD1 1 
ATOM   94   C CD2 . LEU A 1 12  ? 5.792   -0.725  -4.872  1.00 11.82 ? 12  LEU A CD2 1 
ATOM   95   N N   . ALA A 1 13  ? 3.322   -1.607  -0.143  1.00 9.94  ? 13  ALA A N   1 
ATOM   96   C CA  . ALA A 1 13  ? 3.214   -0.712  1.005   1.00 9.89  ? 13  ALA A CA  1 
ATOM   97   C C   . ALA A 1 13  ? 3.778   -1.357  2.277   1.00 10.28 ? 13  ALA A C   1 
ATOM   98   O O   . ALA A 1 13  ? 4.639   -0.755  2.913   1.00 10.63 ? 13  ALA A O   1 
ATOM   99   C CB  . ALA A 1 13  ? 1.788   -0.220  1.208   1.00 9.74  ? 13  ALA A CB  1 
ATOM   100  N N   . PRO A 1 14  ? 3.329   -2.562  2.650   1.00 10.65 ? 14  PRO A N   1 
ATOM   101  C CA  . PRO A 1 14  ? 3.958   -3.265  3.774   1.00 10.65 ? 14  PRO A CA  1 
ATOM   102  C C   . PRO A 1 14  ? 5.428   -3.613  3.522   1.00 10.91 ? 14  PRO A C   1 
ATOM   103  O O   . PRO A 1 14  ? 6.215   -3.585  4.465   1.00 10.54 ? 14  PRO A O   1 
ATOM   104  C CB  . PRO A 1 14  ? 3.085   -4.511  3.965   1.00 10.87 ? 14  PRO A CB  1 
ATOM   105  C CG  . PRO A 1 14  ? 2.372   -4.718  2.682   1.00 11.11 ? 14  PRO A CG  1 
ATOM   106  C CD  . PRO A 1 14  ? 2.171   -3.313  2.123   1.00 11.10 ? 14  PRO A CD  1 
ATOM   107  N N   . HIS A 1 15  ? 5.797   -3.900  2.277   1.00 11.05 ? 15  HIS A N   1 
ATOM   108  C CA  . HIS A 1 15  ? 7.205   -4.120  1.941   1.00 11.24 ? 15  HIS A CA  1 
ATOM   109  C C   . HIS A 1 15  ? 8.007   -2.888  2.367   1.00 10.96 ? 15  HIS A C   1 
ATOM   110  O O   . HIS A 1 15  ? 9.027   -3.004  3.024   1.00 11.06 ? 15  HIS A O   1 
ATOM   111  C CB  . HIS A 1 15  ? 7.367   -4.386  0.441   1.00 11.25 ? 15  HIS A CB  1 
ATOM   112  C CG  . HIS A 1 15  ? 8.732   -4.858  0.048   1.00 11.09 ? 15  HIS A CG  1 
ATOM   113  N ND1 . HIS A 1 15  ? 9.012   -5.323  -1.217  1.00 11.24 ? 15  HIS A ND1 1 
ATOM   114  C CD2 . HIS A 1 15  ? 9.894   -4.922  0.738   1.00 9.99  ? 15  HIS A CD2 1 
ATOM   115  C CE1 . HIS A 1 15  ? 10.283  -5.677  -1.280  1.00 11.25 ? 15  HIS A CE1 1 
ATOM   116  N NE2 . HIS A 1 15  ? 10.841  -5.441  -0.111  1.00 10.46 ? 15  HIS A NE2 1 
ATOM   117  N N   . ILE A 1 16  ? 7.500   -1.707  2.024   1.00 11.25 ? 16  ILE A N   1 
ATOM   118  C CA  . ILE A 1 16  ? 8.158   -0.459  2.363   1.00 10.56 ? 16  ILE A CA  1 
ATOM   119  C C   . ILE A 1 16  ? 8.260   -0.273  3.856   1.00 10.92 ? 16  ILE A C   1 
ATOM   120  O O   . ILE A 1 16  ? 9.303   0.153   4.361   1.00 10.55 ? 16  ILE A O   1 
ATOM   121  C CB  . ILE A 1 16  ? 7.426   0.726   1.743   1.00 10.60 ? 16  ILE A CB  1 
ATOM   122  C CG1 . ILE A 1 16  ? 7.678   0.781   0.239   1.00 10.81 ? 16  ILE A CG1 1 
ATOM   123  C CG2 . ILE A 1 16  ? 7.892   2.044   2.403   1.00 10.58 ? 16  ILE A CG2 1 
ATOM   124  C CD1 . ILE A 1 16  ? 6.666   1.641   -0.549  1.00 10.88 ? 16  ILE A CD1 1 
ATOM   125  N N   . ILE A 1 17  ? 7.172   -0.575  4.561   1.00 10.87 ? 17  ILE A N   1 
ATOM   126  C CA  . ILE A 1 17  ? 7.119   -0.340  5.996   1.00 10.83 ? 17  ILE A CA  1 
ATOM   127  C C   . ILE A 1 17  ? 8.032   -1.306  6.726   1.00 11.19 ? 17  ILE A C   1 
ATOM   128  O O   . ILE A 1 17  ? 8.715   -0.905  7.657   1.00 11.25 ? 17  ILE A O   1 
ATOM   129  C CB  . ILE A 1 17  ? 5.668   -0.378  6.490   1.00 10.96 ? 17  ILE A CB  1 
ATOM   130  C CG1 . ILE A 1 17  ? 4.877   0.782   5.850   1.00 10.72 ? 17  ILE A CG1 1 
ATOM   131  C CG2 . ILE A 1 17  ? 5.603   -0.274  7.998   1.00 10.99 ? 17  ILE A CG2 1 
ATOM   132  C CD1 . ILE A 1 17  ? 5.510   2.179   6.059   1.00 9.92  ? 17  ILE A CD1 1 
ATOM   133  N N   . LEU A 1 18  ? 8.076   -2.561  6.287   1.00 11.46 ? 18  LEU A N   1 
ATOM   134  C CA  . LEU A 1 18  ? 9.065   -3.506  6.794   1.00 11.87 ? 18  LEU A CA  1 
ATOM   135  C C   . LEU A 1 18  ? 10.492  -2.954  6.640   1.00 12.15 ? 18  LEU A C   1 
ATOM   136  O O   . LEU A 1 18  ? 11.274  -3.004  7.587   1.00 12.64 ? 18  LEU A O   1 
ATOM   137  C CB  . LEU A 1 18  ? 8.951   -4.874  6.091   1.00 12.09 ? 18  LEU A CB  1 
ATOM   138  C CG  . LEU A 1 18  ? 7.812   -5.805  6.548   1.00 12.29 ? 18  LEU A CG  1 
ATOM   139  C CD1 . LEU A 1 18  ? 7.646   -6.969  5.586   1.00 12.65 ? 18  LEU A CD1 1 
ATOM   140  C CD2 . LEU A 1 18  ? 8.037   -6.349  7.943   1.00 11.33 ? 18  LEU A CD2 1 
ATOM   141  N N   . SER A 1 19  ? 10.815  -2.395  5.476   1.00 12.72 ? 19  SER A N   1 
ATOM   142  C CA  . SER A 1 19  ? 12.154  -1.843  5.225   1.00 13.38 ? 19  SER A CA  1 
ATOM   143  C C   . SER A 1 19  ? 12.448  -0.645  6.132   1.00 13.73 ? 19  SER A C   1 
ATOM   144  O O   . SER A 1 19  ? 13.522  -0.542  6.719   1.00 13.34 ? 19  SER A O   1 
ATOM   145  C CB  . SER A 1 19  ? 12.295  -1.433  3.760   1.00 13.66 ? 19  SER A CB  1 
ATOM   146  O OG  . SER A 1 19  ? 13.643  -1.177  3.427   1.00 14.19 ? 19  SER A OG  1 
ATOM   147  N N   . GLU A 1 20  ? 11.461  0.227   6.277   1.00 14.05 ? 20  GLU A N   1 
ATOM   148  C CA  . GLU A 1 20  ? 11.555  1.392   7.143   1.00 14.63 ? 20  GLU A CA  1 
ATOM   149  C C   . GLU A 1 20  ? 11.665  1.046   8.635   1.00 15.62 ? 20  GLU A C   1 
ATOM   150  O O   . GLU A 1 20  ? 12.324  1.768   9.392   1.00 16.03 ? 20  GLU A O   1 
ATOM   151  C CB  . GLU A 1 20  ? 10.346  2.297   6.920   1.00 14.67 ? 20  GLU A CB  1 
ATOM   152  C CG  . GLU A 1 20  ? 10.361  2.983   5.571   1.00 15.01 ? 20  GLU A CG  1 
ATOM   153  C CD  . GLU A 1 20  ? 11.137  4.294   5.574   1.00 15.14 ? 20  GLU A CD  1 
ATOM   154  O OE1 . GLU A 1 20  ? 11.427  4.826   6.651   1.00 16.17 ? 20  GLU A OE1 1 
ATOM   155  O OE2 . GLU A 1 20  ? 11.462  4.800   4.486   1.00 15.81 ? 20  GLU A OE2 1 
ATOM   156  N N   . ALA A 1 21  ? 11.043  -0.056  9.056   1.00 16.46 ? 21  ALA A N   1 
ATOM   157  C CA  . ALA A 1 21  ? 11.040  -0.454  10.457  1.00 17.13 ? 21  ALA A CA  1 
ATOM   158  C C   . ALA A 1 21  ? 12.385  -1.072  10.875  1.00 18.26 ? 21  ALA A C   1 
ATOM   159  O O   . ALA A 1 21  ? 12.717  -1.107  12.056  1.00 17.96 ? 21  ALA A O   1 
ATOM   160  C CB  . ALA A 1 21  ? 9.871   -1.422  10.737  1.00 17.04 ? 21  ALA A CB  1 
ATOM   161  N N   . GLY A 1 22  ? 13.115  -1.601  9.903   1.00 20.12 ? 22  GLY A N   1 
ATOM   162  C CA  . GLY A 1 22  ? 14.400  -2.229  10.138  1.00 21.09 ? 22  GLY A CA  1 
ATOM   163  C C   . GLY A 1 22  ? 14.372  -3.613  10.755  1.00 22.40 ? 22  GLY A C   1 
ATOM   164  O O   . GLY A 1 22  ? 15.406  -4.229  10.890  1.00 23.31 ? 22  GLY A O   1 
ATOM   165  N N   . LEU A 1 23  ? 13.185  -4.076  11.137  1.00 23.48 ? 23  LEU A N   1 
ATOM   166  C CA  . LEU A 1 23  ? 12.652  -5.338  10.639  1.00 24.39 ? 23  LEU A CA  1 
ATOM   167  C C   . LEU A 1 23  ? 13.687  -6.104  9.822   1.00 24.21 ? 23  LEU A C   1 
ATOM   168  O O   . LEU A 1 23  ? 14.053  -5.691  8.722   1.00 23.54 ? 23  LEU A O   1 
ATOM   169  C CB  . LEU A 1 23  ? 11.394  -5.095  9.801   1.00 25.07 ? 23  LEU A CB  1 
ATOM   170  C CG  . LEU A 1 23  ? 10.188  -4.518  10.543  1.00 26.11 ? 23  LEU A CG  1 
ATOM   171  C CD1 . LEU A 1 23  ? 9.060   -4.201  9.573   1.00 27.00 ? 23  LEU A CD1 1 
ATOM   172  C CD2 . LEU A 1 23  ? 9.715   -5.472  11.627  1.00 26.69 ? 23  LEU A CD2 1 
ATOM   173  N N   . PRO A 1 24  ? 14.153  -7.222  10.370  1.00 23.74 ? 24  PRO A N   1 
ATOM   174  C CA  . PRO A 1 24  ? 14.421  -8.420  9.568   1.00 23.24 ? 24  PRO A CA  1 
ATOM   175  C C   . PRO A 1 24  ? 13.137  -9.035  9.019   1.00 22.36 ? 24  PRO A C   1 
ATOM   176  O O   . PRO A 1 24  ? 12.193  -9.265  9.773   1.00 22.87 ? 24  PRO A O   1 
ATOM   177  C CB  . PRO A 1 24  ? 15.068  -9.369  10.576  1.00 23.36 ? 24  PRO A CB  1 
ATOM   178  C CG  . PRO A 1 24  ? 14.484  -8.971  11.886  1.00 24.08 ? 24  PRO A CG  1 
ATOM   179  C CD  . PRO A 1 24  ? 14.274  -7.484  11.814  1.00 23.98 ? 24  PRO A CD  1 
ATOM   180  N N   . TYR A 1 25  ? 13.112  -9.297  7.716   1.00 20.76 ? 25  TYR A N   1 
ATOM   181  C CA  . TYR A 1 25  ? 11.970  -9.950  7.087   1.00 19.77 ? 25  TYR A CA  1 
ATOM   182  C C   . TYR A 1 25  ? 12.413  -10.819 5.916   1.00 19.85 ? 25  TYR A C   1 
ATOM   183  O O   . TYR A 1 25  ? 13.546  -10.713 5.446   1.00 18.86 ? 25  TYR A O   1 
ATOM   184  C CB  . TYR A 1 25  ? 10.954  -8.908  6.613   1.00 19.42 ? 25  TYR A CB  1 
ATOM   185  C CG  . TYR A 1 25  ? 11.535  -7.862  5.690   1.00 16.76 ? 25  TYR A CG  1 
ATOM   186  C CD1 . TYR A 1 25  ? 11.435  -7.993  4.311   1.00 14.61 ? 25  TYR A CD1 1 
ATOM   187  C CD2 . TYR A 1 25  ? 12.186  -6.745  6.195   1.00 14.79 ? 25  TYR A CD2 1 
ATOM   188  C CE1 . TYR A 1 25  ? 11.965  -7.040  3.461   1.00 14.20 ? 25  TYR A CE1 1 
ATOM   189  C CE2 . TYR A 1 25  ? 12.719  -5.786  5.354   1.00 14.57 ? 25  TYR A CE2 1 
ATOM   190  C CZ  . TYR A 1 25  ? 12.605  -5.938  3.988   1.00 13.98 ? 25  TYR A CZ  1 
ATOM   191  O OH  . TYR A 1 25  ? 13.134  -4.988  3.146   1.00 12.77 ? 25  TYR A OH  1 
ATOM   192  N N   . GLU A 1 26  ? 11.514  -11.678 5.447   1.00 20.05 ? 26  GLU A N   1 
ATOM   193  C CA  . GLU A 1 26  ? 11.732  -12.410 4.205   1.00 20.79 ? 26  GLU A CA  1 
ATOM   194  C C   . GLU A 1 26  ? 10.655  -12.085 3.176   1.00 20.43 ? 26  GLU A C   1 
ATOM   195  O O   . GLU A 1 26  ? 9.645   -11.459 3.498   1.00 20.37 ? 26  GLU A O   1 
ATOM   196  C CB  . GLU A 1 26  ? 11.768  -13.917 4.472   1.00 21.49 ? 26  GLU A CB  1 
ATOM   197  C CG  . GLU A 1 26  ? 12.929  -14.365 5.344   1.00 24.63 ? 26  GLU A CG  1 
ATOM   198  C CD  . GLU A 1 26  ? 12.479  -14.850 6.708   1.00 29.74 ? 26  GLU A CD  1 
ATOM   199  O OE1 . GLU A 1 26  ? 11.934  -15.970 6.793   1.00 32.30 ? 26  GLU A OE1 1 
ATOM   200  O OE2 . GLU A 1 26  ? 12.672  -14.111 7.696   1.00 33.48 ? 26  GLU A OE2 1 
ATOM   201  N N   . LEU A 1 27  ? 10.876  -12.516 1.938   1.00 19.64 ? 27  LEU A N   1 
ATOM   202  C CA  . LEU A 1 27  ? 9.983   -12.175 0.838   1.00 19.06 ? 27  LEU A CA  1 
ATOM   203  C C   . LEU A 1 27  ? 9.600   -13.413 0.033   1.00 18.76 ? 27  LEU A C   1 
ATOM   204  O O   . LEU A 1 27  ? 10.447  -14.252 -0.274  1.00 17.64 ? 27  LEU A O   1 
ATOM   205  C CB  . LEU A 1 27  ? 10.633  -11.133 -0.076  1.00 19.32 ? 27  LEU A CB  1 
ATOM   206  C CG  . LEU A 1 27  ? 10.882  -9.755  0.540   1.00 19.13 ? 27  LEU A CG  1 
ATOM   207  C CD1 . LEU A 1 27  ? 11.785  -8.921  -0.355  1.00 18.96 ? 27  LEU A CD1 1 
ATOM   208  C CD2 . LEU A 1 27  ? 9.566   -9.036  0.798   1.00 18.54 ? 27  LEU A CD2 1 
ATOM   209  N N   . GLU A 1 28  ? 8.320   -13.518 -0.306  1.00 18.45 ? 28  GLU A N   1 
ATOM   210  C CA  . GLU A 1 28  ? 7.817   -14.657 -1.072  1.00 18.82 ? 28  GLU A CA  1 
ATOM   211  C C   . GLU A 1 28  ? 6.936   -14.131 -2.189  1.00 18.35 ? 28  GLU A C   1 
ATOM   212  O O   . GLU A 1 28  ? 5.834   -13.650 -1.934  1.00 17.64 ? 28  GLU A O   1 
ATOM   213  C CB  . GLU A 1 28  ? 6.987   -15.590 -0.189  1.00 19.41 ? 28  GLU A CB  1 
ATOM   214  C CG  . GLU A 1 28  ? 7.783   -16.460 0.767   1.00 21.21 ? 28  GLU A CG  1 
ATOM   215  C CD  . GLU A 1 28  ? 8.363   -17.691 0.096   1.00 24.02 ? 28  GLU A CD  1 
ATOM   216  O OE1 . GLU A 1 28  ? 7.945   -18.013 -1.048  1.00 26.04 ? 28  GLU A OE1 1 
ATOM   217  O OE2 . GLU A 1 28  ? 9.249   -18.321 0.713   1.00 25.15 ? 28  GLU A OE2 1 
ATOM   218  N N   . ALA A 1 29  ? 7.432   -14.191 -3.417  1.00 18.22 ? 29  ALA A N   1 
ATOM   219  C CA  . ALA A 1 29  ? 6.658   -13.738 -4.563  1.00 18.34 ? 29  ALA A CA  1 
ATOM   220  C C   . ALA A 1 29  ? 5.567   -14.760 -4.854  1.00 18.54 ? 29  ALA A C   1 
ATOM   221  O O   . ALA A 1 29  ? 5.786   -15.967 -4.775  1.00 18.46 ? 29  ALA A O   1 
ATOM   222  C CB  . ALA A 1 29  ? 7.549   -13.518 -5.777  1.00 18.55 ? 29  ALA A CB  1 
ATOM   223  N N   . VAL A 1 30  ? 4.386   -14.255 -5.170  1.00 19.19 ? 30  VAL A N   1 
ATOM   224  C CA  . VAL A 1 30  ? 3.204   -15.072 -5.421  1.00 19.92 ? 30  VAL A CA  1 
ATOM   225  C C   . VAL A 1 30  ? 2.818   -14.956 -6.898  1.00 20.41 ? 30  VAL A C   1 
ATOM   226  O O   . VAL A 1 30  ? 2.708   -13.846 -7.428  1.00 20.55 ? 30  VAL A O   1 
ATOM   227  C CB  . VAL A 1 30  ? 2.012   -14.593 -4.532  1.00 19.58 ? 30  VAL A CB  1 
ATOM   228  C CG1 . VAL A 1 30  ? 0.710   -15.338 -4.866  1.00 19.91 ? 30  VAL A CG1 1 
ATOM   229  C CG2 . VAL A 1 30  ? 2.355   -14.734 -3.054  1.00 20.06 ? 30  VAL A CG2 1 
ATOM   230  N N   . ASP A 1 31  ? 2.636   -16.099 -7.553  1.00 21.30 ? 31  ASP A N   1 
ATOM   231  C CA  . ASP A 1 31  ? 1.953   -16.159 -8.842  1.00 21.95 ? 31  ASP A CA  1 
ATOM   232  C C   . ASP A 1 31  ? 0.461   -15.952 -8.584  1.00 22.44 ? 31  ASP A C   1 
ATOM   233  O O   . ASP A 1 31  ? -0.254  -16.878 -8.211  1.00 22.32 ? 31  ASP A O   1 
ATOM   234  C CB  . ASP A 1 31  ? 2.203   -17.503 -9.524  1.00 22.25 ? 31  ASP A CB  1 
ATOM   235  C CG  . ASP A 1 31  ? 1.640   -17.562 -10.937 1.00 23.31 ? 31  ASP A CG  1 
ATOM   236  O OD1 . ASP A 1 31  ? 0.579   -16.955 -11.219 1.00 25.17 ? 31  ASP A OD1 1 
ATOM   237  O OD2 . ASP A 1 31  ? 2.199   -18.190 -11.849 1.00 24.91 ? 31  ASP A OD2 1 
ATOM   238  N N   . LEU A 1 32  ? 0.004   -14.722 -8.782  1.00 23.18 ? 32  LEU A N   1 
ATOM   239  C CA  . LEU A 1 32  ? -1.368  -14.324 -8.452  1.00 23.75 ? 32  LEU A CA  1 
ATOM   240  C C   . LEU A 1 32  ? -2.421  -14.920 -9.388  1.00 24.21 ? 32  LEU A C   1 
ATOM   241  O O   . LEU A 1 32  ? -3.540  -15.208 -8.961  1.00 24.47 ? 32  LEU A O   1 
ATOM   242  C CB  . LEU A 1 32  ? -1.474  -12.792 -8.450  1.00 23.70 ? 32  LEU A CB  1 
ATOM   243  C CG  . LEU A 1 32  ? -2.240  -12.115 -7.328  1.00 23.81 ? 32  LEU A CG  1 
ATOM   244  C CD1 . LEU A 1 32  ? -1.875  -12.641 -5.954  1.00 23.88 ? 32  LEU A CD1 1 
ATOM   245  C CD2 . LEU A 1 32  ? -2.005  -10.612 -7.418  1.00 25.12 ? 32  LEU A CD2 1 
ATOM   246  N N   . LYS A 1 33  ? -2.062  -15.104 -10.655 1.00 24.90 ? 33  LYS A N   1 
ATOM   247  C CA  . LYS A 1 33  ? -2.951  -15.720 -11.639 1.00 25.46 ? 33  LYS A CA  1 
ATOM   248  C C   . LYS A 1 33  ? -3.276  -17.179 -11.277 1.00 25.08 ? 33  LYS A C   1 
ATOM   249  O O   . LYS A 1 33  ? -4.442  -17.543 -11.117 1.00 25.45 ? 33  LYS A O   1 
ATOM   250  C CB  . LYS A 1 33  ? -2.321  -15.645 -13.034 1.00 25.97 ? 33  LYS A CB  1 
ATOM   251  C CG  . LYS A 1 33  ? -2.185  -14.218 -13.586 1.00 28.28 ? 33  LYS A CG  1 
ATOM   252  C CD  . LYS A 1 33  ? -2.165  -14.196 -15.127 1.00 30.88 ? 33  LYS A CD  1 
ATOM   253  C CE  . LYS A 1 33  ? -1.349  -13.017 -15.701 1.00 32.51 ? 33  LYS A CE  1 
ATOM   254  N NZ  . LYS A 1 33  ? -0.057  -13.456 -16.346 1.00 33.13 ? 33  LYS A NZ  1 
ATOM   255  N N   . ALA A 1 34  ? -2.236  -17.996 -11.132 1.00 24.25 ? 34  ALA A N   1 
ATOM   256  C CA  . ALA A 1 34  ? -2.381  -19.403 -10.761 1.00 23.64 ? 34  ALA A CA  1 
ATOM   257  C C   . ALA A 1 34  ? -2.600  -19.622 -9.260  1.00 22.86 ? 34  ALA A C   1 
ATOM   258  O O   . ALA A 1 34  ? -2.891  -20.739 -8.833  1.00 22.60 ? 34  ALA A O   1 
ATOM   259  C CB  . ALA A 1 34  ? -1.153  -20.187 -11.219 1.00 23.63 ? 34  ALA A CB  1 
ATOM   260  N N   . LYS A 1 35  ? -2.462  -18.559 -8.471  1.00 22.49 ? 35  LYS A N   1 
ATOM   261  C CA  . LYS A 1 35  ? -2.512  -18.629 -7.005  1.00 21.80 ? 35  LYS A CA  1 
ATOM   262  C C   . LYS A 1 35  ? -1.547  -19.683 -6.436  1.00 21.30 ? 35  LYS A C   1 
ATOM   263  O O   . LYS A 1 35  ? -1.945  -20.614 -5.735  1.00 20.66 ? 35  LYS A O   1 
ATOM   264  C CB  . LYS A 1 35  ? -3.945  -18.843 -6.514  1.00 22.05 ? 35  LYS A CB  1 
ATOM   265  C CG  . LYS A 1 35  ? -4.707  -17.506 -6.234  1.00 22.91 ? 35  LYS A CG  1 
ATOM   266  C CD  . LYS A 1 35  ? -5.612  -17.117 -7.387  1.00 22.74 ? 35  LYS A CD  1 
ATOM   267  C CE  . LYS A 1 35  ? -6.353  -15.804 -7.123  1.00 22.58 ? 35  LYS A CE  1 
ATOM   268  N NZ  . LYS A 1 35  ? -5.449  -14.660 -6.816  1.00 22.58 ? 35  LYS A NZ  1 
ATOM   269  N N   . LYS A 1 36  ? -0.273  -19.494 -6.745  1.00 20.65 ? 36  LYS A N   1 
ATOM   270  C CA  . LYS A 1 36  ? 0.772   -20.405 -6.329  1.00 20.96 ? 36  LYS A CA  1 
ATOM   271  C C   . LYS A 1 36  ? 1.923   -19.660 -5.675  1.00 20.46 ? 36  LYS A C   1 
ATOM   272  O O   . LYS A 1 36  ? 2.286   -18.580 -6.105  1.00 19.92 ? 36  LYS A O   1 
ATOM   273  C CB  . LYS A 1 36  ? 1.280   -21.199 -7.553  1.00 21.16 ? 36  LYS A CB  1 
ATOM   274  C CG  . LYS A 1 36  ? 0.401   -22.385 -7.935  1.00 21.97 ? 36  LYS A CG  1 
ATOM   275  C CD  . LYS A 1 36  ? 0.978   -23.109 -9.157  1.00 24.84 ? 36  LYS A CD  1 
ATOM   276  C CE  . LYS A 1 36  ? -0.015  -24.094 -9.773  1.00 25.87 ? 36  LYS A CE  1 
ATOM   277  N NZ  . LYS A 1 36  ? 0.584   -24.869 -10.927 1.00 25.97 ? 36  LYS A NZ  1 
ATOM   278  N N   . THR A 1 37  ? 2.493   -20.243 -4.621  1.00 21.08 ? 37  THR A N   1 
ATOM   279  C CA  . THR A 1 37  ? 3.754   -19.746 -4.057  1.00 21.37 ? 37  THR A CA  1 
ATOM   280  C C   . THR A 1 37  ? 4.878   -20.142 -4.987  1.00 21.77 ? 37  THR A C   1 
ATOM   281  O O   . THR A 1 37  ? 4.656   -20.884 -5.946  1.00 21.38 ? 37  THR A O   1 
ATOM   282  C CB  . THR A 1 37  ? 4.005   -20.292 -2.635  1.00 21.49 ? 37  THR A CB  1 
ATOM   283  O OG1 . THR A 1 37  ? 3.758   -21.704 -2.585  1.00 20.87 ? 37  THR A OG1 1 
ATOM   284  C CG2 . THR A 1 37  ? 3.003   -19.705 -1.670  1.00 21.84 ? 37  THR A CG2 1 
ATOM   285  N N   . ALA A 1 38  ? 6.076   -19.637 -4.703  1.00 22.25 ? 38  ALA A N   1 
ATOM   286  C CA  . ALA A 1 38  ? 7.236   -19.828 -5.569  1.00 22.77 ? 38  ALA A CA  1 
ATOM   287  C C   . ALA A 1 38  ? 7.645   -21.293 -5.685  1.00 23.19 ? 38  ALA A C   1 
ATOM   288  O O   . ALA A 1 38  ? 8.123   -21.726 -6.729  1.00 22.74 ? 38  ALA A O   1 
ATOM   289  C CB  . ALA A 1 38  ? 8.408   -18.990 -5.059  1.00 22.84 ? 38  ALA A CB  1 
ATOM   290  N N   . ASP A 1 39  ? 7.452   -22.052 -4.608  1.00 23.71 ? 39  ASP A N   1 
ATOM   291  C CA  . ASP A 1 39  ? 7.759   -23.482 -4.619  1.00 23.99 ? 39  ASP A CA  1 
ATOM   292  C C   . ASP A 1 39  ? 6.639   -24.322 -5.249  1.00 23.55 ? 39  ASP A C   1 
ATOM   293  O O   . ASP A 1 39  ? 6.632   -25.539 -5.119  1.00 24.21 ? 39  ASP A O   1 
ATOM   294  C CB  . ASP A 1 39  ? 8.092   -23.980 -3.204  1.00 24.22 ? 39  ASP A CB  1 
ATOM   295  C CG  . ASP A 1 39  ? 6.894   -23.964 -2.261  1.00 25.47 ? 39  ASP A CG  1 
ATOM   296  O OD1 . ASP A 1 39  ? 5.765   -23.710 -2.709  1.00 27.38 ? 39  ASP A OD1 1 
ATOM   297  O OD2 . ASP A 1 39  ? 6.995   -24.195 -1.036  1.00 27.25 ? 39  ASP A OD2 1 
ATOM   298  N N   . GLY A 1 40  ? 5.696   -23.656 -5.913  1.00 23.26 ? 40  GLY A N   1 
ATOM   299  C CA  . GLY A 1 40  ? 4.601   -24.301 -6.624  1.00 22.80 ? 40  GLY A CA  1 
ATOM   300  C C   . GLY A 1 40  ? 3.412   -24.703 -5.769  1.00 22.15 ? 40  GLY A C   1 
ATOM   301  O O   . GLY A 1 40  ? 2.470   -25.329 -6.266  1.00 22.41 ? 40  GLY A O   1 
ATOM   302  N N   . GLY A 1 41  ? 3.442   -24.330 -4.496  1.00 21.30 ? 41  GLY A N   1 
ATOM   303  C CA  . GLY A 1 41  ? 2.390   -24.681 -3.565  1.00 21.24 ? 41  GLY A CA  1 
ATOM   304  C C   . GLY A 1 41  ? 1.166   -23.798 -3.735  1.00 20.67 ? 41  GLY A C   1 
ATOM   305  O O   . GLY A 1 41  ? 1.207   -22.818 -4.464  1.00 21.13 ? 41  GLY A O   1 
ATOM   306  N N   . ASP A 1 42  ? 0.077   -24.159 -3.062  1.00 19.84 ? 42  ASP A N   1 
ATOM   307  C CA  . ASP A 1 42  ? -1.215  -23.503 -3.238  1.00 18.91 ? 42  ASP A CA  1 
ATOM   308  C C   . ASP A 1 42  ? -1.269  -22.274 -2.345  1.00 17.91 ? 42  ASP A C   1 
ATOM   309  O O   . ASP A 1 42  ? -1.330  -22.401 -1.134  1.00 17.05 ? 42  ASP A O   1 
ATOM   310  C CB  . ASP A 1 42  ? -2.333  -24.483 -2.880  1.00 19.20 ? 42  ASP A CB  1 
ATOM   311  C CG  . ASP A 1 42  ? -3.736  -23.851 -2.893  1.00 19.49 ? 42  ASP A CG  1 
ATOM   312  O OD1 . ASP A 1 42  ? -3.964  -22.775 -3.486  1.00 19.33 ? 42  ASP A OD1 1 
ATOM   313  O OD2 . ASP A 1 42  ? -4.688  -24.415 -2.330  1.00 20.71 ? 42  ASP A OD2 1 
ATOM   314  N N   . TYR A 1 43  ? -1.232  -21.090 -2.952  1.00 16.80 ? 43  TYR A N   1 
ATOM   315  C CA  . TYR A 1 43  ? -1.315  -19.838 -2.193  1.00 16.34 ? 43  TYR A CA  1 
ATOM   316  C C   . TYR A 1 43  ? -2.600  -19.685 -1.365  1.00 15.82 ? 43  TYR A C   1 
ATOM   317  O O   . TYR A 1 43  ? -2.596  -18.940 -0.377  1.00 14.59 ? 43  TYR A O   1 
ATOM   318  C CB  . TYR A 1 43  ? -1.161  -18.612 -3.105  1.00 16.50 ? 43  TYR A CB  1 
ATOM   319  C CG  . TYR A 1 43  ? -1.132  -17.314 -2.320  1.00 15.03 ? 43  TYR A CG  1 
ATOM   320  C CD1 . TYR A 1 43  ? -0.156  -17.093 -1.352  1.00 13.74 ? 43  TYR A CD1 1 
ATOM   321  C CD2 . TYR A 1 43  ? -2.089  -16.314 -2.536  1.00 13.44 ? 43  TYR A CD2 1 
ATOM   322  C CE1 . TYR A 1 43  ? -0.129  -15.912 -0.609  1.00 14.10 ? 43  TYR A CE1 1 
ATOM   323  C CE2 . TYR A 1 43  ? -2.068  -15.120 -1.794  1.00 13.80 ? 43  TYR A CE2 1 
ATOM   324  C CZ  . TYR A 1 43  ? -1.087  -14.927 -0.835  1.00 13.76 ? 43  TYR A CZ  1 
ATOM   325  O OH  . TYR A 1 43  ? -1.054  -13.766 -0.100  1.00 12.79 ? 43  TYR A OH  1 
ATOM   326  N N   . PHE A 1 44  ? -3.684  -20.361 -1.768  1.00 15.41 ? 44  PHE A N   1 
ATOM   327  C CA  . PHE A 1 44  ? -4.941  -20.301 -1.016  1.00 15.68 ? 44  PHE A CA  1 
ATOM   328  C C   . PHE A 1 44  ? -4.792  -20.857 0.412   1.00 15.30 ? 44  PHE A C   1 
ATOM   329  O O   . PHE A 1 44  ? -5.577  -20.515 1.287   1.00 15.30 ? 44  PHE A O   1 
ATOM   330  C CB  . PHE A 1 44  ? -6.090  -21.029 -1.732  1.00 15.90 ? 44  PHE A CB  1 
ATOM   331  C CG  . PHE A 1 44  ? -6.692  -20.266 -2.883  1.00 16.78 ? 44  PHE A CG  1 
ATOM   332  C CD1 . PHE A 1 44  ? -6.562  -20.736 -4.196  1.00 19.38 ? 44  PHE A CD1 1 
ATOM   333  C CD2 . PHE A 1 44  ? -7.424  -19.100 -2.661  1.00 17.56 ? 44  PHE A CD2 1 
ATOM   334  C CE1 . PHE A 1 44  ? -7.147  -20.034 -5.278  1.00 19.41 ? 44  PHE A CE1 1 
ATOM   335  C CE2 . PHE A 1 44  ? -8.007  -18.407 -3.717  1.00 17.39 ? 44  PHE A CE2 1 
ATOM   336  C CZ  . PHE A 1 44  ? -7.872  -18.877 -5.032  1.00 18.98 ? 44  PHE A CZ  1 
ATOM   337  N N   . ALA A 1 45  ? -3.791  -21.703 0.641   1.00 14.92 ? 45  ALA A N   1 
ATOM   338  C CA  . ALA A 1 45  ? -3.491  -22.226 1.982   1.00 14.80 ? 45  ALA A CA  1 
ATOM   339  C C   . ALA A 1 45  ? -2.856  -21.153 2.878   1.00 14.14 ? 45  ALA A C   1 
ATOM   340  O O   . ALA A 1 45  ? -2.939  -21.224 4.101   1.00 14.23 ? 45  ALA A O   1 
ATOM   341  C CB  . ALA A 1 45  ? -2.556  -23.454 1.877   1.00 14.86 ? 45  ALA A CB  1 
ATOM   342  N N   . VAL A 1 46  ? -2.196  -20.181 2.250   1.00 13.20 ? 46  VAL A N   1 
ATOM   343  C CA  . VAL A 1 46  ? -1.611  -19.056 2.954   1.00 12.48 ? 46  VAL A CA  1 
ATOM   344  C C   . VAL A 1 46  ? -2.665  -17.979 3.205   1.00 11.66 ? 46  VAL A C   1 
ATOM   345  O O   . VAL A 1 46  ? -2.861  -17.555 4.351   1.00 10.94 ? 46  VAL A O   1 
ATOM   346  C CB  . VAL A 1 46  ? -0.416  -18.485 2.182   1.00 12.52 ? 46  VAL A CB  1 
ATOM   347  C CG1 . VAL A 1 46  ? 0.145   -17.272 2.910   1.00 12.90 ? 46  VAL A CG1 1 
ATOM   348  C CG2 . VAL A 1 46  ? 0.671   -19.570 2.031   1.00 13.09 ? 46  VAL A CG2 1 
ATOM   349  N N   . ASN A 1 47  ? -3.330  -17.544 2.130   1.00 10.80 ? 47  ASN A N   1 
ATOM   350  C CA  . ASN A 1 47  ? -4.453  -16.616 2.209   1.00 10.06 ? 47  ASN A CA  1 
ATOM   351  C C   . ASN A 1 47  ? -5.640  -17.171 1.439   1.00 9.85  ? 47  ASN A C   1 
ATOM   352  O O   . ASN A 1 47  ? -5.653  -17.097 0.217   1.00 9.74  ? 47  ASN A O   1 
ATOM   353  C CB  . ASN A 1 47  ? -4.091  -15.230 1.645   1.00 9.48  ? 47  ASN A CB  1 
ATOM   354  C CG  . ASN A 1 47  ? -5.223  -14.224 1.811   1.00 9.22  ? 47  ASN A CG  1 
ATOM   355  O OD1 . ASN A 1 47  ? -6.251  -14.538 2.419   1.00 6.80  ? 47  ASN A OD1 1 
ATOM   356  N ND2 . ASN A 1 47  ? -5.027  -13.008 1.315   1.00 8.17  ? 47  ASN A ND2 1 
ATOM   357  N N   . PRO A 1 48  ? -6.627  -17.739 2.130   1.00 9.90  ? 48  PRO A N   1 
ATOM   358  C CA  . PRO A 1 48  ? -7.816  -18.267 1.448   1.00 10.15 ? 48  PRO A CA  1 
ATOM   359  C C   . PRO A 1 48  ? -8.562  -17.230 0.581   1.00 10.40 ? 48  PRO A C   1 
ATOM   360  O O   . PRO A 1 48  ? -9.277  -17.616 -0.342  1.00 10.34 ? 48  PRO A O   1 
ATOM   361  C CB  . PRO A 1 48  ? -8.680  -18.770 2.605   1.00 10.52 ? 48  PRO A CB  1 
ATOM   362  C CG  . PRO A 1 48  ? -7.692  -19.064 3.693   1.00 10.92 ? 48  PRO A CG  1 
ATOM   363  C CD  . PRO A 1 48  ? -6.675  -17.977 3.582   1.00 9.94  ? 48  PRO A CD  1 
ATOM   364  N N   . ARG A 1 49  ? -8.378  -15.946 0.860   1.00 10.35 ? 49  ARG A N   1 
ATOM   365  C CA  . ARG A 1 49  ? -8.852  -14.887 -0.031  1.00 11.09 ? 49  ARG A CA  1 
ATOM   366  C C   . ARG A 1 49  ? -8.070  -14.781 -1.337  1.00 11.59 ? 49  ARG A C   1 
ATOM   367  O O   . ARG A 1 49  ? -8.550  -14.172 -2.282  1.00 12.20 ? 49  ARG A O   1 
ATOM   368  C CB  . ARG A 1 49  ? -8.863  -13.524 0.677   1.00 10.53 ? 49  ARG A CB  1 
ATOM   369  C CG  . ARG A 1 49  ? -10.152 -13.293 1.468   1.00 11.46 ? 49  ARG A CG  1 
ATOM   370  C CD  . ARG A 1 49  ? -9.900  -13.170 2.965   1.00 15.82 ? 49  ARG A CD  1 
ATOM   371  N NE  . ARG A 1 49  ? -9.962  -14.454 3.568   1.00 16.39 ? 49  ARG A NE  1 
ATOM   372  C CZ  . ARG A 1 49  ? -9.197  -14.925 4.541   1.00 13.62 ? 49  ARG A CZ  1 
ATOM   373  N NH1 . ARG A 1 49  ? -8.238  -14.223 5.146   1.00 9.81  ? 49  ARG A NH1 1 
ATOM   374  N NH2 . ARG A 1 49  ? -9.449  -16.159 4.927   1.00 10.86 ? 49  ARG A NH2 1 
ATOM   375  N N   . GLY A 1 50  ? -6.868  -15.347 -1.364  1.00 11.68 ? 50  GLY A N   1 
ATOM   376  C CA  . GLY A 1 50  ? -6.076  -15.451 -2.573  1.00 11.94 ? 50  GLY A CA  1 
ATOM   377  C C   . GLY A 1 50  ? -5.410  -14.156 -3.006  1.00 11.64 ? 50  GLY A C   1 
ATOM   378  O O   . GLY A 1 50  ? -5.009  -14.026 -4.162  1.00 11.90 ? 50  GLY A O   1 
ATOM   379  N N   . ALA A 1 51  ? -5.299  -13.211 -2.075  1.00 10.74 ? 51  ALA A N   1 
ATOM   380  C CA  . ALA A 1 51  ? -4.765  -11.902 -2.361  1.00 10.55 ? 51  ALA A CA  1 
ATOM   381  C C   . ALA A 1 51  ? -3.447  -11.688 -1.630  1.00 10.49 ? 51  ALA A C   1 
ATOM   382  O O   . ALA A 1 51  ? -3.149  -12.378 -0.634  1.00 10.80 ? 51  ALA A O   1 
ATOM   383  C CB  . ALA A 1 51  ? -5.783  -10.816 -1.957  1.00 10.59 ? 51  ALA A CB  1 
ATOM   384  N N   . VAL A 1 52  ? -2.661  -10.750 -2.151  1.00 10.05 ? 52  VAL A N   1 
ATOM   385  C CA  . VAL A 1 52  ? -1.510  -10.182 -1.449  1.00 9.98  ? 52  VAL A CA  1 
ATOM   386  C C   . VAL A 1 52  ? -1.934  -8.796  -0.977  1.00 9.53  ? 52  VAL A C   1 
ATOM   387  O O   . VAL A 1 52  ? -2.832  -8.201  -1.559  1.00 9.79  ? 52  VAL A O   1 
ATOM   388  C CB  . VAL A 1 52  ? -0.228  -10.134 -2.332  1.00 10.17 ? 52  VAL A CB  1 
ATOM   389  C CG1 . VAL A 1 52  ? 0.136   -11.535 -2.850  1.00 11.63 ? 52  VAL A CG1 1 
ATOM   390  C CG2 . VAL A 1 52  ? -0.348  -9.159  -3.501  1.00 10.39 ? 52  VAL A CG2 1 
ATOM   391  N N   . PRO A 1 53  ? -1.350  -8.274  0.097   1.00 9.76  ? 53  PRO A N   1 
ATOM   392  C CA  . PRO A 1 53  ? -0.331  -8.948  0.914   1.00 9.28  ? 53  PRO A CA  1 
ATOM   393  C C   . PRO A 1 53  ? -0.856  -9.993  1.896   1.00 9.22  ? 53  PRO A C   1 
ATOM   394  O O   . PRO A 1 53  ? -2.030  -10.008 2.227   1.00 8.43  ? 53  PRO A O   1 
ATOM   395  C CB  . PRO A 1 53  ? 0.246   -7.796  1.731   1.00 9.58  ? 53  PRO A CB  1 
ATOM   396  C CG  . PRO A 1 53  ? -0.923  -6.888  1.908   1.00 9.58  ? 53  PRO A CG  1 
ATOM   397  C CD  . PRO A 1 53  ? -1.628  -6.911  0.595   1.00 9.21  ? 53  PRO A CD  1 
ATOM   398  N N   . ALA A 1 54  ? 0.050   -10.860 2.332   1.00 9.05  ? 54  ALA A N   1 
ATOM   399  C CA  . ALA A 1 54  ? -0.123  -11.661 3.538   1.00 9.51  ? 54  ALA A CA  1 
ATOM   400  C C   . ALA A 1 54  ? 1.212   -11.654 4.280   1.00 10.00 ? 54  ALA A C   1 
ATOM   401  O O   . ALA A 1 54  ? 2.288   -11.612 3.662   1.00 9.85  ? 54  ALA A O   1 
ATOM   402  C CB  . ALA A 1 54  ? -0.547  -13.112 3.190   1.00 9.90  ? 54  ALA A CB  1 
ATOM   403  N N   . LEU A 1 55  ? 1.155   -11.723 5.598   1.00 10.25 ? 55  LEU A N   1 
ATOM   404  C CA  . LEU A 1 55  ? 2.355   -11.638 6.405   1.00 10.55 ? 55  LEU A CA  1 
ATOM   405  C C   . LEU A 1 55  ? 2.382   -12.790 7.393   1.00 10.93 ? 55  LEU A C   1 
ATOM   406  O O   . LEU A 1 55  ? 1.538   -12.876 8.276   1.00 11.02 ? 55  LEU A O   1 
ATOM   407  C CB  . LEU A 1 55  ? 2.390   -10.306 7.122   1.00 10.53 ? 55  LEU A CB  1 
ATOM   408  C CG  . LEU A 1 55  ? 3.582   -10.037 8.047   1.00 11.59 ? 55  LEU A CG  1 
ATOM   409  C CD1 . LEU A 1 55  ? 4.826   -9.726  7.264   1.00 12.11 ? 55  LEU A CD1 1 
ATOM   410  C CD2 . LEU A 1 55  ? 3.258   -8.884  9.007   1.00 12.39 ? 55  LEU A CD2 1 
ATOM   411  N N   . GLU A 1 56  ? 3.331   -13.701 7.231   1.00 11.35 ? 56  GLU A N   1 
ATOM   412  C CA  . GLU A 1 56  ? 3.555   -14.721 8.253   1.00 11.55 ? 56  GLU A CA  1 
ATOM   413  C C   . GLU A 1 56  ? 4.354   -14.126 9.412   1.00 12.01 ? 56  GLU A C   1 
ATOM   414  O O   . GLU A 1 56  ? 5.532   -13.797 9.269   1.00 11.57 ? 56  GLU A O   1 
ATOM   415  C CB  . GLU A 1 56  ? 4.270   -15.929 7.668   1.00 11.96 ? 56  GLU A CB  1 
ATOM   416  C CG  . GLU A 1 56  ? 4.340   -17.122 8.594   1.00 12.69 ? 56  GLU A CG  1 
ATOM   417  C CD  . GLU A 1 56  ? 5.184   -18.223 8.009   1.00 14.45 ? 56  GLU A CD  1 
ATOM   418  O OE1 . GLU A 1 56  ? 6.417   -18.173 8.178   1.00 18.01 ? 56  GLU A OE1 1 
ATOM   419  O OE2 . GLU A 1 56  ? 4.615   -19.121 7.370   1.00 15.57 ? 56  GLU A OE2 1 
ATOM   420  N N   . VAL A 1 57  ? 3.700   -13.973 10.553  1.00 12.46 ? 57  VAL A N   1 
ATOM   421  C CA  . VAL A 1 57  ? 4.324   -13.409 11.737  1.00 13.91 ? 57  VAL A CA  1 
ATOM   422  C C   . VAL A 1 57  ? 5.235   -14.451 12.340  1.00 14.63 ? 57  VAL A C   1 
ATOM   423  O O   . VAL A 1 57  ? 6.330   -14.153 12.786  1.00 14.73 ? 57  VAL A O   1 
ATOM   424  C CB  . VAL A 1 57  ? 3.271   -13.006 12.773  1.00 13.88 ? 57  VAL A CB  1 
ATOM   425  C CG1 . VAL A 1 57  ? 3.940   -12.583 14.092  1.00 15.68 ? 57  VAL A CG1 1 
ATOM   426  C CG2 . VAL A 1 57  ? 2.423   -11.898 12.217  1.00 14.96 ? 57  VAL A CG2 1 
ATOM   427  N N   . LYS A 1 58  ? 4.734   -15.678 12.349  1.00 15.43 ? 58  LYS A N   1 
ATOM   428  C CA  . LYS A 1 58  ? 5.491   -16.852 12.744  1.00 15.84 ? 58  LYS A CA  1 
ATOM   429  C C   . LYS A 1 58  ? 4.776   -18.056 12.143  1.00 15.57 ? 58  LYS A C   1 
ATOM   430  O O   . LYS A 1 58  ? 3.632   -17.934 11.700  1.00 14.38 ? 58  LYS A O   1 
ATOM   431  C CB  . LYS A 1 58  ? 5.550   -16.947 14.269  1.00 16.32 ? 58  LYS A CB  1 
ATOM   432  C CG  . LYS A 1 58  ? 4.194   -16.949 14.947  1.00 17.92 ? 58  LYS A CG  1 
ATOM   433  C CD  . LYS A 1 58  ? 4.352   -16.953 16.459  1.00 20.52 ? 58  LYS A CD  1 
ATOM   434  C CE  . LYS A 1 58  ? 3.007   -17.131 17.164  1.00 22.14 ? 58  LYS A CE  1 
ATOM   435  N NZ  . LYS A 1 58  ? 3.186   -17.775 18.496  1.00 24.76 ? 58  LYS A NZ  1 
ATOM   436  N N   . PRO A 1 59  ? 5.435   -19.212 12.096  1.00 15.74 ? 59  PRO A N   1 
ATOM   437  C CA  . PRO A 1 59  ? 4.797   -20.413 11.551  1.00 15.11 ? 59  PRO A CA  1 
ATOM   438  C C   . PRO A 1 59  ? 3.398   -20.600 12.142  1.00 14.60 ? 59  PRO A C   1 
ATOM   439  O O   . PRO A 1 59  ? 3.231   -20.593 13.366  1.00 13.99 ? 59  PRO A O   1 
ATOM   440  C CB  . PRO A 1 59  ? 5.748   -21.527 11.986  1.00 15.75 ? 59  PRO A CB  1 
ATOM   441  C CG  . PRO A 1 59  ? 7.099   -20.848 12.026  1.00 16.19 ? 59  PRO A CG  1 
ATOM   442  C CD  . PRO A 1 59  ? 6.824   -19.472 12.531  1.00 15.91 ? 59  PRO A CD  1 
ATOM   443  N N   . GLY A 1 60  ? 2.395   -20.716 11.280  1.00 13.33 ? 60  GLY A N   1 
ATOM   444  C CA  . GLY A 1 60  ? 1.040   -20.943 11.736  1.00 13.12 ? 60  GLY A CA  1 
ATOM   445  C C   . GLY A 1 60  ? 0.196   -19.696 11.946  1.00 12.67 ? 60  GLY A C   1 
ATOM   446  O O   . GLY A 1 60  ? -1.018  -19.812 12.120  1.00 12.66 ? 60  GLY A O   1 
ATOM   447  N N   . THR A 1 61  ? 0.822   -18.521 11.928  1.00 12.05 ? 61  THR A N   1 
ATOM   448  C CA  . THR A 1 61  ? 0.113   -17.251 12.090  1.00 12.02 ? 61  THR A CA  1 
ATOM   449  C C   . THR A 1 61  ? 0.382   -16.307 10.922  1.00 11.90 ? 61  THR A C   1 
ATOM   450  O O   . THR A 1 61  ? 1.454   -15.702 10.810  1.00 11.58 ? 61  THR A O   1 
ATOM   451  C CB  . THR A 1 61  ? 0.490   -16.588 13.441  1.00 12.36 ? 61  THR A CB  1 
ATOM   452  O OG1 . THR A 1 61  ? 0.125   -17.456 14.522  1.00 10.78 ? 61  THR A OG1 1 
ATOM   453  C CG2 . THR A 1 61  ? -0.323  -15.331 13.706  1.00 12.61 ? 61  THR A CG2 1 
ATOM   454  N N   . VAL A 1 62  ? -0.609  -16.214 10.045  1.00 11.39 ? 62  VAL A N   1 
ATOM   455  C CA  . VAL A 1 62  ? -0.562  -15.389 8.857   1.00 11.52 ? 62  VAL A CA  1 
ATOM   456  C C   . VAL A 1 62  ? -1.670  -14.341 8.985   1.00 11.03 ? 62  VAL A C   1 
ATOM   457  O O   . VAL A 1 62  ? -2.845  -14.675 9.195   1.00 10.53 ? 62  VAL A O   1 
ATOM   458  C CB  . VAL A 1 62  ? -0.794  -16.233 7.587   1.00 11.84 ? 62  VAL A CB  1 
ATOM   459  C CG1 . VAL A 1 62  ? -0.765  -15.369 6.317   1.00 12.96 ? 62  VAL A CG1 1 
ATOM   460  C CG2 . VAL A 1 62  ? 0.244   -17.352 7.484   1.00 12.97 ? 62  VAL A CG2 1 
ATOM   461  N N   . ILE A 1 63  ? -1.272  -13.082 8.885   1.00 10.13 ? 63  ILE A N   1 
ATOM   462  C CA  . ILE A 1 63  ? -2.187  -11.959 8.893   1.00 10.36 ? 63  ILE A CA  1 
ATOM   463  C C   . ILE A 1 63  ? -2.377  -11.499 7.470   1.00 9.35  ? 63  ILE A C   1 
ATOM   464  O O   . ILE A 1 63  ? -1.400  -11.338 6.727   1.00 9.78  ? 63  ILE A O   1 
ATOM   465  C CB  . ILE A 1 63  ? -1.593  -10.781 9.713   1.00 10.38 ? 63  ILE A CB  1 
ATOM   466  C CG1 . ILE A 1 63  ? -1.326  -11.209 11.157  1.00 12.11 ? 63  ILE A CG1 1 
ATOM   467  C CG2 . ILE A 1 63  ? -2.499  -9.548  9.623   1.00 11.04 ? 63  ILE A CG2 1 
ATOM   468  C CD1 . ILE A 1 63  ? -2.557  -11.763 11.887  1.00 13.72 ? 63  ILE A CD1 1 
ATOM   469  N N   . THR A 1 64  ? -3.635  -11.245 7.121   1.00 8.46  ? 64  THR A N   1 
ATOM   470  C CA  . THR A 1 64  ? -4.015  -10.663 5.834   1.00 7.71  ? 64  THR A CA  1 
ATOM   471  C C   . THR A 1 64  ? -4.675  -9.316  6.071   1.00 6.90  ? 64  THR A C   1 
ATOM   472  O O   . THR A 1 64  ? -5.055  -8.994  7.191   1.00 6.71  ? 64  THR A O   1 
ATOM   473  C CB  . THR A 1 64  ? -4.957  -11.606 5.054   1.00 6.93  ? 64  THR A CB  1 
ATOM   474  O OG1 . THR A 1 64  ? -6.234  -11.731 5.709   1.00 6.58  ? 64  THR A OG1 1 
ATOM   475  C CG2 . THR A 1 64  ? -4.403  -13.025 5.048   1.00 7.87  ? 64  THR A CG2 1 
ATOM   476  N N   . GLN A 1 65  ? -4.814  -8.559  4.987   1.00 6.30  ? 65  GLN A N   1 
ATOM   477  C CA  . GLN A 1 65  ? -5.375  -7.205  4.968   1.00 6.05  ? 65  GLN A CA  1 
ATOM   478  C C   . GLN A 1 65  ? -4.323  -6.148  5.264   1.00 5.79  ? 65  GLN A C   1 
ATOM   479  O O   . GLN A 1 65  ? -3.679  -6.167  6.289   1.00 5.45  ? 65  GLN A O   1 
ATOM   480  C CB  . GLN A 1 65  ? -6.577  -7.038  5.888   1.00 5.47  ? 65  GLN A CB  1 
ATOM   481  C CG  . GLN A 1 65  ? -7.776  -7.859  5.466   1.00 6.82  ? 65  GLN A CG  1 
ATOM   482  C CD  . GLN A 1 65  ? -8.458  -7.359  4.189   1.00 6.67  ? 65  GLN A CD  1 
ATOM   483  O OE1 . GLN A 1 65  ? -8.449  -6.149  3.893   1.00 5.20  ? 65  GLN A OE1 1 
ATOM   484  N NE2 . GLN A 1 65  ? -9.070  -8.296  3.440   1.00 3.76  ? 65  GLN A NE2 1 
ATOM   485  N N   . ASN A 1 66  ? -4.185  -5.207  4.352   1.00 6.54  ? 66  ASN A N   1 
ATOM   486  C CA  . ASN A 1 66  ? -3.170  -4.171  4.472   1.00 6.75  ? 66  ASN A CA  1 
ATOM   487  C C   . ASN A 1 66  ? -3.288  -3.371  5.760   1.00 6.63  ? 66  ASN A C   1 
ATOM   488  O O   . ASN A 1 66  ? -2.270  -3.125  6.415   1.00 6.88  ? 66  ASN A O   1 
ATOM   489  C CB  . ASN A 1 66  ? -3.168  -3.254  3.231   1.00 7.03  ? 66  ASN A CB  1 
ATOM   490  C CG  . ASN A 1 66  ? -1.899  -3.404  2.404   1.00 8.38  ? 66  ASN A CG  1 
ATOM   491  O OD1 . ASN A 1 66  ? -0.838  -3.729  2.932   1.00 12.44 ? 66  ASN A OD1 1 
ATOM   492  N ND2 . ASN A 1 66  ? -2.002  -3.175  1.122   1.00 10.68 ? 66  ASN A ND2 1 
ATOM   493  N N   . ALA A 1 67  ? -4.504  -2.987  6.161   1.00 5.97  ? 67  ALA A N   1 
ATOM   494  C CA  . ALA A 1 67  ? -4.644  -2.212  7.404   1.00 6.38  ? 67  ALA A CA  1 
ATOM   495  C C   . ALA A 1 67  ? -4.073  -2.979  8.627   1.00 6.52  ? 67  ALA A C   1 
ATOM   496  O O   . ALA A 1 67  ? -3.402  -2.385  9.493   1.00 6.05  ? 67  ALA A O   1 
ATOM   497  C CB  . ALA A 1 67  ? -6.085  -1.802  7.650   1.00 6.69  ? 67  ALA A CB  1 
ATOM   498  N N   . ALA A 1 68  ? -4.313  -4.291  8.667   1.00 6.33  ? 68  ALA A N   1 
ATOM   499  C CA  . ALA A 1 68  ? -3.886  -5.119  9.794   1.00 6.71  ? 68  ALA A CA  1 
ATOM   500  C C   . ALA A 1 68  ? -2.380  -5.351  9.770   1.00 6.87  ? 68  ALA A C   1 
ATOM   501  O O   . ALA A 1 68  ? -1.703  -5.268  10.805  1.00 7.56  ? 68  ALA A O   1 
ATOM   502  C CB  . ALA A 1 68  ? -4.654  -6.469  9.815   1.00 6.52  ? 68  ALA A CB  1 
ATOM   503  N N   . ILE A 1 69  ? -1.863  -5.617  8.577   1.00 6.54  ? 69  ILE A N   1 
ATOM   504  C CA  . ILE A 1 69  ? -0.449  -5.855  8.373   1.00 6.54  ? 69  ILE A CA  1 
ATOM   505  C C   . ILE A 1 69  ? 0.380   -4.602  8.646   1.00 7.00  ? 69  ILE A C   1 
ATOM   506  O O   . ILE A 1 69  ? 1.436   -4.662  9.300   1.00 7.34  ? 69  ILE A O   1 
ATOM   507  C CB  . ILE A 1 69  ? -0.218  -6.368  6.936   1.00 6.97  ? 69  ILE A CB  1 
ATOM   508  C CG1 . ILE A 1 69  ? -0.796  -7.771  6.782   1.00 7.19  ? 69  ILE A CG1 1 
ATOM   509  C CG2 . ILE A 1 69  ? 1.271   -6.340  6.545   1.00 6.74  ? 69  ILE A CG2 1 
ATOM   510  C CD1 . ILE A 1 69  ? -0.765  -8.285  5.349   1.00 7.65  ? 69  ILE A CD1 1 
ATOM   511  N N   . LEU A 1 70  ? -0.076  -3.474  8.127   1.00 6.95  ? 70  LEU A N   1 
ATOM   512  C CA  . LEU A 1 70  ? 0.659   -2.223  8.267   1.00 6.90  ? 70  LEU A CA  1 
ATOM   513  C C   . LEU A 1 70  ? 0.720   -1.788  9.719   1.00 7.11  ? 70  LEU A C   1 
ATOM   514  O O   . LEU A 1 70  ? 1.741   -1.265  10.177  1.00 6.54  ? 70  LEU A O   1 
ATOM   515  C CB  . LEU A 1 70  ? 0.038   -1.128  7.398   1.00 6.97  ? 70  LEU A CB  1 
ATOM   516  C CG  . LEU A 1 70  ? 0.276   -1.339  5.892   1.00 7.51  ? 70  LEU A CG  1 
ATOM   517  C CD1 . LEU A 1 70  ? -0.575  -0.396  5.059   1.00 8.13  ? 70  LEU A CD1 1 
ATOM   518  C CD2 . LEU A 1 70  ? 1.728   -1.151  5.566   1.00 7.95  ? 70  LEU A CD2 1 
ATOM   519  N N   . GLN A 1 71  ? -0.362  -2.019  10.458  1.00 6.75  ? 71  GLN A N   1 
ATOM   520  C CA  . GLN A 1 71  ? -0.352  -1.679  11.865  1.00 6.76  ? 71  GLN A CA  1 
ATOM   521  C C   . GLN A 1 71  ? 0.365   -2.721  12.727  1.00 6.71  ? 71  GLN A C   1 
ATOM   522  O O   . GLN A 1 71  ? 0.902   -2.380  13.761  1.00 6.83  ? 71  GLN A O   1 
ATOM   523  C CB  . GLN A 1 71  ? -1.773  -1.419  12.362  1.00 6.63  ? 71  GLN A CB  1 
ATOM   524  C CG  . GLN A 1 71  ? -2.326  -0.126  11.825  1.00 6.97  ? 71  GLN A CG  1 
ATOM   525  C CD  . GLN A 1 71  ? -3.791  0.019   12.059  1.00 6.87  ? 71  GLN A CD  1 
ATOM   526  O OE1 . GLN A 1 71  ? -4.605  -0.460  11.253  1.00 8.39  ? 71  GLN A OE1 1 
ATOM   527  N NE2 . GLN A 1 71  ? -4.151  0.676   13.155  1.00 3.65  ? 71  GLN A NE2 1 
ATOM   528  N N   . TYR A 1 72  ? 0.369   -3.985  12.320  1.00 6.84  ? 72  TYR A N   1 
ATOM   529  C CA  . TYR A 1 72  ? 1.125   -4.986  13.056  1.00 7.31  ? 72  TYR A CA  1 
ATOM   530  C C   . TYR A 1 72  ? 2.621   -4.652  12.977  1.00 7.34  ? 72  TYR A C   1 
ATOM   531  O O   . TYR A 1 72  ? 3.341   -4.645  13.993  1.00 6.45  ? 72  TYR A O   1 
ATOM   532  C CB  . TYR A 1 72  ? 0.870   -6.403  12.523  1.00 8.01  ? 72  TYR A CB  1 
ATOM   533  C CG  . TYR A 1 72  ? 1.535   -7.428  13.383  1.00 9.79  ? 72  TYR A CG  1 
ATOM   534  C CD1 . TYR A 1 72  ? 0.890   -7.930  14.516  1.00 10.41 ? 72  TYR A CD1 1 
ATOM   535  C CD2 . TYR A 1 72  ? 2.830   -7.845  13.121  1.00 10.84 ? 72  TYR A CD2 1 
ATOM   536  C CE1 . TYR A 1 72  ? 1.501   -8.843  15.328  1.00 12.68 ? 72  TYR A CE1 1 
ATOM   537  C CE2 . TYR A 1 72  ? 3.452   -8.763  13.939  1.00 13.40 ? 72  TYR A CE2 1 
ATOM   538  C CZ  . TYR A 1 72  ? 2.778   -9.247  15.043  1.00 13.07 ? 72  TYR A CZ  1 
ATOM   539  O OH  . TYR A 1 72  ? 3.379   -10.138 15.859  1.00 16.90 ? 72  TYR A OH  1 
ATOM   540  N N   . ILE A 1 73  ? 3.083   -4.373  11.765  1.00 7.12  ? 73  ILE A N   1 
ATOM   541  C CA  . ILE A 1 73  ? 4.471   -4.006  11.560  1.00 7.44  ? 73  ILE A CA  1 
ATOM   542  C C   . ILE A 1 73  ? 4.828   -2.782  12.387  1.00 7.41  ? 73  ILE A C   1 
ATOM   543  O O   . ILE A 1 73  ? 5.851   -2.754  13.050  1.00 7.54  ? 73  ILE A O   1 
ATOM   544  C CB  . ILE A 1 73  ? 4.783   -3.742  10.068  1.00 7.27  ? 73  ILE A CB  1 
ATOM   545  C CG1 . ILE A 1 73  ? 4.586   -5.004  9.231   1.00 7.22  ? 73  ILE A CG1 1 
ATOM   546  C CG2 . ILE A 1 73  ? 6.241   -3.286  9.921   1.00 7.52  ? 73  ILE A CG2 1 
ATOM   547  C CD1 . ILE A 1 73  ? 4.361   -4.728  7.784   1.00 7.46  ? 73  ILE A CD1 1 
ATOM   548  N N   . GLY A 1 74  ? 3.967   -1.777  12.353  1.00 7.77  ? 74  GLY A N   1 
ATOM   549  C CA  . GLY A 1 74  ? 4.206   -0.551  13.078  1.00 8.23  ? 74  GLY A CA  1 
ATOM   550  C C   . GLY A 1 74  ? 4.287   -0.741  14.581  1.00 8.91  ? 74  GLY A C   1 
ATOM   551  O O   . GLY A 1 74  ? 5.216   -0.211  15.225  1.00 7.66  ? 74  GLY A O   1 
ATOM   552  N N   . ASP A 1 75  ? 3.313   -1.486  15.117  1.00 9.12  ? 75  ASP A N   1 
ATOM   553  C CA  . ASP A 1 75  ? 3.191   -1.757  16.546  1.00 10.46 ? 75  ASP A CA  1 
ATOM   554  C C   . ASP A 1 75  ? 4.361   -2.596  17.075  1.00 11.47 ? 75  ASP A C   1 
ATOM   555  O O   . ASP A 1 75  ? 4.626   -2.558  18.265  1.00 12.31 ? 75  ASP A O   1 
ATOM   556  C CB  . ASP A 1 75  ? 1.866   -2.459  16.891  1.00 10.68 ? 75  ASP A CB  1 
ATOM   557  C CG  . ASP A 1 75  ? 0.610   -1.746  16.301  1.00 11.89 ? 75  ASP A CG  1 
ATOM   558  O OD1 . ASP A 1 75  ? 0.645   -0.520  16.104  1.00 11.57 ? 75  ASP A OD1 1 
ATOM   559  O OD2 . ASP A 1 75  ? -0.463  -2.353  16.006  1.00 11.94 ? 75  ASP A OD2 1 
ATOM   560  N N   . HIS A 1 76  ? 5.064   -3.326  16.201  1.00 11.89 ? 76  HIS A N   1 
ATOM   561  C CA  . HIS A 1 76  ? 6.255   -4.082  16.587  1.00 12.17 ? 76  HIS A CA  1 
ATOM   562  C C   . HIS A 1 76  ? 7.560   -3.448  16.073  1.00 12.50 ? 76  HIS A C   1 
ATOM   563  O O   . HIS A 1 76  ? 8.598   -4.101  16.004  1.00 12.78 ? 76  HIS A O   1 
ATOM   564  C CB  . HIS A 1 76  ? 6.127   -5.514  16.089  1.00 12.67 ? 76  HIS A CB  1 
ATOM   565  C CG  . HIS A 1 76  ? 5.054   -6.280  16.796  1.00 14.07 ? 76  HIS A CG  1 
ATOM   566  N ND1 . HIS A 1 76  ? 5.328   -7.167  17.812  1.00 13.85 ? 76  HIS A ND1 1 
ATOM   567  C CD2 . HIS A 1 76  ? 3.705   -6.247  16.675  1.00 13.80 ? 76  HIS A CD2 1 
ATOM   568  C CE1 . HIS A 1 76  ? 4.195   -7.668  18.269  1.00 15.69 ? 76  HIS A CE1 1 
ATOM   569  N NE2 . HIS A 1 76  ? 3.195   -7.120  17.600  1.00 15.51 ? 76  HIS A NE2 1 
ATOM   570  N N   . SER A 1 77  ? 7.492   -2.179  15.699  1.00 11.86 ? 77  SER A N   1 
ATOM   571  C CA  . SER A 1 77  ? 8.662   -1.408  15.326  1.00 11.93 ? 77  SER A CA  1 
ATOM   572  C C   . SER A 1 77  ? 9.009   -0.493  16.491  1.00 12.19 ? 77  SER A C   1 
ATOM   573  O O   . SER A 1 77  ? 8.293   -0.451  17.496  1.00 11.49 ? 77  SER A O   1 
ATOM   574  C CB  . SER A 1 77  ? 8.383   -0.573  14.082  1.00 11.44 ? 77  SER A CB  1 
ATOM   575  O OG  . SER A 1 77  ? 7.728   0.651   14.405  1.00 11.37 ? 77  SER A OG  1 
ATOM   576  N N   . ASP A 1 78  ? 10.099  0.248   16.334  1.00 12.20 ? 78  ASP A N   1 
ATOM   577  C CA  . ASP A 1 78  ? 10.472  1.300   17.276  1.00 12.59 ? 78  ASP A CA  1 
ATOM   578  C C   . ASP A 1 78  ? 10.122  2.672   16.723  1.00 11.86 ? 78  ASP A C   1 
ATOM   579  O O   . ASP A 1 78  ? 10.531  3.677   17.287  1.00 12.12 ? 78  ASP A O   1 
ATOM   580  C CB  . ASP A 1 78  ? 11.980  1.251   17.555  1.00 13.11 ? 78  ASP A CB  1 
ATOM   581  C CG  . ASP A 1 78  ? 12.391  0.009   18.322  1.00 15.59 ? 78  ASP A CG  1 
ATOM   582  O OD1 . ASP A 1 78  ? 11.618  -0.444  19.193  1.00 14.94 ? 78  ASP A OD1 1 
ATOM   583  O OD2 . ASP A 1 78  ? 13.481  -0.573  18.113  1.00 21.21 ? 78  ASP A OD2 1 
ATOM   584  N N   . VAL A 1 79  ? 9.402   2.723   15.608  1.00 10.93 ? 79  VAL A N   1 
ATOM   585  C CA  . VAL A 1 79  ? 9.075   4.003   14.975  1.00 10.59 ? 79  VAL A CA  1 
ATOM   586  C C   . VAL A 1 79  ? 7.782   4.546   15.582  1.00 10.39 ? 79  VAL A C   1 
ATOM   587  O O   . VAL A 1 79  ? 6.702   4.040   15.274  1.00 10.04 ? 79  VAL A O   1 
ATOM   588  C CB  . VAL A 1 79  ? 8.965   3.872   13.454  1.00 10.08 ? 79  VAL A CB  1 
ATOM   589  C CG1 . VAL A 1 79  ? 8.670   5.209   12.820  1.00 11.63 ? 79  VAL A CG1 1 
ATOM   590  C CG2 . VAL A 1 79  ? 10.251  3.306   12.874  1.00 10.30 ? 79  VAL A CG2 1 
ATOM   591  N N   . ALA A 1 80  ? 7.892   5.575   16.433  1.00 9.83  ? 80  ALA A N   1 
ATOM   592  C CA  . ALA A 1 80  ? 6.742   6.065   17.202  1.00 10.08 ? 80  ALA A CA  1 
ATOM   593  C C   . ALA A 1 80  ? 5.563   6.503   16.325  1.00 10.02 ? 80  ALA A C   1 
ATOM   594  O O   . ALA A 1 80  ? 4.398   6.269   16.653  1.00 10.04 ? 80  ALA A O   1 
ATOM   595  C CB  . ALA A 1 80  ? 7.173   7.205   18.145  1.00 10.53 ? 80  ALA A CB  1 
ATOM   596  N N   . ALA A 1 81  ? 5.872   7.128   15.198  1.00 10.09 ? 81  ALA A N   1 
ATOM   597  C CA  . ALA A 1 81  ? 4.849   7.624   14.289  1.00 9.68  ? 81  ALA A CA  1 
ATOM   598  C C   . ALA A 1 81  ? 4.041   6.466   13.676  1.00 9.69  ? 81  ALA A C   1 
ATOM   599  O O   . ALA A 1 81  ? 2.872   6.646   13.307  1.00 10.13 ? 81  ALA A O   1 
ATOM   600  C CB  . ALA A 1 81  ? 5.488   8.477   13.216  1.00 9.59  ? 81  ALA A CB  1 
ATOM   601  N N   . PHE A 1 82  ? 4.648   5.276   13.602  1.00 9.92  ? 82  PHE A N   1 
ATOM   602  C CA  . PHE A 1 82  ? 3.978   4.073   13.085  1.00 9.49  ? 82  PHE A CA  1 
ATOM   603  C C   . PHE A 1 82  ? 3.044   3.404   14.111  1.00 9.93  ? 82  PHE A C   1 
ATOM   604  O O   . PHE A 1 82  ? 2.286   2.498   13.764  1.00 8.98  ? 82  PHE A O   1 
ATOM   605  C CB  . PHE A 1 82  ? 4.992   2.997   12.630  1.00 9.49  ? 82  PHE A CB  1 
ATOM   606  C CG  . PHE A 1 82  ? 5.822   3.343   11.411  1.00 8.24  ? 82  PHE A CG  1 
ATOM   607  C CD1 . PHE A 1 82  ? 6.761   2.420   10.959  1.00 6.36  ? 82  PHE A CD1 1 
ATOM   608  C CD2 . PHE A 1 82  ? 5.670   4.536   10.700  1.00 8.17  ? 82  PHE A CD2 1 
ATOM   609  C CE1 . PHE A 1 82  ? 7.548   2.669   9.851   1.00 7.21  ? 82  PHE A CE1 1 
ATOM   610  C CE2 . PHE A 1 82  ? 6.468   4.804   9.594   1.00 7.96  ? 82  PHE A CE2 1 
ATOM   611  C CZ  . PHE A 1 82  ? 7.415   3.866   9.167   1.00 7.17  ? 82  PHE A CZ  1 
ATOM   612  N N   . LYS A 1 83  ? 3.119   3.821   15.370  1.00 10.65 ? 83  LYS A N   1 
ATOM   613  C CA  . LYS A 1 83  ? 2.343   3.187   16.435  1.00 11.87 ? 83  LYS A CA  1 
ATOM   614  C C   . LYS A 1 83  ? 1.772   4.170   17.462  1.00 12.19 ? 83  LYS A C   1 
ATOM   615  O O   . LYS A 1 83  ? 2.094   4.070   18.640  1.00 11.68 ? 83  LYS A O   1 
ATOM   616  C CB  . LYS A 1 83  ? 3.222   2.153   17.169  1.00 12.18 ? 83  LYS A CB  1 
ATOM   617  C CG  . LYS A 1 83  ? 4.569   2.726   17.705  1.00 12.91 ? 83  LYS A CG  1 
ATOM   618  C CD  . LYS A 1 83  ? 5.513   1.625   18.165  1.00 14.98 ? 83  LYS A CD  1 
ATOM   619  C CE  . LYS A 1 83  ? 6.608   2.176   19.113  1.00 17.37 ? 83  LYS A CE  1 
ATOM   620  N NZ  . LYS A 1 83  ? 7.566   1.126   19.606  1.00 18.84 ? 83  LYS A NZ  1 
ATOM   621  N N   . PRO A 1 84  ? 0.888   5.071   17.051  1.00 12.92 ? 84  PRO A N   1 
ATOM   622  C CA  . PRO A 1 84  ? 0.282   6.005   18.007  1.00 13.92 ? 84  PRO A CA  1 
ATOM   623  C C   . PRO A 1 84  ? -0.510  5.229   19.043  1.00 14.92 ? 84  PRO A C   1 
ATOM   624  O O   . PRO A 1 84  ? -0.922  4.123   18.765  1.00 14.99 ? 84  PRO A O   1 
ATOM   625  C CB  . PRO A 1 84  ? -0.665  6.851   17.141  1.00 13.94 ? 84  PRO A CB  1 
ATOM   626  C CG  . PRO A 1 84  ? -0.874  6.092   15.876  1.00 13.19 ? 84  PRO A CG  1 
ATOM   627  C CD  . PRO A 1 84  ? 0.368   5.262   15.683  1.00 13.53 ? 84  PRO A CD  1 
ATOM   628  N N   . ALA A 1 85  ? -0.769  5.766   20.216  1.00 16.53 ? 85  ALA A N   1 
ATOM   629  C CA  . ALA A 1 85  ? -1.613  4.977   21.111  1.00 17.51 ? 85  ALA A CA  1 
ATOM   630  C C   . ALA A 1 85  ? -3.105  4.910   20.728  1.00 18.23 ? 85  ALA A C   1 
ATOM   631  O O   . ALA A 1 85  ? -3.682  5.861   20.231  1.00 18.18 ? 85  ALA A O   1 
ATOM   632  C CB  . ALA A 1 85  ? -1.463  5.427   22.510  1.00 17.49 ? 85  ALA A CB  1 
ATOM   633  N N   A TYR A 1 86  ? -3.656  3.715   20.865  0.50 18.02 ? 86  TYR A N   1 
ATOM   634  N N   B TYR A 1 86  ? -3.698  3.715   20.922  0.50 19.10 ? 86  TYR A N   1 
ATOM   635  C CA  A TYR A 1 86  ? -5.039  3.504   20.517  0.50 17.65 ? 86  TYR A CA  1 
ATOM   636  C CA  B TYR A 1 86  ? -4.981  3.535   21.614  0.50 19.37 ? 86  TYR A CA  1 
ATOM   637  C C   A TYR A 1 86  ? -5.832  4.356   21.480  0.50 18.39 ? 86  TYR A C   1 
ATOM   638  C C   B TYR A 1 86  ? -6.288  3.735   20.831  0.50 19.31 ? 86  TYR A C   1 
ATOM   639  O O   A TYR A 1 86  ? -5.453  4.520   22.640  0.50 18.73 ? 86  TYR A O   1 
ATOM   640  O O   B TYR A 1 86  ? -6.699  2.849   20.082  0.50 19.96 ? 86  TYR A O   1 
ATOM   641  C CB  A TYR A 1 86  ? -5.412  2.027   20.647  0.50 16.96 ? 86  TYR A CB  1 
ATOM   642  C CB  B TYR A 1 86  ? -5.005  4.146   23.018  0.50 19.39 ? 86  TYR A CB  1 
ATOM   643  C CG  A TYR A 1 86  ? -4.825  1.167   19.551  0.50 14.80 ? 86  TYR A CG  1 
ATOM   644  C CG  B TYR A 1 86  ? -5.006  5.656   23.071  0.50 19.61 ? 86  TYR A CG  1 
ATOM   645  C CD1 A TYR A 1 86  ? -5.506  0.970   18.357  0.50 12.47 ? 86  TYR A CD1 1 
ATOM   646  C CD1 B TYR A 1 86  ? -3.828  6.376   22.932  0.50 20.13 ? 86  TYR A CD1 1 
ATOM   647  C CD2 A TYR A 1 86  ? -3.585  0.560   19.704  0.50 11.02 ? 86  TYR A CD2 1 
ATOM   648  C CD2 B TYR A 1 86  ? -6.190  6.360   23.233  0.50 19.34 ? 86  TYR A CD2 1 
ATOM   649  C CE1 A TYR A 1 86  ? -4.972  0.188   17.349  0.50 10.88 ? 86  TYR A CE1 1 
ATOM   650  C CE1 B TYR A 1 86  ? -3.828  7.757   22.969  0.50 21.05 ? 86  TYR A CE1 1 
ATOM   651  C CE2 A TYR A 1 86  ? -3.043  -0.224  18.703  0.50 11.19 ? 86  TYR A CE2 1 
ATOM   652  C CE2 B TYR A 1 86  ? -6.201  7.741   23.273  0.50 20.08 ? 86  TYR A CE2 1 
ATOM   653  C CZ  A TYR A 1 86  ? -3.741  -0.406  17.528  0.50 10.94 ? 86  TYR A CZ  1 
ATOM   654  C CZ  B TYR A 1 86  ? -5.016  8.434   23.140  0.50 20.74 ? 86  TYR A CZ  1 
ATOM   655  O OH  A TYR A 1 86  ? -3.206  -1.185  16.527  0.50 10.98 ? 86  TYR A OH  1 
ATOM   656  O OH  B TYR A 1 86  ? -5.022  9.809   23.178  0.50 20.78 ? 86  TYR A OH  1 
ATOM   657  N N   . GLY A 1 87  ? -6.947  4.927   20.877  1.00 19.20 ? 87  GLY A N   1 
ATOM   658  C CA  . GLY A 1 87  ? -6.945  5.950   19.900  1.00 19.14 ? 87  GLY A CA  1 
ATOM   659  C C   . GLY A 1 87  ? -6.902  7.142   20.812  1.00 18.96 ? 87  GLY A C   1 
ATOM   660  O O   . GLY A 1 87  ? -7.906  7.640   21.312  1.00 19.23 ? 87  GLY A O   1 
ATOM   661  N N   . SER A 1 88  ? -5.680  7.575   21.035  1.00 18.57 ? 88  SER A N   1 
ATOM   662  C CA  . SER A 1 88  ? -5.317  8.937   20.663  1.00 17.39 ? 88  SER A CA  1 
ATOM   663  C C   . SER A 1 88  ? -5.856  9.256   19.274  1.00 16.32 ? 88  SER A C   1 
ATOM   664  O O   . SER A 1 88  ? -5.854  8.398   18.390  1.00 16.84 ? 88  SER A O   1 
ATOM   665  C CB  . SER A 1 88  ? -3.796  9.107   20.682  1.00 17.30 ? 88  SER A CB  1 
ATOM   666  O OG  . SER A 1 88  ? -3.193  8.417   19.601  1.00 15.87 ? 88  SER A OG  1 
ATOM   667  N N   . ILE A 1 89  ? -6.322  10.486  19.082  1.00 14.99 ? 89  ILE A N   1 
ATOM   668  C CA  . ILE A 1 89  ? -6.853  10.879  17.790  1.00 14.33 ? 89  ILE A CA  1 
ATOM   669  C C   . ILE A 1 89  ? -5.862  10.506  16.673  1.00 13.23 ? 89  ILE A C   1 
ATOM   670  O O   . ILE A 1 89  ? -6.263  10.220  15.556  1.00 11.98 ? 89  ILE A O   1 
ATOM   671  C CB  . ILE A 1 89  ? -7.197  12.378  17.807  1.00 14.66 ? 89  ILE A CB  1 
ATOM   672  C CG1 . ILE A 1 89  ? -8.393  12.623  18.740  1.00 16.93 ? 89  ILE A CG1 1 
ATOM   673  C CG2 . ILE A 1 89  ? -7.506  12.898  16.411  1.00 16.02 ? 89  ILE A CG2 1 
ATOM   674  C CD1 . ILE A 1 89  ? -9.690  11.942  18.286  1.00 18.53 ? 89  ILE A CD1 1 
ATOM   675  N N   . GLU A 1 90  ? -4.577  10.474  16.997  1.00 12.56 ? 90  GLU A N   1 
ATOM   676  C CA  . GLU A 1 90  ? -3.532  10.085  16.030  1.00 12.53 ? 90  GLU A CA  1 
ATOM   677  C C   . GLU A 1 90  ? -3.732  8.673   15.461  1.00 11.07 ? 90  GLU A C   1 
ATOM   678  O O   . GLU A 1 90  ? -3.540  8.439   14.269  1.00 10.40 ? 90  GLU A O   1 
ATOM   679  C CB  . GLU A 1 90  ? -2.147  10.172  16.679  1.00 13.26 ? 90  GLU A CB  1 
ATOM   680  C CG  . GLU A 1 90  ? -1.589  11.585  16.740  1.00 16.83 ? 90  GLU A CG  1 
ATOM   681  C CD  . GLU A 1 90  ? -1.964  12.352  18.010  1.00 20.57 ? 90  GLU A CD  1 
ATOM   682  O OE1 . GLU A 1 90  ? -1.415  13.477  18.173  1.00 25.45 ? 90  GLU A OE1 1 
ATOM   683  O OE2 . GLU A 1 90  ? -2.780  11.861  18.842  1.00 21.15 ? 90  GLU A OE2 1 
ATOM   684  N N   . ARG A 1 91  ? -4.098  7.735   16.322  1.00 10.26 ? 91  ARG A N   1 
ATOM   685  C CA  . ARG A 1 91  ? -4.409  6.368   15.898  1.00 9.52  ? 91  ARG A CA  1 
ATOM   686  C C   . ARG A 1 91  ? -5.634  6.352   14.982  1.00 9.14  ? 91  ARG A C   1 
ATOM   687  O O   . ARG A 1 91  ? -5.658  5.661   13.961  1.00 8.93  ? 91  ARG A O   1 
ATOM   688  C CB  . ARG A 1 91  ? -4.647  5.461   17.114  1.00 9.95  ? 91  ARG A CB  1 
ATOM   689  C CG  . ARG A 1 91  ? -5.091  4.028   16.759  1.00 9.07  ? 91  ARG A CG  1 
ATOM   690  C CD  . ARG A 1 91  ? -4.078  3.286   15.872  1.00 9.28  ? 91  ARG A CD  1 
ATOM   691  N NE  . ARG A 1 91  ? -2.870  2.948   16.625  1.00 9.58  ? 91  ARG A NE  1 
ATOM   692  C CZ  . ARG A 1 91  ? -1.895  2.156   16.187  1.00 10.28 ? 91  ARG A CZ  1 
ATOM   693  N NH1 . ARG A 1 91  ? -1.961  1.599   14.985  1.00 10.93 ? 91  ARG A NH1 1 
ATOM   694  N NH2 . ARG A 1 91  ? -0.849  1.910   16.967  1.00 10.22 ? 91  ARG A NH2 1 
ATOM   695  N N   . ALA A 1 92  ? -6.646  7.118   15.356  1.00 8.21  ? 92  ALA A N   1 
ATOM   696  C CA  . ALA A 1 92  ? -7.851  7.236   14.546  1.00 8.41  ? 92  ALA A CA  1 
ATOM   697  C C   . ALA A 1 92  ? -7.514  7.836   13.171  1.00 8.43  ? 92  ALA A C   1 
ATOM   698  O O   . ALA A 1 92  ? -8.024  7.367   12.158  1.00 8.24  ? 92  ALA A O   1 
ATOM   699  C CB  . ALA A 1 92  ? -8.912  8.097   15.279  1.00 7.99  ? 92  ALA A CB  1 
ATOM   700  N N   . ARG A 1 93  ? -6.629  8.841   13.140  1.00 8.38  ? 93  ARG A N   1 
ATOM   701  C CA  . ARG A 1 93  ? -6.251  9.485   11.883  1.00 9.12  ? 93  ARG A CA  1 
ATOM   702  C C   . ARG A 1 93  ? -5.476  8.511   11.005  1.00 8.68  ? 93  ARG A C   1 
ATOM   703  O O   . ARG A 1 93  ? -5.666  8.481   9.803   1.00 8.96  ? 93  ARG A O   1 
ATOM   704  C CB  . ARG A 1 93  ? -5.429  10.770  12.109  1.00 9.85  ? 93  ARG A CB  1 
ATOM   705  C CG  . ARG A 1 93  ? -6.220  11.948  12.670  1.00 11.85 ? 93  ARG A CG  1 
ATOM   706  C CD  . ARG A 1 93  ? -7.421  12.348  11.848  1.00 14.35 ? 93  ARG A CD  1 
ATOM   707  N NE  . ARG A 1 93  ? -8.185  13.396  12.518  1.00 16.71 ? 93  ARG A NE  1 
ATOM   708  C CZ  . ARG A 1 93  ? -9.415  13.784  12.186  1.00 18.29 ? 93  ARG A CZ  1 
ATOM   709  N NH1 . ARG A 1 93  ? -10.075 13.224  11.168  1.00 17.36 ? 93  ARG A NH1 1 
ATOM   710  N NH2 . ARG A 1 93  ? -9.991  14.754  12.884  1.00 19.15 ? 93  ARG A NH2 1 
ATOM   711  N N   . LEU A 1 94  ? -4.618  7.712   11.622  1.00 8.42  ? 94  LEU A N   1 
ATOM   712  C CA  . LEU A 1 94  ? -3.858  6.682   10.920  1.00 8.67  ? 94  LEU A CA  1 
ATOM   713  C C   . LEU A 1 94  ? -4.809  5.694   10.232  1.00 7.96  ? 94  LEU A C   1 
ATOM   714  O O   . LEU A 1 94  ? -4.648  5.399   9.056   1.00 7.53  ? 94  LEU A O   1 
ATOM   715  C CB  . LEU A 1 94  ? -2.952  5.930   11.900  1.00 8.93  ? 94  LEU A CB  1 
ATOM   716  C CG  . LEU A 1 94  ? -1.716  5.182   11.382  1.00 12.16 ? 94  LEU A CG  1 
ATOM   717  C CD1 . LEU A 1 94  ? -1.040  4.460   12.542  1.00 14.52 ? 94  LEU A CD1 1 
ATOM   718  C CD2 . LEU A 1 94  ? -2.037  4.198   10.307  1.00 15.87 ? 94  LEU A CD2 1 
ATOM   719  N N   . GLN A 1 95  ? -5.783  5.196   10.988  1.00 6.93  ? 95  GLN A N   1 
ATOM   720  C CA  . GLN A 1 95  ? -6.736  4.212   10.505  1.00 6.88  ? 95  GLN A CA  1 
ATOM   721  C C   . GLN A 1 95  ? -7.706  4.795   9.479   1.00 6.85  ? 95  GLN A C   1 
ATOM   722  O O   . GLN A 1 95  ? -8.139  4.102   8.588   1.00 6.98  ? 95  GLN A O   1 
ATOM   723  C CB  . GLN A 1 95  ? -7.508  3.604   11.683  1.00 6.82  ? 95  GLN A CB  1 
ATOM   724  C CG  . GLN A 1 95  ? -6.643  2.748   12.611  1.00 6.16  ? 95  GLN A CG  1 
ATOM   725  C CD  . GLN A 1 95  ? -7.354  2.244   13.833  1.00 5.94  ? 95  GLN A CD  1 
ATOM   726  O OE1 . GLN A 1 95  ? -8.416  2.749   14.204  1.00 5.81  ? 95  GLN A OE1 1 
ATOM   727  N NE2 . GLN A 1 95  ? -6.767  1.239   14.480  1.00 5.81  ? 95  GLN A NE2 1 
ATOM   728  N N   . GLU A 1 96  ? -8.034  6.076   9.609   1.00 7.37  ? 96  GLU A N   1 
ATOM   729  C CA  . GLU A 1 96  ? -8.903  6.765   8.649   1.00 7.22  ? 96  GLU A CA  1 
ATOM   730  C C   . GLU A 1 96  ? -8.220  6.855   7.279   1.00 7.40  ? 96  GLU A C   1 
ATOM   731  O O   . GLU A 1 96  ? -8.816  6.559   6.254   1.00 6.83  ? 96  GLU A O   1 
ATOM   732  C CB  . GLU A 1 96  ? -9.250  8.152   9.189   1.00 7.54  ? 96  GLU A CB  1 
ATOM   733  C CG  . GLU A 1 96  ? -9.985  9.082   8.229   1.00 8.11  ? 96  GLU A CG  1 
ATOM   734  C CD  . GLU A 1 96  ? -10.279 10.442  8.852   1.00 8.24  ? 96  GLU A CD  1 
ATOM   735  O OE1 . GLU A 1 96  ? -9.330  11.049  9.406   1.00 8.68  ? 96  GLU A OE1 1 
ATOM   736  O OE2 . GLU A 1 96  ? -11.436 10.902  8.755   1.00 6.27  ? 96  GLU A OE2 1 
ATOM   737  N N   . ALA A 1 97  ? -6.954  7.250   7.280   1.00 7.05  ? 97  ALA A N   1 
ATOM   738  C CA  . ALA A 1 97  ? -6.179  7.320   6.049   1.00 7.12  ? 97  ALA A CA  1 
ATOM   739  C C   . ALA A 1 97  ? -6.019  5.942   5.433   1.00 6.97  ? 97  ALA A C   1 
ATOM   740  O O   . ALA A 1 97  ? -6.110  5.823   4.222   1.00 7.14  ? 97  ALA A O   1 
ATOM   741  C CB  . ALA A 1 97  ? -4.835  7.939   6.294   1.00 6.70  ? 97  ALA A CB  1 
ATOM   742  N N   . LEU A 1 98  ? -5.781  4.905   6.250   1.00 6.79  ? 98  LEU A N   1 
ATOM   743  C CA  . LEU A 1 98  ? -5.659  3.547   5.708   1.00 6.51  ? 98  LEU A CA  1 
ATOM   744  C C   . LEU A 1 98  ? -6.996  3.067   5.128   1.00 6.77  ? 98  LEU A C   1 
ATOM   745  O O   . LEU A 1 98  ? -7.033  2.423   4.072   1.00 6.30  ? 98  LEU A O   1 
ATOM   746  C CB  . LEU A 1 98  ? -5.161  2.566   6.761   1.00 6.76  ? 98  LEU A CB  1 
ATOM   747  C CG  . LEU A 1 98  ? -3.699  2.724   7.185   1.00 6.84  ? 98  LEU A CG  1 
ATOM   748  C CD1 . LEU A 1 98  ? -3.394  1.764   8.338   1.00 8.25  ? 98  LEU A CD1 1 
ATOM   749  C CD2 . LEU A 1 98  ? -2.726  2.504   6.045   1.00 6.26  ? 98  LEU A CD2 1 
ATOM   750  N N   . GLY A 1 99  ? -8.084  3.354   5.840   1.00 6.56  ? 99  GLY A N   1 
ATOM   751  C CA  . GLY A 1 99  ? -9.416  3.071   5.356   1.00 6.80  ? 99  GLY A CA  1 
ATOM   752  C C   . GLY A 1 99  ? -9.649  3.742   4.022   1.00 7.18  ? 99  GLY A C   1 
ATOM   753  O O   . GLY A 1 99  ? -10.163 3.114   3.095   1.00 7.34  ? 99  GLY A O   1 
ATOM   754  N N   . PHE A 1 100 ? -9.235  4.996   3.897   1.00 7.10  ? 100 PHE A N   1 
ATOM   755  C CA  . PHE A 1 100 ? -9.423  5.691   2.640   1.00 7.61  ? 100 PHE A CA  1 
ATOM   756  C C   . PHE A 1 100 ? -8.517  5.134   1.531   1.00 7.26  ? 100 PHE A C   1 
ATOM   757  O O   . PHE A 1 100 ? -8.882  5.169   0.376   1.00 6.81  ? 100 PHE A O   1 
ATOM   758  C CB  . PHE A 1 100 ? -9.274  7.214   2.773   1.00 7.99  ? 100 PHE A CB  1 
ATOM   759  C CG  . PHE A 1 100 ? -9.602  7.941   1.495   1.00 9.36  ? 100 PHE A CG  1 
ATOM   760  C CD1 . PHE A 1 100 ? -10.914 8.024   1.057   1.00 10.78 ? 100 PHE A CD1 1 
ATOM   761  C CD2 . PHE A 1 100 ? -8.603  8.471   0.701   1.00 11.38 ? 100 PHE A CD2 1 
ATOM   762  C CE1 . PHE A 1 100 ? -11.242 8.659   -0.144  1.00 11.34 ? 100 PHE A CE1 1 
ATOM   763  C CE2 . PHE A 1 100 ? -8.925  9.112   -0.503  1.00 11.97 ? 100 PHE A CE2 1 
ATOM   764  C CZ  . PHE A 1 100 ? -10.249 9.202   -0.920  1.00 11.84 ? 100 PHE A CZ  1 
ATOM   765  N N   . CYS A 1 101 ? -7.349  4.616   1.888   1.00 7.61  ? 101 CYS A N   1 
ATOM   766  C CA  . CYS A 1 101 ? -6.498  3.953   0.915   1.00 7.44  ? 101 CYS A CA  1 
ATOM   767  C C   . CYS A 1 101 ? -7.203  2.733   0.335   1.00 7.80  ? 101 CYS A C   1 
ATOM   768  O O   . CYS A 1 101 ? -7.062  2.437   -0.842  1.00 6.11  ? 101 CYS A O   1 
ATOM   769  C CB  . CYS A 1 101 ? -5.173  3.534   1.534   1.00 7.95  ? 101 CYS A CB  1 
ATOM   770  S SG  . CYS A 1 101 ? -4.008  4.875   1.878   1.00 8.43  ? 101 CYS A SG  1 
ATOM   771  N N   . SER A 1 102 ? -7.996  2.049   1.153   1.00 8.00  ? 102 SER A N   1 
ATOM   772  C CA  . SER A 1 102 ? -8.778  0.930   0.653   1.00 8.53  ? 102 SER A CA  1 
ATOM   773  C C   . SER A 1 102 ? -9.866  1.419   -0.318  1.00 8.13  ? 102 SER A C   1 
ATOM   774  O O   . SER A 1 102 ? -10.105 0.782   -1.350  1.00 7.29  ? 102 SER A O   1 
ATOM   775  C CB  . SER A 1 102 ? -9.370  0.124   1.805   1.00 8.95  ? 102 SER A CB  1 
ATOM   776  O OG  . SER A 1 102 ? -9.878  -1.103  1.317   1.00 12.00 ? 102 SER A OG  1 
ATOM   777  N N   . ASP A 1 103 ? -10.488 2.563   -0.035  1.00 7.60  ? 103 ASP A N   1 
ATOM   778  C CA  . ASP A 1 103 ? -11.422 3.159   -1.012  1.00 7.68  ? 103 ASP A CA  1 
ATOM   779  C C   . ASP A 1 103 ? -10.705 3.469   -2.323  1.00 8.20  ? 103 ASP A C   1 
ATOM   780  O O   . ASP A 1 103 ? -11.218 3.187   -3.390  1.00 7.50  ? 103 ASP A O   1 
ATOM   781  C CB  . ASP A 1 103 ? -12.063 4.438   -0.470  1.00 8.02  ? 103 ASP A CB  1 
ATOM   782  C CG  . ASP A 1 103 ? -13.079 4.173   0.624   1.00 7.24  ? 103 ASP A CG  1 
ATOM   783  O OD1 . ASP A 1 103 ? -13.362 5.104   1.418   1.00 8.43  ? 103 ASP A OD1 1 
ATOM   784  O OD2 . ASP A 1 103 ? -13.651 3.086   0.767   1.00 5.86  ? 103 ASP A OD2 1 
ATOM   785  N N   . LEU A 1 104 ? -9.503  4.033   -2.231  1.00 9.27  ? 104 LEU A N   1 
ATOM   786  C CA  . LEU A 1 104 ? -8.679  4.334   -3.401  1.00 10.01 ? 104 LEU A CA  1 
ATOM   787  C C   . LEU A 1 104 ? -8.332  3.079   -4.188  1.00 10.36 ? 104 LEU A C   1 
ATOM   788  O O   . LEU A 1 104 ? -8.425  3.065   -5.413  1.00 10.06 ? 104 LEU A O   1 
ATOM   789  C CB  . LEU A 1 104 ? -7.363  5.001   -2.991  1.00 10.39 ? 104 LEU A CB  1 
ATOM   790  C CG  . LEU A 1 104 ? -7.411  6.513   -2.956  1.00 12.91 ? 104 LEU A CG  1 
ATOM   791  C CD1 . LEU A 1 104 ? -6.352  7.053   -1.991  1.00 14.77 ? 104 LEU A CD1 1 
ATOM   792  C CD2 . LEU A 1 104 ? -7.288  7.120   -4.403  1.00 13.89 ? 104 LEU A CD2 1 
ATOM   793  N N   . HIS A 1 105 ? -7.929  2.038   -3.475  1.00 10.62 ? 105 HIS A N   1 
ATOM   794  C CA  . HIS A 1 105 ? -7.594  0.754   -4.082  1.00 11.63 ? 105 HIS A CA  1 
ATOM   795  C C   . HIS A 1 105 ? -8.803  0.170   -4.842  1.00 11.06 ? 105 HIS A C   1 
ATOM   796  O O   . HIS A 1 105 ? -8.687  -0.261  -5.997  1.00 9.94  ? 105 HIS A O   1 
ATOM   797  C CB  . HIS A 1 105 ? -7.100  -0.218  -2.993  1.00 11.76 ? 105 HIS A CB  1 
ATOM   798  C CG  . HIS A 1 105 ? -7.056  -1.655  -3.424  1.00 16.69 ? 105 HIS A CG  1 
ATOM   799  N ND1 . HIS A 1 105 ? -6.047  -2.173  -4.208  1.00 21.20 ? 105 HIS A ND1 1 
ATOM   800  C CD2 . HIS A 1 105 ? -7.898  -2.689  -3.171  1.00 20.71 ? 105 HIS A CD2 1 
ATOM   801  C CE1 . HIS A 1 105 ? -6.269  -3.459  -4.422  1.00 20.19 ? 105 HIS A CE1 1 
ATOM   802  N NE2 . HIS A 1 105 ? -7.382  -3.798  -3.798  1.00 21.85 ? 105 HIS A NE2 1 
ATOM   803  N N   . ALA A 1 106 ? -9.959  0.163   -4.191  1.00 10.64 ? 106 ALA A N   1 
ATOM   804  C CA  . ALA A 1 106 ? -11.170 -0.351  -4.802  1.00 11.47 ? 106 ALA A CA  1 
ATOM   805  C C   . ALA A 1 106 ? -11.471 0.352   -6.124  1.00 12.33 ? 106 ALA A C   1 
ATOM   806  O O   . ALA A 1 106 ? -11.923 -0.293  -7.058  1.00 12.81 ? 106 ALA A O   1 
ATOM   807  C CB  . ALA A 1 106 ? -12.346 -0.222  -3.852  1.00 11.82 ? 106 ALA A CB  1 
ATOM   808  N N   . ALA A 1 107 ? -11.221 1.659   -6.200  1.00 13.26 ? 107 ALA A N   1 
ATOM   809  C CA  . ALA A 1 107 ? -11.451 2.430   -7.434  1.00 14.12 ? 107 ALA A CA  1 
ATOM   810  C C   . ALA A 1 107 ? -10.472 2.016   -8.539  1.00 15.20 ? 107 ALA A C   1 
ATOM   811  O O   . ALA A 1 107 ? -10.880 1.698   -9.653  1.00 15.17 ? 107 ALA A O   1 
ATOM   812  C CB  . ALA A 1 107 ? -11.326 3.922   -7.155  1.00 14.15 ? 107 ALA A CB  1 
ATOM   813  N N   . PHE A 1 108 ? -9.180  1.999   -8.217  1.00 16.50 ? 108 PHE A N   1 
ATOM   814  C CA  . PHE A 1 108 ? -8.139  1.617   -9.185  1.00 17.63 ? 108 PHE A CA  1 
ATOM   815  C C   . PHE A 1 108 ? -8.268  0.153   -9.680  1.00 18.71 ? 108 PHE A C   1 
ATOM   816  O O   . PHE A 1 108 ? -7.999  -0.147  -10.848 1.00 18.48 ? 108 PHE A O   1 
ATOM   817  C CB  . PHE A 1 108 ? -6.756  1.817   -8.566  1.00 18.00 ? 108 PHE A CB  1 
ATOM   818  C CG  . PHE A 1 108 ? -6.170  3.177   -8.790  1.00 18.27 ? 108 PHE A CG  1 
ATOM   819  C CD1 . PHE A 1 108 ? -5.385  3.433   -9.913  1.00 19.14 ? 108 PHE A CD1 1 
ATOM   820  C CD2 . PHE A 1 108 ? -6.374  4.191   -7.871  1.00 17.63 ? 108 PHE A CD2 1 
ATOM   821  C CE1 . PHE A 1 108 ? -4.834  4.677   -10.110 1.00 18.45 ? 108 PHE A CE1 1 
ATOM   822  C CE2 . PHE A 1 108 ? -5.823  5.426   -8.056  1.00 18.89 ? 108 PHE A CE2 1 
ATOM   823  C CZ  . PHE A 1 108 ? -5.047  5.675   -9.181  1.00 19.47 ? 108 PHE A CZ  1 
ATOM   824  N N   . SER A 1 109 ? -8.699  -0.744  -8.802  1.00 19.47 ? 109 SER A N   1 
ATOM   825  C CA  . SER A 1 109 ? -8.749  -2.162  -9.118  1.00 20.81 ? 109 SER A CA  1 
ATOM   826  C C   . SER A 1 109 ? -9.704  -2.494  -10.268 1.00 21.25 ? 109 SER A C   1 
ATOM   827  O O   . SER A 1 109 ? -9.529  -3.507  -10.934 1.00 20.73 ? 109 SER A O   1 
ATOM   828  C CB  . SER A 1 109 ? -9.135  -2.977  -7.882  1.00 21.07 ? 109 SER A CB  1 
ATOM   829  O OG  . SER A 1 109 ? -10.506 -2.771  -7.577  1.00 23.74 ? 109 SER A OG  1 
ATOM   830  N N   . GLY A 1 110 ? -10.714 -1.651  -10.497 1.00 22.16 ? 110 GLY A N   1 
ATOM   831  C CA  . GLY A 1 110 ? -11.626 -1.844  -11.617 1.00 22.88 ? 110 GLY A CA  1 
ATOM   832  C C   . GLY A 1 110 ? -10.915 -1.781  -12.954 1.00 23.61 ? 110 GLY A C   1 
ATOM   833  O O   . GLY A 1 110 ? -11.338 -2.395  -13.928 1.00 23.93 ? 110 GLY A O   1 
ATOM   834  N N   . LEU A 1 111 ? -9.814  -1.034  -12.975 1.00 24.74 ? 111 LEU A N   1 
ATOM   835  C CA  . LEU A 1 111 ? -8.970  -0.832  -14.147 1.00 25.52 ? 111 LEU A CA  1 
ATOM   836  C C   . LEU A 1 111 ? -8.285  -2.089  -14.622 1.00 26.79 ? 111 LEU A C   1 
ATOM   837  O O   . LEU A 1 111 ? -7.798  -2.139  -15.751 1.00 26.82 ? 111 LEU A O   1 
ATOM   838  C CB  . LEU A 1 111 ? -7.889  0.205   -13.823 1.00 25.34 ? 111 LEU A CB  1 
ATOM   839  C CG  . LEU A 1 111 ? -7.540  1.299   -14.827 1.00 25.67 ? 111 LEU A CG  1 
ATOM   840  C CD1 . LEU A 1 111 ? -8.774  1.859   -15.518 1.00 25.42 ? 111 LEU A CD1 1 
ATOM   841  C CD2 . LEU A 1 111 ? -6.767  2.404   -14.114 1.00 24.54 ? 111 LEU A CD2 1 
ATOM   842  N N   . PHE A 1 112 ? -8.218  -3.086  -13.750 1.00 28.28 ? 112 PHE A N   1 
ATOM   843  C CA  . PHE A 1 112 ? -7.447  -4.289  -13.998 1.00 29.69 ? 112 PHE A CA  1 
ATOM   844  C C   . PHE A 1 112 ? -8.324  -5.528  -14.162 1.00 30.33 ? 112 PHE A C   1 
ATOM   845  O O   . PHE A 1 112 ? -7.808  -6.644  -14.275 1.00 30.52 ? 112 PHE A O   1 
ATOM   846  C CB  . PHE A 1 112 ? -6.434  -4.473  -12.861 1.00 29.96 ? 112 PHE A CB  1 
ATOM   847  C CG  . PHE A 1 112 ? -5.432  -3.351  -12.766 1.00 31.17 ? 112 PHE A CG  1 
ATOM   848  C CD1 . PHE A 1 112 ? -4.374  -3.274  -13.668 1.00 33.07 ? 112 PHE A CD1 1 
ATOM   849  C CD2 . PHE A 1 112 ? -5.555  -2.365  -11.794 1.00 31.90 ? 112 PHE A CD2 1 
ATOM   850  C CE1 . PHE A 1 112 ? -3.448  -2.233  -13.596 1.00 33.65 ? 112 PHE A CE1 1 
ATOM   851  C CE2 . PHE A 1 112 ? -4.636  -1.319  -11.711 1.00 32.54 ? 112 PHE A CE2 1 
ATOM   852  C CZ  . PHE A 1 112 ? -3.580  -1.251  -12.608 1.00 33.62 ? 112 PHE A CZ  1 
ATOM   853  N N   . ALA A 1 113 ? -9.643  -5.341  -14.191 1.00 31.10 ? 113 ALA A N   1 
ATOM   854  C CA  . ALA A 1 113 ? -10.544 -6.448  -14.477 1.00 31.69 ? 113 ALA A CA  1 
ATOM   855  C C   . ALA A 1 113 ? -10.305 -6.961  -15.910 1.00 32.30 ? 113 ALA A C   1 
ATOM   856  O O   . ALA A 1 113 ? -9.964  -6.175  -16.802 1.00 32.13 ? 113 ALA A O   1 
ATOM   857  C CB  . ALA A 1 113 ? -11.978 -6.019  -14.302 1.00 31.83 ? 113 ALA A CB  1 
ATOM   858  N N   . PRO A 1 114 ? -10.458 -8.269  -16.133 1.00 33.04 ? 114 PRO A N   1 
ATOM   859  C CA  . PRO A 1 114 ? -10.316 -8.828  -17.493 1.00 33.16 ? 114 PRO A CA  1 
ATOM   860  C C   . PRO A 1 114 ? -11.531 -8.503  -18.370 1.00 33.11 ? 114 PRO A C   1 
ATOM   861  O O   . PRO A 1 114 ? -12.630 -8.310  -17.837 1.00 33.21 ? 114 PRO A O   1 
ATOM   862  C CB  . PRO A 1 114 ? -10.177 -10.342 -17.262 1.00 33.18 ? 114 PRO A CB  1 
ATOM   863  C CG  . PRO A 1 114 ? -10.673 -10.617 -15.851 1.00 33.36 ? 114 PRO A CG  1 
ATOM   864  C CD  . PRO A 1 114 ? -10.784 -9.303  -15.125 1.00 33.19 ? 114 PRO A CD  1 
ATOM   865  N N   . ASN A 1 115 ? -11.333 -8.436  -19.686 1.00 32.98 ? 115 ASN A N   1 
ATOM   866  C CA  . ASN A 1 115 ? -12.410 -8.057  -20.615 1.00 32.92 ? 115 ASN A CA  1 
ATOM   867  C C   . ASN A 1 115 ? -13.155 -6.788  -20.152 1.00 31.90 ? 115 ASN A C   1 
ATOM   868  O O   . ASN A 1 115 ? -14.390 -6.762  -20.072 1.00 31.87 ? 115 ASN A O   1 
ATOM   869  C CB  . ASN A 1 115 ? -13.400 -9.221  -20.804 1.00 33.33 ? 115 ASN A CB  1 
ATOM   870  C CG  . ASN A 1 115 ? -12.794 -10.402 -21.568 1.00 35.08 ? 115 ASN A CG  1 
ATOM   871  O OD1 . ASN A 1 115 ? -11.616 -10.742 -21.393 1.00 37.81 ? 115 ASN A OD1 1 
ATOM   872  N ND2 . ASN A 1 115 ? -13.606 -11.037 -22.415 1.00 36.20 ? 115 ASN A ND2 1 
ATOM   873  N N   . LEU A 1 116 ? -12.391 -5.751  -19.814 1.00 30.53 ? 116 LEU A N   1 
ATOM   874  C CA  . LEU A 1 116 ? -12.963 -4.460  -19.425 1.00 29.43 ? 116 LEU A CA  1 
ATOM   875  C C   . LEU A 1 116 ? -13.383 -3.699  -20.690 1.00 28.33 ? 116 LEU A C   1 
ATOM   876  O O   . LEU A 1 116 ? -12.529 -3.316  -21.492 1.00 27.84 ? 116 LEU A O   1 
ATOM   877  C CB  . LEU A 1 116 ? -11.928 -3.646  -18.629 1.00 29.23 ? 116 LEU A CB  1 
ATOM   878  C CG  . LEU A 1 116 ? -12.348 -2.301  -18.024 1.00 28.58 ? 116 LEU A CG  1 
ATOM   879  C CD1 . LEU A 1 116 ? -13.362 -2.497  -16.897 1.00 28.14 ? 116 LEU A CD1 1 
ATOM   880  C CD2 . LEU A 1 116 ? -11.124 -1.535  -17.523 1.00 27.13 ? 116 LEU A CD2 1 
ATOM   881  N N   . SER A 1 117 ? -14.688 -3.492  -20.876 1.00 27.16 ? 117 SER A N   1 
ATOM   882  C CA  . SER A 1 117 ? -15.166 -2.678  -22.002 1.00 26.50 ? 117 SER A CA  1 
ATOM   883  C C   . SER A 1 117 ? -14.727 -1.216  -21.836 1.00 25.88 ? 117 SER A C   1 
ATOM   884  O O   . SER A 1 117 ? -14.476 -0.751  -20.728 1.00 24.53 ? 117 SER A O   1 
ATOM   885  C CB  . SER A 1 117 ? -16.696 -2.746  -22.144 1.00 26.69 ? 117 SER A CB  1 
ATOM   886  O OG  . SER A 1 117 ? -17.359 -2.051  -21.095 1.00 25.63 ? 117 SER A OG  1 
ATOM   887  N N   . GLU A 1 118 ? -14.630 -0.499  -22.945 1.00 25.37 ? 118 GLU A N   1 
ATOM   888  C CA  . GLU A 1 118 ? -14.325 0.924   -22.918 1.00 25.30 ? 118 GLU A CA  1 
ATOM   889  C C   . GLU A 1 118 ? -15.299 1.727   -22.076 1.00 24.26 ? 118 GLU A C   1 
ATOM   890  O O   . GLU A 1 118 ? -14.908 2.586   -21.307 1.00 23.30 ? 118 GLU A O   1 
ATOM   891  C CB  . GLU A 1 118 ? -14.290 1.484   -24.333 1.00 25.74 ? 118 GLU A CB  1 
ATOM   892  C CG  . GLU A 1 118 ? -13.152 0.944   -25.174 1.00 28.18 ? 118 GLU A CG  1 
ATOM   893  C CD  . GLU A 1 118 ? -13.121 1.546   -26.562 1.00 31.58 ? 118 GLU A CD  1 
ATOM   894  O OE1 . GLU A 1 118 ? -13.732 0.957   -27.479 1.00 32.83 ? 118 GLU A OE1 1 
ATOM   895  O OE2 . GLU A 1 118 ? -12.499 2.609   -26.722 1.00 32.10 ? 118 GLU A OE2 1 
ATOM   896  N N   . GLU A 1 119 ? -16.575 1.436   -22.245 1.00 23.71 ? 119 GLU A N   1 
ATOM   897  C CA  . GLU A 1 119 ? -17.637 2.093   -21.482 1.00 24.02 ? 119 GLU A CA  1 
ATOM   898  C C   . GLU A 1 119 ? -17.470 1.862   -19.971 1.00 22.80 ? 119 GLU A C   1 
ATOM   899  O O   . GLU A 1 119 ? -17.558 2.806   -19.181 1.00 22.52 ? 119 GLU A O   1 
ATOM   900  C CB  . GLU A 1 119 ? -19.032 1.628   -21.953 1.00 24.76 ? 119 GLU A CB  1 
ATOM   901  C CG  . GLU A 1 119 ? -20.190 2.334   -21.245 1.00 28.16 ? 119 GLU A CG  1 
ATOM   902  C CD  . GLU A 1 119 ? -21.581 1.933   -21.743 1.00 32.85 ? 119 GLU A CD  1 
ATOM   903  O OE1 . GLU A 1 119 ? -21.696 1.175   -22.740 1.00 35.76 ? 119 GLU A OE1 1 
ATOM   904  O OE2 . GLU A 1 119 ? -22.579 2.375   -21.118 1.00 35.88 ? 119 GLU A OE2 1 
ATOM   905  N N   . ALA A 1 120 ? -17.227 0.614   -19.583 1.00 21.05 ? 120 ALA A N   1 
ATOM   906  C CA  . ALA A 1 120 ? -17.007 0.278   -18.179 1.00 20.62 ? 120 ALA A CA  1 
ATOM   907  C C   . ALA A 1 120 ? -15.758 0.996   -17.648 1.00 19.84 ? 120 ALA A C   1 
ATOM   908  O O   . ALA A 1 120 ? -15.761 1.512   -16.542 1.00 20.08 ? 120 ALA A O   1 
ATOM   909  C CB  . ALA A 1 120 ? -16.870 -1.238  -17.999 1.00 19.95 ? 120 ALA A CB  1 
ATOM   910  N N   . ARG A 1 121 ? -14.705 1.019   -18.460 1.00 18.96 ? 121 ARG A N   1 
ATOM   911  C CA  . ARG A 1 121 ? -13.458 1.703   -18.134 1.00 18.36 ? 121 ARG A CA  1 
ATOM   912  C C   . ARG A 1 121 ? -13.671 3.199   -17.865 1.00 17.69 ? 121 ARG A C   1 
ATOM   913  O O   . ARG A 1 121 ? -13.038 3.754   -16.968 1.00 16.73 ? 121 ARG A O   1 
ATOM   914  C CB  . ARG A 1 121 ? -12.436 1.510   -19.261 1.00 18.54 ? 121 ARG A CB  1 
ATOM   915  C CG  . ARG A 1 121 ? -11.035 2.023   -18.946 1.00 18.95 ? 121 ARG A CG  1 
ATOM   916  C CD  . ARG A 1 121 ? -10.057 1.918   -20.115 1.00 19.71 ? 121 ARG A CD  1 
ATOM   917  N NE  . ARG A 1 121 ? -8.865  2.724   -19.857 1.00 19.71 ? 121 ARG A NE  1 
ATOM   918  C CZ  . ARG A 1 121 ? -8.779  4.040   -20.073 1.00 20.19 ? 121 ARG A CZ  1 
ATOM   919  N NH1 . ARG A 1 121 ? -9.810  4.722   -20.572 1.00 19.13 ? 121 ARG A NH1 1 
ATOM   920  N NH2 . ARG A 1 121 ? -7.647  4.677   -19.787 1.00 18.40 ? 121 ARG A NH2 1 
ATOM   921  N N   . ALA A 1 122 ? -14.558 3.843   -18.629 1.00 16.80 ? 122 ALA A N   1 
ATOM   922  C CA  . ALA A 1 122 ? -14.840 5.260   -18.430 1.00 16.54 ? 122 ALA A CA  1 
ATOM   923  C C   . ALA A 1 122 ? -15.387 5.485   -17.027 1.00 16.41 ? 122 ALA A C   1 
ATOM   924  O O   . ALA A 1 122 ? -14.990 6.428   -16.358 1.00 16.41 ? 122 ALA A O   1 
ATOM   925  C CB  . ALA A 1 122 ? -15.815 5.780   -19.460 1.00 16.15 ? 122 ALA A CB  1 
ATOM   926  N N   . GLY A 1 123 ? -16.312 4.629   -16.603 1.00 16.22 ? 123 GLY A N   1 
ATOM   927  C CA  . GLY A 1 123 ? -16.849 4.689   -15.252 1.00 16.15 ? 123 GLY A CA  1 
ATOM   928  C C   . GLY A 1 123 ? -15.791 4.527   -14.169 1.00 15.64 ? 123 GLY A C   1 
ATOM   929  O O   . GLY A 1 123 ? -15.811 5.251   -13.176 1.00 15.76 ? 123 GLY A O   1 
ATOM   930  N N   . VAL A 1 124 ? -14.879 3.575   -14.368 1.00 15.03 ? 124 VAL A N   1 
ATOM   931  C CA  . VAL A 1 124 ? -13.755 3.319   -13.451 1.00 14.71 ? 124 VAL A CA  1 
ATOM   932  C C   . VAL A 1 124 ? -12.873 4.558   -13.364 1.00 14.14 ? 124 VAL A C   1 
ATOM   933  O O   . VAL A 1 124 ? -12.475 4.971   -12.283 1.00 13.93 ? 124 VAL A O   1 
ATOM   934  C CB  . VAL A 1 124 ? -12.912 2.088   -13.930 1.00 14.71 ? 124 VAL A CB  1 
ATOM   935  C CG1 . VAL A 1 124 ? -11.598 1.950   -13.168 1.00 16.02 ? 124 VAL A CG1 1 
ATOM   936  C CG2 . VAL A 1 124 ? -13.716 0.807   -13.788 1.00 16.15 ? 124 VAL A CG2 1 
ATOM   937  N N   . ILE A 1 125 ? -12.591 5.158   -14.512 1.00 13.08 ? 125 ILE A N   1 
ATOM   938  C CA  . ILE A 1 125 ? -11.730 6.322   -14.586 1.00 12.65 ? 125 ILE A CA  1 
ATOM   939  C C   . ILE A 1 125 ? -12.369 7.486   -13.852 1.00 12.77 ? 125 ILE A C   1 
ATOM   940  O O   . ILE A 1 125 ? -11.675 8.203   -13.143 1.00 12.73 ? 125 ILE A O   1 
ATOM   941  C CB  . ILE A 1 125 ? -11.443 6.724   -16.052 1.00 12.30 ? 125 ILE A CB  1 
ATOM   942  C CG1 . ILE A 1 125 ? -10.551 5.689   -16.744 1.00 12.90 ? 125 ILE A CG1 1 
ATOM   943  C CG2 . ILE A 1 125 ? -10.798 8.097   -16.120 1.00 12.55 ? 125 ILE A CG2 1 
ATOM   944  C CD1 . ILE A 1 125 ? -9.120  5.659   -16.236 1.00 13.05 ? 125 ILE A CD1 1 
ATOM   945  N N   . ALA A 1 126 ? -13.675 7.673   -14.022 1.00 12.84 ? 126 ALA A N   1 
ATOM   946  C CA  . ALA A 1 126 ? -14.395 8.753   -13.329 1.00 13.63 ? 126 ALA A CA  1 
ATOM   947  C C   . ALA A 1 126 ? -14.343 8.565   -11.813 1.00 13.54 ? 126 ALA A C   1 
ATOM   948  O O   . ALA A 1 126 ? -14.220 9.530   -11.093 1.00 13.58 ? 126 ALA A O   1 
ATOM   949  C CB  . ALA A 1 126 ? -15.855 8.830   -13.778 1.00 13.70 ? 126 ALA A CB  1 
ATOM   950  N N   . ASN A 1 127 ? -14.455 7.324   -11.353 1.00 14.08 ? 127 ASN A N   1 
ATOM   951  C CA  . ASN A 1 127 ? -14.330 7.001   -9.923  1.00 15.04 ? 127 ASN A CA  1 
ATOM   952  C C   . ASN A 1 127 ? -12.928 7.261   -9.414  1.00 14.38 ? 127 ASN A C   1 
ATOM   953  O O   . ASN A 1 127 ? -12.754 7.799   -8.322  1.00 14.12 ? 127 ASN A O   1 
ATOM   954  C CB  . ASN A 1 127 ? -14.717 5.541   -9.642  1.00 15.55 ? 127 ASN A CB  1 
ATOM   955  C CG  . ASN A 1 127 ? -15.036 5.286   -8.167  1.00 18.67 ? 127 ASN A CG  1 
ATOM   956  O OD1 . ASN A 1 127 ? -14.655 4.251   -7.595  1.00 22.83 ? 127 ASN A OD1 1 
ATOM   957  N ND2 . ASN A 1 127 ? -15.750 6.224   -7.548  1.00 23.31 ? 127 ASN A ND2 1 
ATOM   958  N N   . ILE A 1 128 ? -11.929 6.897   -10.218 1.00 14.40 ? 128 ILE A N   1 
ATOM   959  C CA  . ILE A 1 128 ? -10.539 7.160   -9.862  1.00 14.36 ? 128 ILE A CA  1 
ATOM   960  C C   . ILE A 1 128 ? -10.314 8.646   -9.698  1.00 14.84 ? 128 ILE A C   1 
ATOM   961  O O   . ILE A 1 128 ? -9.746  9.067   -8.692  1.00 14.17 ? 128 ILE A O   1 
ATOM   962  C CB  . ILE A 1 128 ? -9.566  6.562   -10.894 1.00 14.18 ? 128 ILE A CB  1 
ATOM   963  C CG1 . ILE A 1 128 ? -9.524  5.048   -10.739 1.00 14.44 ? 128 ILE A CG1 1 
ATOM   964  C CG2 . ILE A 1 128 ? -8.175  7.141   -10.720 1.00 13.94 ? 128 ILE A CG2 1 
ATOM   965  C CD1 . ILE A 1 128 ? -8.903  4.314   -11.912 1.00 14.95 ? 128 ILE A CD1 1 
ATOM   966  N N   . ASN A 1 129 ? -10.768 9.443   -10.674 1.00 15.43 ? 129 ASN A N   1 
ATOM   967  C CA  . ASN A 1 129 ? -10.654 10.907  -10.586 1.00 16.18 ? 129 ASN A CA  1 
ATOM   968  C C   . ASN A 1 129 ? -11.319 11.433  -9.315  1.00 15.56 ? 129 ASN A C   1 
ATOM   969  O O   . ASN A 1 129 ? -10.780 12.277  -8.646  1.00 15.15 ? 129 ASN A O   1 
ATOM   970  C CB  . ASN A 1 129 ? -11.261 11.617  -11.820 1.00 17.16 ? 129 ASN A CB  1 
ATOM   971  C CG  . ASN A 1 129 ? -10.617 11.173  -13.164 1.00 19.69 ? 129 ASN A CG  1 
ATOM   972  O OD1 . ASN A 1 129 ? -9.473  10.705  -13.213 1.00 22.37 ? 129 ASN A OD1 1 
ATOM   973  N ND2 . ASN A 1 129 ? -11.379 11.315  -14.254 1.00 24.59 ? 129 ASN A ND2 1 
ATOM   974  N N   . ARG A 1 130 ? -12.487 10.907  -8.976  1.00 15.97 ? 130 ARG A N   1 
ATOM   975  C CA  . ARG A 1 130 ? -13.199 11.318  -7.774  1.00 16.22 ? 130 ARG A CA  1 
ATOM   976  C C   . ARG A 1 130 ? -12.440 10.960  -6.497  1.00 15.21 ? 130 ARG A C   1 
ATOM   977  O O   . ARG A 1 130 ? -12.367 11.773  -5.575  1.00 14.74 ? 130 ARG A O   1 
ATOM   978  C CB  . ARG A 1 130 ? -14.578 10.678  -7.737  1.00 17.30 ? 130 ARG A CB  1 
ATOM   979  C CG  . ARG A 1 130 ? -15.349 10.964  -6.461  1.00 21.38 ? 130 ARG A CG  1 
ATOM   980  C CD  . ARG A 1 130 ? -16.773 10.438  -6.483  1.00 26.82 ? 130 ARG A CD  1 
ATOM   981  N NE  . ARG A 1 130 ? -16.828 9.008   -6.142  1.00 29.78 ? 130 ARG A NE  1 
ATOM   982  C CZ  . ARG A 1 130 ? -17.114 8.506   -4.931  1.00 31.58 ? 130 ARG A CZ  1 
ATOM   983  N NH1 . ARG A 1 130 ? -17.363 9.297   -3.878  1.00 30.67 ? 130 ARG A NH1 1 
ATOM   984  N NH2 . ARG A 1 130 ? -17.146 7.182   -4.775  1.00 31.95 ? 130 ARG A NH2 1 
ATOM   985  N N   . ARG A 1 131 ? -11.872 9.757   -6.442  1.00 14.07 ? 131 ARG A N   1 
ATOM   986  C CA  . ARG A 1 131 ? -11.125 9.316   -5.249  1.00 13.23 ? 131 ARG A CA  1 
ATOM   987  C C   . ARG A 1 131 ? -9.834  10.119  -5.105  1.00 12.72 ? 131 ARG A C   1 
ATOM   988  O O   . ARG A 1 131 ? -9.459  10.488  -4.003  1.00 12.07 ? 131 ARG A O   1 
ATOM   989  C CB  . ARG A 1 131 ? -10.815 7.813   -5.295  1.00 12.61 ? 131 ARG A CB  1 
ATOM   990  C CG  . ARG A 1 131 ? -12.020 6.891   -5.082  1.00 13.00 ? 131 ARG A CG  1 
ATOM   991  C CD  . ARG A 1 131 ? -12.965 7.349   -3.986  1.00 13.15 ? 131 ARG A CD  1 
ATOM   992  N NE  . ARG A 1 131 ? -13.882 6.319   -3.518  1.00 12.32 ? 131 ARG A NE  1 
ATOM   993  C CZ  . ARG A 1 131 ? -14.739 6.503   -2.512  1.00 13.27 ? 131 ARG A CZ  1 
ATOM   994  N NH1 . ARG A 1 131 ? -14.801 7.666   -1.879  1.00 12.12 ? 131 ARG A NH1 1 
ATOM   995  N NH2 . ARG A 1 131 ? -15.552 5.527   -2.142  1.00 12.52 ? 131 ARG A NH2 1 
ATOM   996  N N   . LEU A 1 132 ? -9.176  10.385  -6.232  1.00 12.32 ? 132 LEU A N   1 
ATOM   997  C CA  . LEU A 1 132 ? -7.944  11.165  -6.253  1.00 12.13 ? 132 LEU A CA  1 
ATOM   998  C C   . LEU A 1 132 ? -8.205  12.606  -5.872  1.00 12.05 ? 132 LEU A C   1 
ATOM   999  O O   . LEU A 1 132 ? -7.365  13.223  -5.212  1.00 12.24 ? 132 LEU A O   1 
ATOM   1000 C CB  . LEU A 1 132 ? -7.261  11.110  -7.623  1.00 12.20 ? 132 LEU A CB  1 
ATOM   1001 C CG  . LEU A 1 132 ? -6.575  9.779   -7.964  1.00 13.62 ? 132 LEU A CG  1 
ATOM   1002 C CD1 . LEU A 1 132 ? -6.225  9.707   -9.435  1.00 15.32 ? 132 LEU A CD1 1 
ATOM   1003 C CD2 . LEU A 1 132 ? -5.323  9.596   -7.137  1.00 15.81 ? 132 LEU A CD2 1 
ATOM   1004 N N   . GLY A 1 133 ? -9.346  13.143  -6.298  1.00 11.45 ? 133 GLY A N   1 
ATOM   1005 C CA  . GLY A 1 133 ? -9.767  14.474  -5.896  1.00 11.61 ? 133 GLY A CA  1 
ATOM   1006 C C   . GLY A 1 133 ? -10.010 14.566  -4.392  1.00 11.13 ? 133 GLY A C   1 
ATOM   1007 O O   . GLY A 1 133 ? -9.712  15.578  -3.744  1.00 10.92 ? 133 GLY A O   1 
ATOM   1008 N N   . GLN A 1 134 ? -10.548 13.495  -3.828  1.00 10.47 ? 134 GLN A N   1 
ATOM   1009 C CA  . GLN A 1 134 ? -10.793 13.427  -2.403  1.00 10.17 ? 134 GLN A CA  1 
ATOM   1010 C C   . GLN A 1 134 ? -9.476  13.329  -1.619  1.00 9.64  ? 134 GLN A C   1 
ATOM   1011 O O   . GLN A 1 134 ? -9.318  13.986  -0.588  1.00 8.36  ? 134 GLN A O   1 
ATOM   1012 C CB  . GLN A 1 134 ? -11.755 12.267  -2.079  1.00 10.62 ? 134 GLN A CB  1 
ATOM   1013 C CG  . GLN A 1 134 ? -13.210 12.569  -2.475  1.00 10.60 ? 134 GLN A CG  1 
ATOM   1014 C CD  . GLN A 1 134 ? -14.076 11.341  -2.579  1.00 11.06 ? 134 GLN A CD  1 
ATOM   1015 O OE1 . GLN A 1 134 ? -15.300 11.438  -2.789  1.00 13.57 ? 134 GLN A OE1 1 
ATOM   1016 N NE2 . GLN A 1 134 ? -13.470 10.191  -2.443  1.00 6.27  ? 134 GLN A NE2 1 
ATOM   1017 N N   . LEU A 1 135 ? -8.529  12.556  -2.137  1.00 9.68  ? 135 LEU A N   1 
ATOM   1018 C CA  . LEU A 1 135 ? -7.214  12.413  -1.528  1.00 9.96  ? 135 LEU A CA  1 
ATOM   1019 C C   . LEU A 1 135 ? -6.497  13.755  -1.530  1.00 10.13 ? 135 LEU A C   1 
ATOM   1020 O O   . LEU A 1 135 ? -5.946  14.160  -0.517  1.00 9.30  ? 135 LEU A O   1 
ATOM   1021 C CB  . LEU A 1 135 ? -6.362  11.370  -2.277  1.00 10.36 ? 135 LEU A CB  1 
ATOM   1022 C CG  . LEU A 1 135 ? -4.893  11.268  -1.851  1.00 10.93 ? 135 LEU A CG  1 
ATOM   1023 C CD1 . LEU A 1 135 ? -4.775  10.704  -0.439  1.00 13.79 ? 135 LEU A CD1 1 
ATOM   1024 C CD2 . LEU A 1 135 ? -4.107  10.412  -2.821  1.00 12.35 ? 135 LEU A CD2 1 
ATOM   1025 N N   . GLU A 1 136 ? -6.517  14.433  -2.674  1.00 10.23 ? 136 GLU A N   1 
ATOM   1026 C CA  . GLU A 1 136 ? -5.868  15.724  -2.825  1.00 10.79 ? 136 GLU A CA  1 
ATOM   1027 C C   . GLU A 1 136 ? -6.433  16.747  -1.826  1.00 11.56 ? 136 GLU A C   1 
ATOM   1028 O O   . GLU A 1 136 ? -5.681  17.525  -1.227  1.00 11.28 ? 136 GLU A O   1 
ATOM   1029 C CB  . GLU A 1 136 ? -6.028  16.216  -4.267  1.00 11.18 ? 136 GLU A CB  1 
ATOM   1030 C CG  . GLU A 1 136 ? -5.333  17.538  -4.562  1.00 10.60 ? 136 GLU A CG  1 
ATOM   1031 C CD  . GLU A 1 136 ? -3.842  17.403  -4.745  1.00 11.18 ? 136 GLU A CD  1 
ATOM   1032 O OE1 . GLU A 1 136 ? -3.314  16.255  -4.756  1.00 10.48 ? 136 GLU A OE1 1 
ATOM   1033 O OE2 . GLU A 1 136 ? -3.195  18.468  -4.874  1.00 9.97  ? 136 GLU A OE2 1 
ATOM   1034 N N   . ALA A 1 137 ? -7.750  16.725  -1.621  1.00 12.27 ? 137 ALA A N   1 
ATOM   1035 C CA  . ALA A 1 137 ? -8.378  17.639  -0.670  1.00 12.64 ? 137 ALA A CA  1 
ATOM   1036 C C   . ALA A 1 137 ? -8.016  17.295  0.789   1.00 12.85 ? 137 ALA A C   1 
ATOM   1037 O O   . ALA A 1 137 ? -7.949  18.173  1.641   1.00 12.08 ? 137 ALA A O   1 
ATOM   1038 C CB  . ALA A 1 137 ? -9.864  17.642  -0.859  1.00 12.69 ? 137 ALA A CB  1 
ATOM   1039 N N   . MET A 1 138 ? -7.784  16.014  1.049   1.00 13.20 ? 138 MET A N   1 
ATOM   1040 C CA  . MET A 1 138 ? -7.427  15.518  2.372   1.00 14.15 ? 138 MET A CA  1 
ATOM   1041 C C   . MET A 1 138 ? -6.009  15.915  2.748   1.00 14.32 ? 138 MET A C   1 
ATOM   1042 O O   . MET A 1 138 ? -5.742  16.171  3.916   1.00 13.89 ? 138 MET A O   1 
ATOM   1043 C CB  . MET A 1 138 ? -7.506  13.998  2.419   1.00 14.46 ? 138 MET A CB  1 
ATOM   1044 C CG  . MET A 1 138 ? -8.752  13.445  2.994   1.00 16.59 ? 138 MET A CG  1 
ATOM   1045 S SD  . MET A 1 138 ? -8.805  11.656  2.759   1.00 19.14 ? 138 MET A SD  1 
ATOM   1046 C CE  . MET A 1 138 ? -8.745  11.132  4.442   1.00 15.76 ? 138 MET A CE  1 
ATOM   1047 N N   . LEU A 1 139 ? -5.108  15.954  1.759   1.00 14.33 ? 139 LEU A N   1 
ATOM   1048 C CA  . LEU A 1 139 ? -3.731  16.349  1.995   1.00 14.43 ? 139 LEU A CA  1 
ATOM   1049 C C   . LEU A 1 139 ? -3.675  17.852  2.204   1.00 15.20 ? 139 LEU A C   1 
ATOM   1050 O O   . LEU A 1 139 ? -4.483  18.608  1.662   1.00 14.49 ? 139 LEU A O   1 
ATOM   1051 C CB  . LEU A 1 139 ? -2.839  15.949  0.823   1.00 14.26 ? 139 LEU A CB  1 
ATOM   1052 C CG  . LEU A 1 139 ? -2.780  14.462  0.480   1.00 13.74 ? 139 LEU A CG  1 
ATOM   1053 C CD1 . LEU A 1 139 ? -2.048  14.248  -0.855  1.00 13.17 ? 139 LEU A CD1 1 
ATOM   1054 C CD2 . LEU A 1 139 ? -2.109  13.684  1.616   1.00 14.76 ? 139 LEU A CD2 1 
ATOM   1055 N N   . SER A 1 140 ? -2.708  18.284  2.996   1.00 16.28 ? 140 SER A N   1 
ATOM   1056 C CA  . SER A 1 140 ? -2.580  19.691  3.344   1.00 17.00 ? 140 SER A CA  1 
ATOM   1057 C C   . SER A 1 140 ? -1.155  20.167  3.105   1.00 17.27 ? 140 SER A C   1 
ATOM   1058 O O   . SER A 1 140 ? -0.182  19.493  3.464   1.00 16.96 ? 140 SER A O   1 
ATOM   1059 C CB  . SER A 1 140 ? -3.000  19.916  4.794   1.00 17.67 ? 140 SER A CB  1 
ATOM   1060 O OG  . SER A 1 140 ? -2.578  21.188  5.280   1.00 18.51 ? 140 SER A OG  1 
ATOM   1061 N N   . ASP A 1 141 ? -1.045  21.337  2.490   1.00 17.55 ? 141 ASP A N   1 
ATOM   1062 C CA  . ASP A 1 141 ? 0.232   22.015  2.305   1.00 17.99 ? 141 ASP A CA  1 
ATOM   1063 C C   . ASP A 1 141 ? 0.940   22.342  3.632   1.00 17.47 ? 141 ASP A C   1 
ATOM   1064 O O   . ASP A 1 141 ? 2.129   22.645  3.644   1.00 17.27 ? 141 ASP A O   1 
ATOM   1065 C CB  . ASP A 1 141 ? 0.020   23.308  1.506   1.00 18.69 ? 141 ASP A CB  1 
ATOM   1066 C CG  . ASP A 1 141 ? -0.012  23.073  0.002   1.00 20.83 ? 141 ASP A CG  1 
ATOM   1067 O OD1 . ASP A 1 141 ? 0.714   22.184  -0.484  1.00 24.80 ? 141 ASP A OD1 1 
ATOM   1068 O OD2 . ASP A 1 141 ? -0.729  23.734  -0.776  1.00 26.00 ? 141 ASP A OD2 1 
ATOM   1069 N N   . LYS A 1 142 ? 0.209   22.278  4.740   1.00 16.90 ? 142 LYS A N   1 
ATOM   1070 C CA  . LYS A 1 142 ? 0.785   22.508  6.065   1.00 17.02 ? 142 LYS A CA  1 
ATOM   1071 C C   . LYS A 1 142 ? 1.520   21.305  6.654   1.00 16.20 ? 142 LYS A C   1 
ATOM   1072 O O   . LYS A 1 142 ? 2.208   21.451  7.673   1.00 16.67 ? 142 LYS A O   1 
ATOM   1073 C CB  . LYS A 1 142 ? -0.307  22.968  7.031   1.00 17.35 ? 142 LYS A CB  1 
ATOM   1074 C CG  . LYS A 1 142 ? -1.043  24.206  6.505   1.00 20.10 ? 142 LYS A CG  1 
ATOM   1075 C CD  . LYS A 1 142 ? -1.795  24.975  7.604   1.00 23.39 ? 142 LYS A CD  1 
ATOM   1076 C CE  . LYS A 1 142 ? -3.144  25.444  7.117   1.00 24.19 ? 142 LYS A CE  1 
ATOM   1077 N NZ  . LYS A 1 142 ? -4.017  24.255  6.914   1.00 27.00 ? 142 LYS A NZ  1 
ATOM   1078 N N   . ASN A 1 143 ? 1.395   20.142  6.008   1.00 15.24 ? 143 ASN A N   1 
ATOM   1079 C CA  . ASN A 1 143 ? 1.975   18.884  6.474   1.00 14.59 ? 143 ASN A CA  1 
ATOM   1080 C C   . ASN A 1 143 ? 3.032   18.327  5.512   1.00 13.85 ? 143 ASN A C   1 
ATOM   1081 O O   . ASN A 1 143 ? 2.768   18.198  4.332   1.00 13.08 ? 143 ASN A O   1 
ATOM   1082 C CB  . ASN A 1 143 ? 0.879   17.826  6.612   1.00 14.56 ? 143 ASN A CB  1 
ATOM   1083 C CG  . ASN A 1 143 ? -0.192  18.210  7.619   1.00 14.86 ? 143 ASN A CG  1 
ATOM   1084 O OD1 . ASN A 1 143 ? 0.083   18.840  8.641   1.00 14.42 ? 143 ASN A OD1 1 
ATOM   1085 N ND2 . ASN A 1 143 ? -1.423  17.806  7.341   1.00 14.91 ? 143 ASN A ND2 1 
ATOM   1086 N N   . ALA A 1 144 ? 4.204   17.948  6.024   1.00 13.21 ? 144 ALA A N   1 
ATOM   1087 C CA  . ALA A 1 144 ? 5.243   17.367  5.184   1.00 13.17 ? 144 ALA A CA  1 
ATOM   1088 C C   . ALA A 1 144 ? 4.757   16.044  4.595   1.00 12.90 ? 144 ALA A C   1 
ATOM   1089 O O   . ALA A 1 144 ? 5.030   15.722  3.453   1.00 12.52 ? 144 ALA A O   1 
ATOM   1090 C CB  . ALA A 1 144 ? 6.515   17.121  5.995   1.00 13.46 ? 144 ALA A CB  1 
ATOM   1091 N N   . TYR A 1 145 ? 4.052   15.276  5.407   1.00 12.66 ? 145 TYR A N   1 
ATOM   1092 C CA  . TYR A 1 145 ? 3.511   13.997  4.986   1.00 13.19 ? 145 TYR A CA  1 
ATOM   1093 C C   . TYR A 1 145 ? 1.988   14.010  5.215   1.00 12.76 ? 145 TYR A C   1 
ATOM   1094 O O   . TYR A 1 145 ? 1.456   14.994  5.714   1.00 13.06 ? 145 TYR A O   1 
ATOM   1095 C CB  . TYR A 1 145 ? 4.263   12.897  5.737   1.00 13.30 ? 145 TYR A CB  1 
ATOM   1096 C CG  . TYR A 1 145 ? 5.623   12.582  5.117   1.00 15.33 ? 145 TYR A CG  1 
ATOM   1097 C CD1 . TYR A 1 145 ? 6.815   12.981  5.718   1.00 17.01 ? 145 TYR A CD1 1 
ATOM   1098 C CD2 . TYR A 1 145 ? 5.707   11.873  3.930   1.00 16.23 ? 145 TYR A CD2 1 
ATOM   1099 C CE1 . TYR A 1 145 ? 8.053   12.668  5.141   1.00 16.75 ? 145 TYR A CE1 1 
ATOM   1100 C CE2 . TYR A 1 145 ? 6.924   11.573  3.346   1.00 18.33 ? 145 TYR A CE2 1 
ATOM   1101 C CZ  . TYR A 1 145 ? 8.087   11.964  3.944   1.00 18.34 ? 145 TYR A CZ  1 
ATOM   1102 O OH  . TYR A 1 145 ? 9.274   11.628  3.314   1.00 21.71 ? 145 TYR A OH  1 
ATOM   1103 N N   . TRP A 1 146 ? 1.277   12.960  4.812   1.00 12.54 ? 146 TRP A N   1 
ATOM   1104 C CA  . TRP A 1 146 ? -0.196  12.954  4.886   1.00 11.85 ? 146 TRP A CA  1 
ATOM   1105 C C   . TRP A 1 146 ? -0.690  13.416  6.262   1.00 12.16 ? 146 TRP A C   1 
ATOM   1106 O O   . TRP A 1 146 ? -1.471  14.363  6.367   1.00 11.47 ? 146 TRP A O   1 
ATOM   1107 C CB  . TRP A 1 146 ? -0.733  11.546  4.598   1.00 11.91 ? 146 TRP A CB  1 
ATOM   1108 C CG  . TRP A 1 146 ? -2.221  11.398  4.390   1.00 9.46  ? 146 TRP A CG  1 
ATOM   1109 C CD1 . TRP A 1 146 ? -3.220  12.222  4.818   1.00 9.30  ? 146 TRP A CD1 1 
ATOM   1110 C CD2 . TRP A 1 146 ? -2.856  10.319  3.722   1.00 9.57  ? 146 TRP A CD2 1 
ATOM   1111 N NE1 . TRP A 1 146 ? -4.443  11.729  4.435   1.00 8.62  ? 146 TRP A NE1 1 
ATOM   1112 C CE2 . TRP A 1 146 ? -4.245  10.550  3.767   1.00 8.64  ? 146 TRP A CE2 1 
ATOM   1113 C CE3 . TRP A 1 146 ? -2.386  9.169   3.076   1.00 8.11  ? 146 TRP A CE3 1 
ATOM   1114 C CZ2 . TRP A 1 146 ? -5.168  9.683   3.187   1.00 7.57  ? 146 TRP A CZ2 1 
ATOM   1115 C CZ3 . TRP A 1 146 ? -3.295  8.300   2.528   1.00 10.11 ? 146 TRP A CZ3 1 
ATOM   1116 C CH2 . TRP A 1 146 ? -4.685  8.557   2.587   1.00 9.37  ? 146 TRP A CH2 1 
ATOM   1117 N N   . LEU A 1 147 ? -0.226  12.747  7.313   1.00 11.94 ? 147 LEU A N   1 
ATOM   1118 C CA  . LEU A 1 147 ? -0.799  12.946  8.631   1.00 12.59 ? 147 LEU A CA  1 
ATOM   1119 C C   . LEU A 1 147 ? -0.140  14.051  9.425   1.00 12.81 ? 147 LEU A C   1 
ATOM   1120 O O   . LEU A 1 147 ? -0.605  14.361  10.504  1.00 13.18 ? 147 LEU A O   1 
ATOM   1121 C CB  . LEU A 1 147 ? -0.785  11.641  9.421   1.00 12.82 ? 147 LEU A CB  1 
ATOM   1122 C CG  . LEU A 1 147 ? -1.600  10.534  8.735   1.00 12.71 ? 147 LEU A CG  1 
ATOM   1123 C CD1 . LEU A 1 147 ? -1.504  9.249   9.554   1.00 13.68 ? 147 LEU A CD1 1 
ATOM   1124 C CD2 . LEU A 1 147 ? -3.068  10.991  8.534   1.00 13.46 ? 147 LEU A CD2 1 
ATOM   1125 N N   . GLY A 1 148 ? 0.924   14.641  8.888   1.00 12.55 ? 148 GLY A N   1 
ATOM   1126 C CA  . GLY A 1 148 ? 1.636   15.696  9.591   1.00 12.89 ? 148 GLY A CA  1 
ATOM   1127 C C   . GLY A 1 148 ? 3.130   15.703  9.304   1.00 12.51 ? 148 GLY A C   1 
ATOM   1128 O O   . GLY A 1 148 ? 3.561   15.507  8.172   1.00 12.07 ? 148 GLY A O   1 
ATOM   1129 N N   . ASP A 1 149 ? 3.914   15.921  10.357  1.00 12.52 ? 149 ASP A N   1 
ATOM   1130 C CA  . ASP A 1 149 ? 5.365   16.030  10.252  1.00 12.79 ? 149 ASP A CA  1 
ATOM   1131 C C   . ASP A 1 149 ? 6.055   14.712  9.889   1.00 12.67 ? 149 ASP A C   1 
ATOM   1132 O O   . ASP A 1 149 ? 7.143   14.720  9.310   1.00 11.97 ? 149 ASP A O   1 
ATOM   1133 C CB  . ASP A 1 149 ? 5.932   16.528  11.575  1.00 13.13 ? 149 ASP A CB  1 
ATOM   1134 C CG  . ASP A 1 149 ? 5.592   17.972  11.845  1.00 13.31 ? 149 ASP A CG  1 
ATOM   1135 O OD1 . ASP A 1 149 ? 5.113   18.670  10.930  1.00 13.90 ? 149 ASP A OD1 1 
ATOM   1136 O OD2 . ASP A 1 149 ? 5.779   18.487  12.955  1.00 14.57 ? 149 ASP A OD2 1 
ATOM   1137 N N   . ASP A 1 150 ? 5.427   13.589  10.235  1.00 12.58 ? 150 ASP A N   1 
ATOM   1138 C CA  . ASP A 1 150 ? 6.082   12.278  10.128  1.00 12.16 ? 150 ASP A CA  1 
ATOM   1139 C C   . ASP A 1 150 ? 5.490   11.388  9.058   1.00 11.67 ? 150 ASP A C   1 
ATOM   1140 O O   . ASP A 1 150 ? 4.270   11.337  8.858   1.00 11.68 ? 150 ASP A O   1 
ATOM   1141 C CB  . ASP A 1 150 ? 6.003   11.539  11.463  1.00 12.35 ? 150 ASP A CB  1 
ATOM   1142 C CG  . ASP A 1 150 ? 6.392   12.416  12.607  1.00 13.44 ? 150 ASP A CG  1 
ATOM   1143 O OD1 . ASP A 1 150 ? 5.554   12.626  13.501  1.00 15.50 ? 150 ASP A OD1 1 
ATOM   1144 O OD2 . ASP A 1 150 ? 7.503   12.966  12.666  1.00 14.69 ? 150 ASP A OD2 1 
ATOM   1145 N N   . PHE A 1 151 ? 6.386   10.657  8.406   1.00 11.49 ? 151 PHE A N   1 
ATOM   1146 C CA  . PHE A 1 151 ? 6.051   9.629   7.445   1.00 10.95 ? 151 PHE A CA  1 
ATOM   1147 C C   . PHE A 1 151 ? 5.381   8.510   8.219   1.00 10.35 ? 151 PHE A C   1 
ATOM   1148 O O   . PHE A 1 151 ? 5.868   8.123   9.283   1.00 10.34 ? 151 PHE A O   1 
ATOM   1149 C CB  . PHE A 1 151 ? 7.340   9.151   6.755   1.00 11.15 ? 151 PHE A CB  1 
ATOM   1150 C CG  . PHE A 1 151 ? 7.195   7.884   5.978   1.00 10.36 ? 151 PHE A CG  1 
ATOM   1151 C CD1 . PHE A 1 151 ? 6.601   7.889   4.721   1.00 11.40 ? 151 PHE A CD1 1 
ATOM   1152 C CD2 . PHE A 1 151 ? 7.702   6.695   6.481   1.00 9.11  ? 151 PHE A CD2 1 
ATOM   1153 C CE1 . PHE A 1 151 ? 6.487   6.718   3.989   1.00 12.10 ? 151 PHE A CE1 1 
ATOM   1154 C CE2 . PHE A 1 151 ? 7.579   5.527   5.774   1.00 11.80 ? 151 PHE A CE2 1 
ATOM   1155 C CZ  . PHE A 1 151 ? 6.969   5.532   4.515   1.00 12.16 ? 151 PHE A CZ  1 
ATOM   1156 N N   . THR A 1 152 ? 4.249   8.025   7.701   1.00 9.50  ? 152 THR A N   1 
ATOM   1157 C CA  . THR A 1 152 ? 3.520   6.902   8.283   1.00 8.90  ? 152 THR A CA  1 
ATOM   1158 C C   . THR A 1 152 ? 3.072   5.932   7.190   1.00 8.98  ? 152 THR A C   1 
ATOM   1159 O O   . THR A 1 152 ? 3.209   6.197   5.998   1.00 9.40  ? 152 THR A O   1 
ATOM   1160 C CB  . THR A 1 152 ? 2.300   7.385   9.083   1.00 8.89  ? 152 THR A CB  1 
ATOM   1161 O OG1 . THR A 1 152 ? 1.406   8.130   8.227   1.00 8.83  ? 152 THR A OG1 1 
ATOM   1162 C CG2 . THR A 1 152 ? 2.711   8.389   10.176  1.00 8.72  ? 152 THR A CG2 1 
ATOM   1163 N N   . GLN A 1 153 ? 2.549   4.795   7.622   1.00 8.59  ? 153 GLN A N   1 
ATOM   1164 C CA  . GLN A 1 153 ? 2.086   3.726   6.722   1.00 8.46  ? 153 GLN A CA  1 
ATOM   1165 C C   . GLN A 1 153 ? 1.174   4.183   5.562   1.00 7.68  ? 153 GLN A C   1 
ATOM   1166 O O   . GLN A 1 153 ? 1.363   3.745   4.445   1.00 6.55  ? 153 GLN A O   1 
ATOM   1167 C CB  . GLN A 1 153 ? 1.401   2.631   7.551   1.00 8.22  ? 153 GLN A CB  1 
ATOM   1168 C CG  . GLN A 1 153 ? 2.318   1.999   8.604   1.00 8.72  ? 153 GLN A CG  1 
ATOM   1169 C CD  . GLN A 1 153 ? 2.123   2.551   10.004  1.00 7.50  ? 153 GLN A CD  1 
ATOM   1170 O OE1 . GLN A 1 153 ? 2.090   3.757   10.187  1.00 7.72  ? 153 GLN A OE1 1 
ATOM   1171 N NE2 . GLN A 1 153 ? 1.970   1.664   10.989  1.00 8.00  ? 153 GLN A NE2 1 
ATOM   1172 N N   . PRO A 1 154 ? 0.176   5.033   5.808   1.00 7.62  ? 154 PRO A N   1 
ATOM   1173 C CA  . PRO A 1 154 ? -0.661  5.519   4.703   1.00 8.10  ? 154 PRO A CA  1 
ATOM   1174 C C   . PRO A 1 154 ? 0.128   6.334   3.652   1.00 8.02  ? 154 PRO A C   1 
ATOM   1175 O O   . PRO A 1 154 ? -0.288  6.371   2.501   1.00 7.16  ? 154 PRO A O   1 
ATOM   1176 C CB  . PRO A 1 154 ? -1.734  6.390   5.387   1.00 8.29  ? 154 PRO A CB  1 
ATOM   1177 C CG  . PRO A 1 154 ? -1.314  6.540   6.825   1.00 8.34  ? 154 PRO A CG  1 
ATOM   1178 C CD  . PRO A 1 154 ? -0.285  5.514   7.118   1.00 7.84  ? 154 PRO A CD  1 
ATOM   1179 N N   . ASP A 1 155 ? 1.239   6.962   4.036   1.00 7.67  ? 155 ASP A N   1 
ATOM   1180 C CA  . ASP A 1 155 ? 2.101   7.585   3.036   1.00 8.47  ? 155 ASP A CA  1 
ATOM   1181 C C   . ASP A 1 155 ? 2.628   6.582   2.026   1.00 8.39  ? 155 ASP A C   1 
ATOM   1182 O O   . ASP A 1 155 ? 2.580   6.837   0.828   1.00 8.73  ? 155 ASP A O   1 
ATOM   1183 C CB  . ASP A 1 155 ? 3.273   8.309   3.681   1.00 8.67  ? 155 ASP A CB  1 
ATOM   1184 C CG  . ASP A 1 155 ? 2.836   9.542   4.400   1.00 8.73  ? 155 ASP A CG  1 
ATOM   1185 O OD1 . ASP A 1 155 ? 3.144   9.644   5.589   1.00 8.74  ? 155 ASP A OD1 1 
ATOM   1186 O OD2 . ASP A 1 155 ? 2.181   10.449  3.845   1.00 8.31  ? 155 ASP A OD2 1 
ATOM   1187 N N   . ALA A 1 156 ? 3.118   5.451   2.529   1.00 8.84  ? 156 ALA A N   1 
ATOM   1188 C CA  . ALA A 1 156 ? 3.591   4.352   1.679   1.00 9.02  ? 156 ALA A CA  1 
ATOM   1189 C C   . ALA A 1 156 ? 2.439   3.776   0.826   1.00 9.03  ? 156 ALA A C   1 
ATOM   1190 O O   . ALA A 1 156 ? 2.578   3.610   -0.368  1.00 8.78  ? 156 ALA A O   1 
ATOM   1191 C CB  . ALA A 1 156 ? 4.220   3.287   2.534   1.00 8.96  ? 156 ALA A CB  1 
ATOM   1192 N N   . TYR A 1 157 ? 1.293   3.517   1.443   1.00 9.36  ? 157 TYR A N   1 
ATOM   1193 C CA  . TYR A 1 157 ? 0.143   2.974   0.719   1.00 10.19 ? 157 TYR A CA  1 
ATOM   1194 C C   . TYR A 1 157 ? -0.350  3.948   -0.386  1.00 10.74 ? 157 TYR A C   1 
ATOM   1195 O O   . TYR A 1 157 ? -0.493  3.562   -1.541  1.00 10.60 ? 157 TYR A O   1 
ATOM   1196 C CB  . TYR A 1 157 ? -0.953  2.596   1.728   1.00 10.05 ? 157 TYR A CB  1 
ATOM   1197 C CG  . TYR A 1 157 ? -2.007  1.597   1.267   1.00 11.07 ? 157 TYR A CG  1 
ATOM   1198 C CD1 . TYR A 1 157 ? -2.087  1.156   -0.057  1.00 11.03 ? 157 TYR A CD1 1 
ATOM   1199 C CD2 . TYR A 1 157 ? -2.954  1.123   2.163   1.00 10.72 ? 157 TYR A CD2 1 
ATOM   1200 C CE1 . TYR A 1 157 ? -3.071  0.265   -0.450  1.00 13.16 ? 157 TYR A CE1 1 
ATOM   1201 C CE2 . TYR A 1 157 ? -3.930  0.217   1.774   1.00 12.31 ? 157 TYR A CE2 1 
ATOM   1202 C CZ  . TYR A 1 157 ? -3.995  -0.196  0.465   1.00 13.82 ? 157 TYR A CZ  1 
ATOM   1203 O OH  . TYR A 1 157 ? -4.991  -1.082  0.079   1.00 14.65 ? 157 TYR A OH  1 
ATOM   1204 N N   . ALA A 1 158 ? -0.548  5.214   -0.044  1.00 11.48 ? 158 ALA A N   1 
ATOM   1205 C CA  . ALA A 1 158 ? -0.953  6.227   -1.018  1.00 11.93 ? 158 ALA A CA  1 
ATOM   1206 C C   . ALA A 1 158 ? 0.040   6.325   -2.158  1.00 12.19 ? 158 ALA A C   1 
ATOM   1207 O O   . ALA A 1 158 ? -0.353  6.408   -3.314  1.00 12.15 ? 158 ALA A O   1 
ATOM   1208 C CB  . ALA A 1 158 ? -1.067  7.589   -0.349  1.00 12.48 ? 158 ALA A CB  1 
ATOM   1209 N N   . SER A 1 159 ? 1.323   6.328   -1.833  1.00 12.61 ? 159 SER A N   1 
ATOM   1210 C CA  . SER A 1 159 ? 2.346   6.409   -2.860  1.00 13.70 ? 159 SER A CA  1 
ATOM   1211 C C   . SER A 1 159 ? 2.311   5.247   -3.861  1.00 13.43 ? 159 SER A C   1 
ATOM   1212 O O   . SER A 1 159 ? 2.511   5.461   -5.037  1.00 13.22 ? 159 SER A O   1 
ATOM   1213 C CB  . SER A 1 159 ? 3.716   6.528   -2.239  1.00 14.18 ? 159 SER A CB  1 
ATOM   1214 O OG  . SER A 1 159 ? 3.740   7.716   -1.464  1.00 17.66 ? 159 SER A OG  1 
ATOM   1215 N N   . VAL A 1 160 ? 2.022   4.040   -3.395  1.00 13.42 ? 160 VAL A N   1 
ATOM   1216 C CA  . VAL A 1 160 ? 1.938   2.868   -4.266  1.00 13.69 ? 160 VAL A CA  1 
ATOM   1217 C C   . VAL A 1 160 ? 0.726   2.985   -5.172  1.00 14.34 ? 160 VAL A C   1 
ATOM   1218 O O   . VAL A 1 160 ? 0.773   2.622   -6.339  1.00 13.81 ? 160 VAL A O   1 
ATOM   1219 C CB  . VAL A 1 160 ? 1.818   1.552   -3.440  1.00 13.58 ? 160 VAL A CB  1 
ATOM   1220 C CG1 . VAL A 1 160 ? 1.503   0.359   -4.334  1.00 13.60 ? 160 VAL A CG1 1 
ATOM   1221 C CG2 . VAL A 1 160 ? 3.087   1.309   -2.628  1.00 13.52 ? 160 VAL A CG2 1 
ATOM   1222 N N   . ILE A 1 161 ? -0.374  3.472   -4.618  1.00 15.35 ? 161 ILE A N   1 
ATOM   1223 C CA  . ILE A 1 161 ? -1.608  3.604   -5.374  1.00 16.43 ? 161 ILE A CA  1 
ATOM   1224 C C   . ILE A 1 161 ? -1.440  4.627   -6.484  1.00 16.85 ? 161 ILE A C   1 
ATOM   1225 O O   . ILE A 1 161 ? -1.864  4.403   -7.608  1.00 16.90 ? 161 ILE A O   1 
ATOM   1226 C CB  . ILE A 1 161 ? -2.765  4.019   -4.449  1.00 16.77 ? 161 ILE A CB  1 
ATOM   1227 C CG1 . ILE A 1 161 ? -3.193  2.836   -3.580  1.00 17.54 ? 161 ILE A CG1 1 
ATOM   1228 C CG2 . ILE A 1 161 ? -3.935  4.565   -5.261  1.00 17.42 ? 161 ILE A CG2 1 
ATOM   1229 C CD1 . ILE A 1 161 ? -3.928  3.278   -2.330  1.00 20.24 ? 161 ILE A CD1 1 
ATOM   1230 N N   . ILE A 1 162 ? -0.848  5.762   -6.146  1.00 17.61 ? 162 ILE A N   1 
ATOM   1231 C CA  . ILE A 1 162 ? -0.605  6.808   -7.123  1.00 18.37 ? 162 ILE A CA  1 
ATOM   1232 C C   . ILE A 1 162 ? 0.331   6.248   -8.187  1.00 18.35 ? 162 ILE A C   1 
ATOM   1233 O O   . ILE A 1 162 ? 0.162   6.520   -9.366  1.00 18.58 ? 162 ILE A O   1 
ATOM   1234 C CB  . ILE A 1 162 ? -0.012  8.067   -6.462  1.00 18.13 ? 162 ILE A CB  1 
ATOM   1235 C CG1 . ILE A 1 162 ? -1.057  8.738   -5.567  1.00 18.85 ? 162 ILE A CG1 1 
ATOM   1236 C CG2 . ILE A 1 162 ? 0.454   9.057   -7.527  1.00 19.49 ? 162 ILE A CG2 1 
ATOM   1237 C CD1 . ILE A 1 162 ? -0.434  9.575   -4.423  1.00 19.40 ? 162 ILE A CD1 1 
ATOM   1238 N N   . GLY A 1 163 ? 1.298   5.446   -7.750  1.00 18.64 ? 163 GLY A N   1 
ATOM   1239 C CA  . GLY A 1 163 ? 2.184   4.730   -8.643  1.00 18.93 ? 163 GLY A CA  1 
ATOM   1240 C C   . GLY A 1 163 ? 1.464   3.922   -9.699  1.00 19.00 ? 163 GLY A C   1 
ATOM   1241 O O   . GLY A 1 163 ? 1.921   3.892   -10.835 1.00 18.46 ? 163 GLY A O   1 
ATOM   1242 N N   . TRP A 1 164 ? 0.351   3.275   -9.352  1.00 19.67 ? 164 TRP A N   1 
ATOM   1243 C CA  . TRP A 1 164 ? -0.444  2.539   -10.354 1.00 20.80 ? 164 TRP A CA  1 
ATOM   1244 C C   . TRP A 1 164 ? -0.986  3.468   -11.428 1.00 21.11 ? 164 TRP A C   1 
ATOM   1245 O O   . TRP A 1 164 ? -1.118  3.055   -12.576 1.00 21.46 ? 164 TRP A O   1 
ATOM   1246 C CB  . TRP A 1 164 ? -1.633  1.784   -9.741  1.00 20.85 ? 164 TRP A CB  1 
ATOM   1247 C CG  . TRP A 1 164 ? -1.268  0.765   -8.714  1.00 22.59 ? 164 TRP A CG  1 
ATOM   1248 C CD1 . TRP A 1 164 ? -0.078  0.109   -8.590  1.00 23.49 ? 164 TRP A CD1 1 
ATOM   1249 C CD2 . TRP A 1 164 ? -2.105  0.286   -7.655  1.00 23.62 ? 164 TRP A CD2 1 
ATOM   1250 N NE1 . TRP A 1 164 ? -0.121  -0.742  -7.511  1.00 24.58 ? 164 TRP A NE1 1 
ATOM   1251 C CE2 . TRP A 1 164 ? -1.353  -0.654  -6.919  1.00 24.62 ? 164 TRP A CE2 1 
ATOM   1252 C CE3 . TRP A 1 164 ? -3.413  0.568   -7.242  1.00 23.89 ? 164 TRP A CE3 1 
ATOM   1253 C CZ2 . TRP A 1 164 ? -1.865  -1.322  -5.804  1.00 24.45 ? 164 TRP A CZ2 1 
ATOM   1254 C CZ3 . TRP A 1 164 ? -3.924  -0.096  -6.133  1.00 25.71 ? 164 TRP A CZ3 1 
ATOM   1255 C CH2 . TRP A 1 164 ? -3.150  -1.035  -5.430  1.00 25.13 ? 164 TRP A CH2 1 
ATOM   1256 N N   . GLY A 1 165 ? -1.344  4.695   -11.034 1.00 21.88 ? 165 GLY A N   1 
ATOM   1257 C CA  . GLY A 1 165 ? -1.768  5.741   -11.960 1.00 22.60 ? 165 GLY A CA  1 
ATOM   1258 C C   . GLY A 1 165 ? -0.704  6.109   -12.981 1.00 23.20 ? 165 GLY A C   1 
ATOM   1259 O O   . GLY A 1 165 ? -0.961  6.082   -14.178 1.00 23.32 ? 165 GLY A O   1 
ATOM   1260 N N   . VAL A 1 166 ? 0.495   6.430   -12.498 1.00 24.07 ? 166 VAL A N   1 
ATOM   1261 C CA  . VAL A 1 166 ? 1.663   6.643   -13.348 1.00 24.94 ? 166 VAL A CA  1 
ATOM   1262 C C   . VAL A 1 166 ? 1.879   5.475   -14.314 1.00 25.18 ? 166 VAL A C   1 
ATOM   1263 O O   . VAL A 1 166 ? 2.036   5.686   -15.507 1.00 25.48 ? 166 VAL A O   1 
ATOM   1264 C CB  . VAL A 1 166 ? 2.968   6.848   -12.503 1.00 25.29 ? 166 VAL A CB  1 
ATOM   1265 C CG1 . VAL A 1 166 ? 4.229   6.847   -13.408 1.00 26.08 ? 166 VAL A CG1 1 
ATOM   1266 C CG2 . VAL A 1 166 ? 2.901   8.140   -11.694 1.00 25.29 ? 166 VAL A CG2 1 
ATOM   1267 N N   . GLY A 1 167 ? 1.890   4.250   -13.795 1.00 25.78 ? 167 GLY A N   1 
ATOM   1268 C CA  . GLY A 1 167 ? 2.152   3.059   -14.600 1.00 25.87 ? 167 GLY A CA  1 
ATOM   1269 C C   . GLY A 1 167 ? 1.102   2.857   -15.685 1.00 26.06 ? 167 GLY A C   1 
ATOM   1270 O O   . GLY A 1 167 ? 1.398   2.325   -16.751 1.00 26.16 ? 167 GLY A O   1 
ATOM   1271 N N   . GLN A 1 168 ? -0.119  3.319   -15.423 1.00 26.04 ? 168 GLN A N   1 
ATOM   1272 C CA  . GLN A 1 168 ? -1.194  3.278   -16.409 1.00 26.34 ? 168 GLN A CA  1 
ATOM   1273 C C   . GLN A 1 168 ? -1.232  4.543   -17.297 1.00 26.19 ? 168 GLN A C   1 
ATOM   1274 O O   . GLN A 1 168 ? -2.202  4.764   -18.039 1.00 26.68 ? 168 GLN A O   1 
ATOM   1275 C CB  . GLN A 1 168 ? -2.534  3.073   -15.693 1.00 26.65 ? 168 GLN A CB  1 
ATOM   1276 C CG  . GLN A 1 168 ? -2.746  1.637   -15.207 1.00 27.76 ? 168 GLN A CG  1 
ATOM   1277 C CD  . GLN A 1 168 ? -3.216  0.710   -16.318 1.00 29.52 ? 168 GLN A CD  1 
ATOM   1278 O OE1 . GLN A 1 168 ? -2.562  -0.296  -16.609 1.00 30.01 ? 168 GLN A OE1 1 
ATOM   1279 N NE2 . GLN A 1 168 ? -4.345  1.052   -16.951 1.00 28.90 ? 168 GLN A NE2 1 
ATOM   1280 N N   . LYS A 1 169 ? -0.176  5.360   -17.202 1.00 25.48 ? 169 LYS A N   1 
ATOM   1281 C CA  . LYS A 1 169 ? -0.009  6.588   -17.978 1.00 25.02 ? 169 LYS A CA  1 
ATOM   1282 C C   . LYS A 1 169 ? -1.182  7.576   -17.815 1.00 24.24 ? 169 LYS A C   1 
ATOM   1283 O O   . LYS A 1 169 ? -1.533  8.312   -18.733 1.00 23.34 ? 169 LYS A O   1 
ATOM   1284 C CB  . LYS A 1 169 ? 0.261   6.230   -19.444 1.00 25.44 ? 169 LYS A CB  1 
ATOM   1285 C CG  . LYS A 1 169 ? 1.371   5.159   -19.590 1.00 26.58 ? 169 LYS A CG  1 
ATOM   1286 C CD  . LYS A 1 169 ? 2.282   5.423   -20.781 1.00 29.70 ? 169 LYS A CD  1 
ATOM   1287 C CE  . LYS A 1 169 ? 3.624   4.695   -20.641 1.00 30.92 ? 169 LYS A CE  1 
ATOM   1288 N NZ  . LYS A 1 169 ? 4.200   4.336   -21.983 1.00 32.34 ? 169 LYS A NZ  1 
ATOM   1289 N N   . LEU A 1 170 ? -1.772  7.580   -16.623 1.00 22.99 ? 170 LEU A N   1 
ATOM   1290 C CA  . LEU A 1 170 ? -2.855  8.490   -16.306 1.00 22.38 ? 170 LEU A CA  1 
ATOM   1291 C C   . LEU A 1 170 ? -2.274  9.851   -15.941 1.00 21.49 ? 170 LEU A C   1 
ATOM   1292 O O   . LEU A 1 170 ? -1.210  9.926   -15.328 1.00 21.80 ? 170 LEU A O   1 
ATOM   1293 C CB  . LEU A 1 170 ? -3.677  7.950   -15.135 1.00 22.54 ? 170 LEU A CB  1 
ATOM   1294 C CG  . LEU A 1 170 ? -4.587  6.733   -15.350 1.00 23.07 ? 170 LEU A CG  1 
ATOM   1295 C CD1 . LEU A 1 170 ? -5.545  6.613   -14.167 1.00 24.07 ? 170 LEU A CD1 1 
ATOM   1296 C CD2 . LEU A 1 170 ? -5.371  6.834   -16.654 1.00 23.43 ? 170 LEU A CD2 1 
ATOM   1297 N N   . ASP A 1 171 ? -2.968  10.918  -16.320 1.00 20.03 ? 171 ASP A N   1 
ATOM   1298 C CA  . ASP A 1 171 ? -2.535  12.272  -15.996 1.00 19.74 ? 171 ASP A CA  1 
ATOM   1299 C C   . ASP A 1 171 ? -2.935  12.632  -14.550 1.00 18.95 ? 171 ASP A C   1 
ATOM   1300 O O   . ASP A 1 171 ? -4.113  12.802  -14.238 1.00 18.81 ? 171 ASP A O   1 
ATOM   1301 C CB  . ASP A 1 171 ? -3.116  13.272  -17.007 1.00 19.55 ? 171 ASP A CB  1 
ATOM   1302 C CG  . ASP A 1 171 ? -2.718  14.715  -16.723 1.00 19.55 ? 171 ASP A CG  1 
ATOM   1303 O OD1 . ASP A 1 171 ? -1.773  14.961  -15.931 1.00 15.93 ? 171 ASP A OD1 1 
ATOM   1304 O OD2 . ASP A 1 171 ? -3.311  15.676  -17.274 1.00 19.01 ? 171 ASP A OD2 1 
ATOM   1305 N N   . LEU A 1 172 ? -1.929  12.761  -13.687 1.00 17.83 ? 172 LEU A N   1 
ATOM   1306 C CA  . LEU A 1 172 ? -2.128  13.095  -12.273 1.00 17.48 ? 172 LEU A CA  1 
ATOM   1307 C C   . LEU A 1 172 ? -1.676  14.514  -11.916 1.00 16.35 ? 172 LEU A C   1 
ATOM   1308 O O   . LEU A 1 172 ? -1.611  14.872  -10.737 1.00 16.12 ? 172 LEU A O   1 
ATOM   1309 C CB  . LEU A 1 172 ? -1.384  12.079  -11.400 1.00 17.68 ? 172 LEU A CB  1 
ATOM   1310 C CG  . LEU A 1 172 ? -2.113  10.782  -10.994 1.00 19.75 ? 172 LEU A CG  1 
ATOM   1311 C CD1 . LEU A 1 172 ? -3.329  10.443  -11.826 1.00 20.64 ? 172 LEU A CD1 1 
ATOM   1312 C CD2 . LEU A 1 172 ? -1.125  9.629   -11.036 1.00 21.58 ? 172 LEU A CD2 1 
ATOM   1313 N N   . SER A 1 173 ? -1.370  15.319  -12.934 1.00 14.91 ? 173 SER A N   1 
ATOM   1314 C CA  . SER A 1 173 ? -0.842  16.659  -12.729 1.00 13.60 ? 173 SER A CA  1 
ATOM   1315 C C   . SER A 1 173 ? -1.822  17.627  -12.036 1.00 13.01 ? 173 SER A C   1 
ATOM   1316 O O   . SER A 1 173 ? -1.409  18.655  -11.532 1.00 12.69 ? 173 SER A O   1 
ATOM   1317 C CB  . SER A 1 173 ? -0.356  17.230  -14.064 1.00 13.84 ? 173 SER A CB  1 
ATOM   1318 O OG  . SER A 1 173 ? -1.436  17.395  -14.962 1.00 12.68 ? 173 SER A OG  1 
ATOM   1319 N N   . ALA A 1 174 ? -3.109  17.297  -12.028 1.00 12.75 ? 174 ALA A N   1 
ATOM   1320 C CA  . ALA A 1 174 ? -4.125  18.053  -11.285 1.00 12.84 ? 174 ALA A CA  1 
ATOM   1321 C C   . ALA A 1 174 ? -4.155  17.708  -9.794  1.00 12.69 ? 174 ALA A C   1 
ATOM   1322 O O   . ALA A 1 174 ? -4.946  18.275  -9.054  1.00 12.89 ? 174 ALA A O   1 
ATOM   1323 C CB  . ALA A 1 174 ? -5.511  17.824  -11.886 1.00 12.53 ? 174 ALA A CB  1 
ATOM   1324 N N   . TYR A 1 175 ? -3.286  16.800  -9.361  1.00 12.75 ? 175 TYR A N   1 
ATOM   1325 C CA  . TYR A 1 175 ? -3.186  16.399  -7.958  1.00 12.97 ? 175 TYR A CA  1 
ATOM   1326 C C   . TYR A 1 175 ? -1.775  16.645  -7.449  1.00 13.41 ? 175 TYR A C   1 
ATOM   1327 O O   . TYR A 1 175 ? -1.058  15.701  -7.110  1.00 13.34 ? 175 TYR A O   1 
ATOM   1328 C CB  . TYR A 1 175 ? -3.578  14.915  -7.815  1.00 12.61 ? 175 TYR A CB  1 
ATOM   1329 C CG  . TYR A 1 175 ? -4.867  14.607  -8.542  1.00 12.40 ? 175 TYR A CG  1 
ATOM   1330 C CD1 . TYR A 1 175 ? -4.903  13.715  -9.614  1.00 12.20 ? 175 TYR A CD1 1 
ATOM   1331 C CD2 . TYR A 1 175 ? -6.041  15.249  -8.188  1.00 11.65 ? 175 TYR A CD2 1 
ATOM   1332 C CE1 . TYR A 1 175 ? -6.084  13.469  -10.298 1.00 12.72 ? 175 TYR A CE1 1 
ATOM   1333 C CE2 . TYR A 1 175 ? -7.225  14.995  -8.853  1.00 13.46 ? 175 TYR A CE2 1 
ATOM   1334 C CZ  . TYR A 1 175 ? -7.240  14.109  -9.914  1.00 13.89 ? 175 TYR A CZ  1 
ATOM   1335 O OH  . TYR A 1 175 ? -8.435  13.876  -10.582 1.00 15.92 ? 175 TYR A OH  1 
ATOM   1336 N N   . PRO A 1 176 ? -1.352  17.908  -7.413  1.00 14.37 ? 176 PRO A N   1 
ATOM   1337 C CA  . PRO A 1 176 ? 0.047   18.204  -7.096  1.00 14.62 ? 176 PRO A CA  1 
ATOM   1338 C C   . PRO A 1 176 ? 0.473   17.796  -5.683  1.00 14.37 ? 176 PRO A C   1 
ATOM   1339 O O   . PRO A 1 176 ? 1.628   17.393  -5.514  1.00 14.33 ? 176 PRO A O   1 
ATOM   1340 C CB  . PRO A 1 176 ? 0.149   19.719  -7.309  1.00 14.70 ? 176 PRO A CB  1 
ATOM   1341 C CG  . PRO A 1 176 ? -1.252  20.223  -7.188  1.00 15.24 ? 176 PRO A CG  1 
ATOM   1342 C CD  . PRO A 1 176 ? -2.111  19.135  -7.731  1.00 14.53 ? 176 PRO A CD  1 
ATOM   1343 N N   . LYS A 1 177 ? -0.415  17.915  -4.700  1.00 14.16 ? 177 LYS A N   1 
ATOM   1344 C CA  . LYS A 1 177 ? -0.105  17.478  -3.341  1.00 14.18 ? 177 LYS A CA  1 
ATOM   1345 C C   . LYS A 1 177 ? 0.136   15.976  -3.313  1.00 13.95 ? 177 LYS A C   1 
ATOM   1346 O O   . LYS A 1 177 ? 1.107   15.522  -2.715  1.00 13.95 ? 177 LYS A O   1 
ATOM   1347 C CB  . LYS A 1 177 ? -1.200  17.877  -2.348  1.00 14.72 ? 177 LYS A CB  1 
ATOM   1348 C CG  . LYS A 1 177 ? -1.154  19.371  -1.952  1.00 16.17 ? 177 LYS A CG  1 
ATOM   1349 C CD  . LYS A 1 177 ? -2.535  20.040  -1.951  1.00 18.41 ? 177 LYS A CD  1 
ATOM   1350 C CE  . LYS A 1 177 ? -3.308  19.701  -0.722  1.00 18.94 ? 177 LYS A CE  1 
ATOM   1351 N NZ  . LYS A 1 177 ? -4.721  20.175  -0.790  1.00 16.85 ? 177 LYS A NZ  1 
ATOM   1352 N N   . ALA A 1 178 ? -0.716  15.212  -3.993  1.00 13.87 ? 178 ALA A N   1 
ATOM   1353 C CA  . ALA A 1 178 ? -0.544  13.766  -4.083  1.00 13.84 ? 178 ALA A CA  1 
ATOM   1354 C C   . ALA A 1 178 ? 0.757   13.418  -4.788  1.00 14.60 ? 178 ALA A C   1 
ATOM   1355 O O   . ALA A 1 178 ? 1.449   12.507  -4.354  1.00 15.03 ? 178 ALA A O   1 
ATOM   1356 C CB  . ALA A 1 178 ? -1.717  13.119  -4.783  1.00 13.82 ? 178 ALA A CB  1 
ATOM   1357 N N   . LEU A 1 179 ? 1.110   14.148  -5.848  1.00 15.11 ? 179 LEU A N   1 
ATOM   1358 C CA  . LEU A 1 179 ? 2.338   13.850  -6.600  1.00 15.71 ? 179 LEU A CA  1 
ATOM   1359 C C   . LEU A 1 179 ? 3.574   14.164  -5.768  1.00 16.10 ? 179 LEU A C   1 
ATOM   1360 O O   . LEU A 1 179 ? 4.541   13.399  -5.770  1.00 16.37 ? 179 LEU A O   1 
ATOM   1361 C CB  . LEU A 1 179 ? 2.409   14.619  -7.918  1.00 16.11 ? 179 LEU A CB  1 
ATOM   1362 C CG  . LEU A 1 179 ? 1.589   14.054  -9.084  1.00 16.84 ? 179 LEU A CG  1 
ATOM   1363 C CD1 . LEU A 1 179 ? 1.700   14.946  -10.299 1.00 16.89 ? 179 LEU A CD1 1 
ATOM   1364 C CD2 . LEU A 1 179 ? 2.031   12.643  -9.420  1.00 17.53 ? 179 LEU A CD2 1 
ATOM   1365 N N   . LYS A 1 180 ? 3.530   15.290  -5.067  1.00 16.06 ? 180 LYS A N   1 
ATOM   1366 C CA  . LYS A 1 180 ? 4.596   15.687  -4.175  1.00 16.55 ? 180 LYS A CA  1 
ATOM   1367 C C   . LYS A 1 180 ? 4.772   14.682  -3.023  1.00 16.75 ? 180 LYS A C   1 
ATOM   1368 O O   . LYS A 1 180 ? 5.905   14.373  -2.632  1.00 16.50 ? 180 LYS A O   1 
ATOM   1369 C CB  . LYS A 1 180 ? 4.310   17.096  -3.629  1.00 17.16 ? 180 LYS A CB  1 
ATOM   1370 C CG  . LYS A 1 180 ? 5.292   17.618  -2.585  1.00 17.82 ? 180 LYS A CG  1 
ATOM   1371 C CD  . LYS A 1 180 ? 6.716   17.697  -3.118  1.00 19.12 ? 180 LYS A CD  1 
ATOM   1372 C CE  . LYS A 1 180 ? 6.894   18.868  -4.086  1.00 19.60 ? 180 LYS A CE  1 
ATOM   1373 N NZ  . LYS A 1 180 ? 8.326   19.061  -4.415  1.00 18.26 ? 180 LYS A NZ  1 
ATOM   1374 N N   . LEU A 1 181 ? 3.665   14.184  -2.476  1.00 16.64 ? 181 LEU A N   1 
ATOM   1375 C CA  . LEU A 1 181 ? 3.726   13.160  -1.435  1.00 17.17 ? 181 LEU A CA  1 
ATOM   1376 C C   . LEU A 1 181 ? 4.487   11.943  -1.975  1.00 17.39 ? 181 LEU A C   1 
ATOM   1377 O O   . LEU A 1 181 ? 5.428   11.480  -1.349  1.00 16.93 ? 181 LEU A O   1 
ATOM   1378 C CB  . LEU A 1 181 ? 2.326   12.750  -0.969  1.00 17.20 ? 181 LEU A CB  1 
ATOM   1379 C CG  . LEU A 1 181 ? 2.198   11.689  0.148   1.00 18.74 ? 181 LEU A CG  1 
ATOM   1380 C CD1 . LEU A 1 181 ? 0.813   11.694  0.755   1.00 18.69 ? 181 LEU A CD1 1 
ATOM   1381 C CD2 . LEU A 1 181 ? 2.487   10.265  -0.353  1.00 21.37 ? 181 LEU A CD2 1 
ATOM   1382 N N   . ARG A 1 182 ? 4.090   11.447  -3.142  1.00 17.97 ? 182 ARG A N   1 
ATOM   1383 C CA  . ARG A 1 182 ? 4.742   10.277  -3.749  1.00 19.20 ? 182 ARG A CA  1 
ATOM   1384 C C   . ARG A 1 182 ? 6.219   10.545  -4.058  1.00 19.54 ? 182 ARG A C   1 
ATOM   1385 O O   . ARG A 1 182 ? 7.063   9.666   -3.876  1.00 19.70 ? 182 ARG A O   1 
ATOM   1386 C CB  . ARG A 1 182 ? 4.002   9.852   -5.024  1.00 19.52 ? 182 ARG A CB  1 
ATOM   1387 C CG  . ARG A 1 182 ? 4.761   8.866   -5.909  1.00 21.22 ? 182 ARG A CG  1 
ATOM   1388 C CD  . ARG A 1 182 ? 3.927   8.321   -7.042  1.00 24.59 ? 182 ARG A CD  1 
ATOM   1389 N NE  . ARG A 1 182 ? 4.735   7.687   -8.084  1.00 27.39 ? 182 ARG A NE  1 
ATOM   1390 C CZ  . ARG A 1 182 ? 5.226   6.456   -8.018  1.00 30.35 ? 182 ARG A CZ  1 
ATOM   1391 N NH1 . ARG A 1 182 ? 5.016   5.683   -6.945  1.00 30.35 ? 182 ARG A NH1 1 
ATOM   1392 N NH2 . ARG A 1 182 ? 5.936   5.985   -9.040  1.00 31.49 ? 182 ARG A NH2 1 
ATOM   1393 N N   . GLU A 1 183 ? 6.523   11.760  -4.504  1.00 19.91 ? 183 GLU A N   1 
ATOM   1394 C CA  . GLU A 1 183 ? 7.894   12.165  -4.803  1.00 20.60 ? 183 GLU A CA  1 
ATOM   1395 C C   . GLU A 1 183 ? 8.740   12.066  -3.554  1.00 20.40 ? 183 GLU A C   1 
ATOM   1396 O O   . GLU A 1 183 ? 9.821   11.479  -3.577  1.00 20.80 ? 183 GLU A O   1 
ATOM   1397 C CB  . GLU A 1 183 ? 7.917   13.598  -5.346  1.00 21.37 ? 183 GLU A CB  1 
ATOM   1398 C CG  . GLU A 1 183 ? 9.299   14.211  -5.508  1.00 23.41 ? 183 GLU A CG  1 
ATOM   1399 C CD  . GLU A 1 183 ? 9.224   15.591  -6.132  1.00 27.26 ? 183 GLU A CD  1 
ATOM   1400 O OE1 . GLU A 1 183 ? 9.030   15.679  -7.368  1.00 30.20 ? 183 GLU A OE1 1 
ATOM   1401 O OE2 . GLU A 1 183 ? 9.349   16.586  -5.391  1.00 29.04 ? 183 GLU A OE2 1 
ATOM   1402 N N   . ARG A 1 184 ? 8.225   12.622  -2.462  1.00 19.60 ? 184 ARG A N   1 
ATOM   1403 C CA  . ARG A 1 184 ? 8.861   12.525  -1.151  1.00 19.56 ? 184 ARG A CA  1 
ATOM   1404 C C   . ARG A 1 184 ? 9.056   11.085  -0.659  1.00 19.35 ? 184 ARG A C   1 
ATOM   1405 O O   . ARG A 1 184 ? 10.089  10.753  -0.093  1.00 19.07 ? 184 ARG A O   1 
ATOM   1406 C CB  . ARG A 1 184 ? 8.042   13.272  -0.106  1.00 18.84 ? 184 ARG A CB  1 
ATOM   1407 C CG  . ARG A 1 184 ? 8.570   14.623  0.177   1.00 19.38 ? 184 ARG A CG  1 
ATOM   1408 C CD  . ARG A 1 184 ? 7.606   15.516  0.886   1.00 19.92 ? 184 ARG A CD  1 
ATOM   1409 N NE  . ARG A 1 184 ? 7.802   16.898  0.506   1.00 19.30 ? 184 ARG A NE  1 
ATOM   1410 C CZ  . ARG A 1 184 ? 7.035   17.895  0.908   1.00 20.54 ? 184 ARG A CZ  1 
ATOM   1411 N NH1 . ARG A 1 184 ? 6.010   17.676  1.710   1.00 20.70 ? 184 ARG A NH1 1 
ATOM   1412 N NH2 . ARG A 1 184 ? 7.290   19.130  0.501   1.00 22.16 ? 184 ARG A NH2 1 
ATOM   1413 N N   . VAL A 1 185 ? 8.058   10.243  -0.867  1.00 19.31 ? 185 VAL A N   1 
ATOM   1414 C CA  . VAL A 1 185 ? 8.136   8.872   -0.394  1.00 19.56 ? 185 VAL A CA  1 
ATOM   1415 C C   . VAL A 1 185 ? 9.209   8.096   -1.186  1.00 19.73 ? 185 VAL A C   1 
ATOM   1416 O O   . VAL A 1 185 ? 10.038  7.397   -0.611  1.00 19.39 ? 185 VAL A O   1 
ATOM   1417 C CB  . VAL A 1 185 ? 6.756   8.188   -0.450  1.00 19.25 ? 185 VAL A CB  1 
ATOM   1418 C CG1 . VAL A 1 185 ? 6.893   6.678   -0.215  1.00 18.70 ? 185 VAL A CG1 1 
ATOM   1419 C CG2 . VAL A 1 185 ? 5.824   8.830   0.577   1.00 19.45 ? 185 VAL A CG2 1 
ATOM   1420 N N   . LEU A 1 186 ? 9.185   8.231   -2.500  1.00 20.75 ? 186 LEU A N   1 
ATOM   1421 C CA  . LEU A 1 186 ? 10.122  7.523   -3.372  1.00 21.67 ? 186 LEU A CA  1 
ATOM   1422 C C   . LEU A 1 186 ? 11.577  7.929   -3.148  1.00 21.82 ? 186 LEU A C   1 
ATOM   1423 O O   . LEU A 1 186 ? 12.480  7.167   -3.483  1.00 22.42 ? 186 LEU A O   1 
ATOM   1424 C CB  . LEU A 1 186 ? 9.763   7.747   -4.846  1.00 21.87 ? 186 LEU A CB  1 
ATOM   1425 C CG  . LEU A 1 186 ? 8.750   6.802   -5.505  1.00 23.00 ? 186 LEU A CG  1 
ATOM   1426 C CD1 . LEU A 1 186 ? 7.694   6.273   -4.554  1.00 25.04 ? 186 LEU A CD1 1 
ATOM   1427 C CD2 . LEU A 1 186 ? 8.095   7.525   -6.663  1.00 24.48 ? 186 LEU A CD2 1 
ATOM   1428 N N   . ALA A 1 187 ? 11.803  9.116   -2.594  1.00 21.39 ? 187 ALA A N   1 
ATOM   1429 C CA  . ALA A 1 187 ? 13.153  9.605   -2.350  1.00 21.25 ? 187 ALA A CA  1 
ATOM   1430 C C   . ALA A 1 187 ? 13.772  8.962   -1.113  1.00 20.81 ? 187 ALA A C   1 
ATOM   1431 O O   . ALA A 1 187 ? 14.988  8.984   -0.944  1.00 20.00 ? 187 ALA A O   1 
ATOM   1432 C CB  . ALA A 1 187 ? 13.142  11.127  -2.201  1.00 21.75 ? 187 ALA A CB  1 
ATOM   1433 N N   . ARG A 1 188 ? 12.925  8.408   -0.244  1.00 20.21 ? 188 ARG A N   1 
ATOM   1434 C CA  . ARG A 1 188 ? 13.376  7.749   0.981   1.00 19.97 ? 188 ARG A CA  1 
ATOM   1435 C C   . ARG A 1 188 ? 14.273  6.524   0.689   1.00 19.71 ? 188 ARG A C   1 
ATOM   1436 O O   . ARG A 1 188 ? 13.896  5.637   -0.088  1.00 18.82 ? 188 ARG A O   1 
ATOM   1437 C CB  . ARG A 1 188 ? 12.168  7.322   1.827   1.00 20.17 ? 188 ARG A CB  1 
ATOM   1438 C CG  . ARG A 1 188 ? 11.378  8.492   2.389   1.00 21.02 ? 188 ARG A CG  1 
ATOM   1439 C CD  . ARG A 1 188 ? 10.153  8.080   3.187   1.00 20.74 ? 188 ARG A CD  1 
ATOM   1440 N NE  . ARG A 1 188 ? 10.516  7.598   4.514   1.00 20.47 ? 188 ARG A NE  1 
ATOM   1441 C CZ  . ARG A 1 188 ? 10.866  8.359   5.539   1.00 20.81 ? 188 ARG A CZ  1 
ATOM   1442 N NH1 . ARG A 1 188 ? 10.875  9.684   5.444   1.00 22.20 ? 188 ARG A NH1 1 
ATOM   1443 N NH2 . ARG A 1 188 ? 11.183  7.787   6.692   1.00 20.81 ? 188 ARG A NH2 1 
ATOM   1444 N N   . PRO A 1 189 ? 15.446  6.463   1.319   1.00 19.60 ? 189 PRO A N   1 
ATOM   1445 C CA  . PRO A 1 189 ? 16.378  5.358   1.072   1.00 19.78 ? 189 PRO A CA  1 
ATOM   1446 C C   . PRO A 1 189 ? 15.779  3.983   1.343   1.00 19.91 ? 189 PRO A C   1 
ATOM   1447 O O   . PRO A 1 189 ? 16.004  3.067   0.559   1.00 20.01 ? 189 PRO A O   1 
ATOM   1448 C CB  . PRO A 1 189 ? 17.540  5.659   2.025   1.00 20.16 ? 189 PRO A CB  1 
ATOM   1449 C CG  . PRO A 1 189 ? 17.451  7.117   2.275   1.00 19.49 ? 189 PRO A CG  1 
ATOM   1450 C CD  . PRO A 1 189 ? 15.988  7.429   2.293   1.00 19.34 ? 189 PRO A CD  1 
ATOM   1451 N N   . ASN A 1 190 ? 15.011  3.839   2.415   1.00 20.39 ? 190 ASN A N   1 
ATOM   1452 C CA  . ASN A 1 190 ? 14.405  2.549   2.734   1.00 20.71 ? 190 ASN A CA  1 
ATOM   1453 C C   . ASN A 1 190 ? 13.221  2.172   1.844   1.00 20.38 ? 190 ASN A C   1 
ATOM   1454 O O   . ASN A 1 190 ? 12.871  0.996   1.749   1.00 20.36 ? 190 ASN A O   1 
ATOM   1455 C CB  . ASN A 1 190 ? 14.069  2.459   4.228   1.00 21.26 ? 190 ASN A CB  1 
ATOM   1456 C CG  . ASN A 1 190 ? 15.329  2.478   5.118   1.00 22.74 ? 190 ASN A CG  1 
ATOM   1457 O OD1 . ASN A 1 190 ? 15.346  3.085   6.182   1.00 24.72 ? 190 ASN A OD1 1 
ATOM   1458 N ND2 . ASN A 1 190 ? 16.386  1.817   4.663   1.00 24.27 ? 190 ASN A ND2 1 
ATOM   1459 N N   . VAL A 1 191 ? 12.637  3.161   1.169   1.00 20.38 ? 191 VAL A N   1 
ATOM   1460 C CA  . VAL A 1 191 ? 11.659  2.933   0.096   1.00 20.08 ? 191 VAL A CA  1 
ATOM   1461 C C   . VAL A 1 191 ? 12.359  2.452   -1.177  1.00 20.55 ? 191 VAL A C   1 
ATOM   1462 O O   . VAL A 1 191 ? 11.913  1.514   -1.853  1.00 20.25 ? 191 VAL A O   1 
ATOM   1463 C CB  . VAL A 1 191 ? 10.848  4.225   -0.203  1.00 20.00 ? 191 VAL A CB  1 
ATOM   1464 C CG1 . VAL A 1 191 ? 9.986   4.076   -1.464  1.00 19.51 ? 191 VAL A CG1 1 
ATOM   1465 C CG2 . VAL A 1 191 ? 9.992   4.600   1.002   1.00 19.68 ? 191 VAL A CG2 1 
ATOM   1466 N N   . GLN A 1 192 ? 13.478  3.083   -1.505  1.00 21.00 ? 192 GLN A N   1 
ATOM   1467 C CA  . GLN A 1 192 ? 14.225  2.683   -2.678  1.00 21.10 ? 192 GLN A CA  1 
ATOM   1468 C C   . GLN A 1 192 ? 14.734  1.248   -2.492  1.00 20.69 ? 192 GLN A C   1 
ATOM   1469 O O   . GLN A 1 192 ? 14.759  0.461   -3.452  1.00 20.26 ? 192 GLN A O   1 
ATOM   1470 C CB  . GLN A 1 192 ? 15.355  3.681   -2.970  1.00 21.67 ? 192 GLN A CB  1 
ATOM   1471 C CG  . GLN A 1 192 ? 14.912  4.946   -3.739  1.00 23.66 ? 192 GLN A CG  1 
ATOM   1472 C CD  . GLN A 1 192 ? 14.048  4.645   -4.990  1.00 26.65 ? 192 GLN A CD  1 
ATOM   1473 O OE1 . GLN A 1 192 ? 12.820  4.825   -4.976  1.00 28.98 ? 192 GLN A OE1 1 
ATOM   1474 N NE2 . GLN A 1 192 ? 14.688  4.178   -6.055  1.00 27.83 ? 192 GLN A NE2 1 
ATOM   1475 N N   . LYS A 1 193 ? 15.087  0.911   -1.251  1.00 20.36 ? 193 LYS A N   1 
ATOM   1476 C CA  . LYS A 1 193 ? 15.547  -0.428  -0.879  1.00 20.35 ? 193 LYS A CA  1 
ATOM   1477 C C   . LYS A 1 193 ? 14.478  -1.474  -1.171  1.00 19.82 ? 193 LYS A C   1 
ATOM   1478 O O   . LYS A 1 193 ? 14.766  -2.517  -1.746  1.00 19.41 ? 193 LYS A O   1 
ATOM   1479 C CB  . LYS A 1 193 ? 15.914  -0.465  0.608   1.00 20.85 ? 193 LYS A CB  1 
ATOM   1480 C CG  . LYS A 1 193 ? 16.485  -1.793  1.113   1.00 22.21 ? 193 LYS A CG  1 
ATOM   1481 C CD  . LYS A 1 193 ? 16.849  -1.711  2.602   1.00 22.78 ? 193 LYS A CD  1 
ATOM   1482 C CE  . LYS A 1 193 ? 16.906  -3.091  3.254   1.00 23.35 ? 193 LYS A CE  1 
ATOM   1483 N NZ  . LYS A 1 193 ? 15.569  -3.757  3.415   1.00 22.85 ? 193 LYS A NZ  1 
ATOM   1484 N N   . ALA A 1 194 ? 13.241  -1.181  -0.781  1.00 19.57 ? 194 ALA A N   1 
ATOM   1485 C CA  . ALA A 1 194 ? 12.113  -2.084  -1.013  1.00 19.19 ? 194 ALA A CA  1 
ATOM   1486 C C   . ALA A 1 194 ? 11.837  -2.276  -2.509  1.00 19.02 ? 194 ALA A C   1 
ATOM   1487 O O   . ALA A 1 194 ? 11.627  -3.397  -2.970  1.00 17.85 ? 194 ALA A O   1 
ATOM   1488 C CB  . ALA A 1 194 ? 10.852  -1.568  -0.296  1.00 19.23 ? 194 ALA A CB  1 
ATOM   1489 N N   . PHE A 1 195 ? 11.833  -1.175  -3.259  1.00 19.65 ? 195 PHE A N   1 
ATOM   1490 C CA  . PHE A 1 195 ? 11.667  -1.221  -4.706  1.00 19.88 ? 195 PHE A CA  1 
ATOM   1491 C C   . PHE A 1 195 ? 12.718  -2.139  -5.305  1.00 20.04 ? 195 PHE A C   1 
ATOM   1492 O O   . PHE A 1 195 ? 12.389  -3.029  -6.082  1.00 19.85 ? 195 PHE A O   1 
ATOM   1493 C CB  . PHE A 1 195 ? 11.779  0.177   -5.319  1.00 20.62 ? 195 PHE A CB  1 
ATOM   1494 C CG  . PHE A 1 195 ? 10.470  0.916   -5.388  1.00 22.04 ? 195 PHE A CG  1 
ATOM   1495 C CD1 . PHE A 1 195 ? 9.842   1.132   -6.613  1.00 24.27 ? 195 PHE A CD1 1 
ATOM   1496 C CD2 . PHE A 1 195 ? 9.861   1.382   -4.228  1.00 22.48 ? 195 PHE A CD2 1 
ATOM   1497 C CE1 . PHE A 1 195 ? 8.622   1.822   -6.681  1.00 25.70 ? 195 PHE A CE1 1 
ATOM   1498 C CE2 . PHE A 1 195 ? 8.660   2.074   -4.274  1.00 23.59 ? 195 PHE A CE2 1 
ATOM   1499 C CZ  . PHE A 1 195 ? 8.028   2.294   -5.498  1.00 25.10 ? 195 PHE A CZ  1 
ATOM   1500 N N   . LYS A 1 196 ? 13.969  -1.935  -4.904  1.00 20.41 ? 196 LYS A N   1 
ATOM   1501 C CA  . LYS A 1 196 ? 15.098  -2.727  -5.389  1.00 20.98 ? 196 LYS A CA  1 
ATOM   1502 C C   . LYS A 1 196 ? 14.864  -4.210  -5.105  1.00 21.06 ? 196 LYS A C   1 
ATOM   1503 O O   . LYS A 1 196 ? 15.107  -5.053  -5.956  1.00 20.22 ? 196 LYS A O   1 
ATOM   1504 C CB  . LYS A 1 196 ? 16.397  -2.256  -4.730  1.00 21.32 ? 196 LYS A CB  1 
ATOM   1505 C CG  . LYS A 1 196 ? 17.677  -2.854  -5.330  1.00 23.76 ? 196 LYS A CG  1 
ATOM   1506 C CD  . LYS A 1 196 ? 18.921  -2.461  -4.511  1.00 25.77 ? 196 LYS A CD  1 
ATOM   1507 C CE  . LYS A 1 196 ? 20.051  -3.483  -4.652  1.00 26.53 ? 196 LYS A CE  1 
ATOM   1508 N NZ  . LYS A 1 196 ? 20.843  -3.304  -5.911  1.00 26.16 ? 196 LYS A NZ  1 
ATOM   1509 N N   . GLU A 1 197 ? 14.342  -4.506  -3.918  1.00 21.27 ? 197 GLU A N   1 
ATOM   1510 C CA  . GLU A 1 197 ? 14.067  -5.878  -3.507  1.00 21.68 ? 197 GLU A CA  1 
ATOM   1511 C C   . GLU A 1 197 ? 13.004  -6.562  -4.395  1.00 22.43 ? 197 GLU A C   1 
ATOM   1512 O O   . GLU A 1 197 ? 12.999  -7.788  -4.518  1.00 23.05 ? 197 GLU A O   1 
ATOM   1513 C CB  . GLU A 1 197 ? 13.671  -5.917  -2.011  1.00 21.44 ? 197 GLU A CB  1 
ATOM   1514 C CG  . GLU A 1 197 ? 14.872  -5.784  -1.085  1.00 21.43 ? 197 GLU A CG  1 
ATOM   1515 C CD  . GLU A 1 197 ? 14.532  -5.427  0.353   1.00 21.94 ? 197 GLU A CD  1 
ATOM   1516 O OE1 . GLU A 1 197 ? 15.489  -5.210  1.133   1.00 22.39 ? 197 GLU A OE1 1 
ATOM   1517 O OE2 . GLU A 1 197 ? 13.330  -5.376  0.732   1.00 21.83 ? 197 GLU A OE2 1 
ATOM   1518 N N   . GLU A 1 198 ? 12.130  -5.779  -5.029  1.00 22.56 ? 198 GLU A N   1 
ATOM   1519 C CA  . GLU A 1 198 ? 11.163  -6.325  -5.984  1.00 23.22 ? 198 GLU A CA  1 
ATOM   1520 C C   . GLU A 1 198 ? 11.632  -6.199  -7.444  1.00 24.72 ? 198 GLU A C   1 
ATOM   1521 O O   . GLU A 1 198 ? 10.841  -6.416  -8.364  1.00 24.70 ? 198 GLU A O   1 
ATOM   1522 C CB  . GLU A 1 198 ? 9.791   -5.649  -5.813  1.00 22.88 ? 198 GLU A CB  1 
ATOM   1523 C CG  . GLU A 1 198 ? 9.319   -5.566  -4.369  1.00 21.60 ? 198 GLU A CG  1 
ATOM   1524 C CD  . GLU A 1 198 ? 7.826   -5.331  -4.222  1.00 21.28 ? 198 GLU A CD  1 
ATOM   1525 O OE1 . GLU A 1 198 ? 7.139   -5.177  -5.244  1.00 20.01 ? 198 GLU A OE1 1 
ATOM   1526 O OE2 . GLU A 1 198 ? 7.337   -5.311  -3.072  1.00 20.52 ? 198 GLU A OE2 1 
ATOM   1527 N N   . GLY A 1 199 ? 12.908  -5.866  -7.652  1.00 26.42 ? 199 GLY A N   1 
ATOM   1528 C CA  . GLY A 1 199 ? 13.470  -5.678  -8.983  1.00 27.68 ? 199 GLY A CA  1 
ATOM   1529 C C   . GLY A 1 199 ? 12.880  -4.488  -9.726  1.00 29.04 ? 199 GLY A C   1 
ATOM   1530 O O   . GLY A 1 199 ? 12.864  -4.463  -10.947 1.00 28.42 ? 199 GLY A O   1 
ATOM   1531 N N   . LEU A 1 200 ? 12.388  -3.503  -8.979  1.00 31.05 ? 200 LEU A N   1 
ATOM   1532 C CA  . LEU A 1 200 ? 11.798  -2.300  -9.566  1.00 32.70 ? 200 LEU A CA  1 
ATOM   1533 C C   . LEU A 1 200 ? 12.785  -1.137  -9.548  1.00 34.39 ? 200 LEU A C   1 
ATOM   1534 O O   . LEU A 1 200 ? 13.601  -1.019  -8.633  1.00 34.95 ? 200 LEU A O   1 
ATOM   1535 C CB  . LEU A 1 200 ? 10.543  -1.886  -8.788  1.00 32.69 ? 200 LEU A CB  1 
ATOM   1536 C CG  . LEU A 1 200 ? 9.250   -2.621  -9.134  1.00 32.31 ? 200 LEU A CG  1 
ATOM   1537 C CD1 . LEU A 1 200 ? 8.278   -2.550  -7.977  1.00 31.96 ? 200 LEU A CD1 1 
ATOM   1538 C CD2 . LEU A 1 200 ? 8.626   -2.042  -10.393 1.00 32.73 ? 200 LEU A CD2 1 
ATOM   1539 N N   . ASN A 1 201 ? 12.702  -0.290  -10.572 1.00 36.27 ? 201 ASN A N   1 
ATOM   1540 C CA  . ASN A 1 201 ? 13.246  1.071   -10.517 1.00 37.54 ? 201 ASN A CA  1 
ATOM   1541 C C   . ASN A 1 201 ? 12.141  2.068   -10.137 1.00 38.31 ? 201 ASN A C   1 
ATOM   1542 O O   . ASN A 1 201 ? 12.390  2.994   -9.353  1.00 38.91 ? 201 ASN A O   1 
ATOM   1543 C CB  . ASN A 1 201 ? 13.865  1.459   -11.856 1.00 37.62 ? 201 ASN A CB  1 
ATOM   1544 C CG  . ASN A 1 201 ? 14.986  0.535   -12.253 1.00 38.80 ? 201 ASN A CG  1 
ATOM   1545 O OD1 . ASN A 1 201 ? 14.749  -0.544  -12.797 1.00 40.85 ? 201 ASN A OD1 1 
ATOM   1546 N ND2 . ASN A 1 201 ? 16.219  0.942   -11.969 1.00 40.28 ? 201 ASN A ND2 1 
ATOM   1547 O OXT . ASN A 1 201 ? 10.977  1.965   -10.575 1.00 39.13 ? 201 ASN A OXT 1 
HETATM 1548 S S   . SO4 B 2 .   ? -10.020 -1.183  6.412   0.50 21.37 ? 202 SO4 A S   1 
HETATM 1549 O O1  . SO4 B 2 .   ? -9.068  -0.261  7.017   0.50 17.28 ? 202 SO4 A O1  1 
HETATM 1550 O O2  . SO4 B 2 .   ? -11.208 -0.484  5.876   0.50 18.17 ? 202 SO4 A O2  1 
HETATM 1551 O O3  . SO4 B 2 .   ? -9.347  -1.905  5.306   0.50 20.36 ? 202 SO4 A O3  1 
HETATM 1552 O O4  . SO4 B 2 .   ? -10.448 -2.086  7.465   0.50 20.47 ? 202 SO4 A O4  1 
HETATM 1553 N N1  . GSH C 3 .   ? -8.649  -5.470  1.204   1.00 19.92 ? 204 GSH A N1  1 
HETATM 1554 C CA1 . GSH C 3 .   ? -7.371  -5.519  0.480   1.00 21.76 ? 204 GSH A CA1 1 
HETATM 1555 C C1  . GSH C 3 .   ? -6.229  -5.594  1.451   1.00 19.35 ? 204 GSH A C1  1 
HETATM 1556 O O11 . GSH C 3 .   ? -6.014  -4.509  2.087   1.00 19.23 ? 204 GSH A O11 1 
HETATM 1557 O O12 . GSH C 3 .   ? -5.357  -6.654  1.698   1.00 17.91 ? 204 GSH A O12 1 
HETATM 1558 C CB1 . GSH C 3 .   ? -7.374  -6.526  -0.658  1.00 20.92 ? 204 GSH A CB1 1 
HETATM 1559 C CG1 . GSH C 3 .   ? -6.011  -6.875  -1.256  1.00 22.26 ? 204 GSH A CG1 1 
HETATM 1560 C CD1 . GSH C 3 .   ? -6.064  -7.095  -2.771  1.00 21.02 ? 204 GSH A CD1 1 
HETATM 1561 O OE1 . GSH C 3 .   ? -7.257  -7.073  -3.496  1.00 18.46 ? 204 GSH A OE1 1 
HETATM 1562 N N2  . GSH C 3 .   ? -4.910  -7.280  -3.368  1.00 22.18 ? 204 GSH A N2  1 
HETATM 1563 C CA2 . GSH C 3 .   ? -4.799  -7.515  -4.800  1.00 24.34 ? 204 GSH A CA2 1 
HETATM 1564 C C2  . GSH C 3 .   ? -4.926  -8.970  -5.105  1.00 24.23 ? 204 GSH A C2  1 
HETATM 1565 O O2  . GSH C 3 .   ? -3.976  -9.829  -4.549  1.00 23.49 ? 204 GSH A O2  1 
HETATM 1566 C CB2 . GSH C 3 .   ? -3.432  -7.046  -5.276  1.00 25.14 ? 204 GSH A CB2 1 
HETATM 1567 S SG2 . GSH C 3 .   ? -3.251  -5.249  -5.150  1.00 29.07 ? 204 GSH A SG2 1 
HETATM 1568 N N3  . GSH C 3 .   ? -5.909  -9.389  -5.894  1.00 27.56 ? 204 GSH A N3  1 
HETATM 1569 C CA3 . GSH C 3 .   ? -6.137  -10.791 -6.213  1.00 31.26 ? 204 GSH A CA3 1 
HETATM 1570 C C3  . GSH C 3 .   ? -5.728  -11.052 -7.641  1.00 34.96 ? 204 GSH A C3  1 
HETATM 1571 O O31 . GSH C 3 .   ? -5.220  -10.089 -8.368  1.00 39.53 ? 204 GSH A O31 1 
HETATM 1572 O O32 . GSH C 3 .   ? -5.883  -12.317 -8.241  1.00 38.45 ? 204 GSH A O32 1 
HETATM 1573 O O   . HOH D 4 .   ? -6.821  -10.693 1.598   1.00 12.54 ? 205 HOH A O   1 
HETATM 1574 O O   . HOH D 4 .   ? 1.316   8.835   14.057  1.00 21.25 ? 206 HOH A O   1 
HETATM 1575 O O   . HOH D 4 .   ? -2.996  -17.712 10.509  1.00 29.93 ? 207 HOH A O   1 
HETATM 1576 O O   . HOH D 4 .   ? 1.935   10.761  7.537   1.00 15.49 ? 208 HOH A O   1 
HETATM 1577 O O   . HOH D 4 .   ? -11.898 -17.222 3.351   1.00 14.87 ? 209 HOH A O   1 
HETATM 1578 O O   . HOH D 4 .   ? 0.499   0.624   13.898  1.00 13.43 ? 210 HOH A O   1 
HETATM 1579 O O   . HOH D 4 .   ? 18.347  2.540   -0.748  1.00 32.01 ? 211 HOH A O   1 
HETATM 1580 O O   . HOH D 4 .   ? 4.644   -5.777  -3.618  1.00 23.65 ? 212 HOH A O   1 
HETATM 1581 O O   . HOH D 4 .   ? -7.632  -0.616  10.960  0.50 9.11  ? 213 HOH A O   1 
HETATM 1582 O O   . HOH D 4 .   ? 5.365   12.146  -7.680  1.00 29.92 ? 214 HOH A O   1 
HETATM 1583 O O   . HOH D 4 .   ? -4.365  12.674  20.338  1.00 27.93 ? 215 HOH A O   1 
HETATM 1584 O O   . HOH D 4 .   ? 2.773   16.215  13.087  1.00 24.38 ? 216 HOH A O   1 
HETATM 1585 O O   . HOH D 4 .   ? -11.464 13.472  8.002   1.00 23.56 ? 217 HOH A O   1 
HETATM 1586 O O   . HOH D 4 .   ? -7.026  -3.577  4.898   1.00 23.54 ? 218 HOH A O   1 
HETATM 1587 O O   . HOH D 4 .   ? -6.571  -0.461  4.413   1.00 20.34 ? 219 HOH A O   1 
HETATM 1588 O O   . HOH D 4 .   ? -8.779  -17.624 6.845   1.00 17.44 ? 220 HOH A O   1 
HETATM 1589 O O   . HOH D 4 .   ? 3.778   18.072  -7.151  1.00 26.42 ? 221 HOH A O   1 
HETATM 1590 O O   . HOH D 4 .   ? 1.200   -19.651 15.029  1.00 25.49 ? 222 HOH A O   1 
HETATM 1591 O O   . HOH D 4 .   ? -7.736  15.538  9.819   1.00 43.61 ? 223 HOH A O   1 
HETATM 1592 O O   . HOH D 4 .   ? 5.143   2.578   -6.878  1.00 46.07 ? 224 HOH A O   1 
HETATM 1593 O O   . HOH D 4 .   ? -17.897 6.166   -0.286  1.00 29.13 ? 225 HOH A O   1 
HETATM 1594 O O   . HOH D 4 .   ? -15.524 6.919   1.824   1.00 15.84 ? 226 HOH A O   1 
HETATM 1595 O O   . HOH D 4 .   ? -5.919  22.551  7.662   1.00 51.01 ? 227 HOH A O   1 
HETATM 1596 O O   . HOH D 4 .   ? 12.019  -0.100  14.309  1.00 26.32 ? 228 HOH A O   1 
HETATM 1597 O O   . HOH D 4 .   ? -4.333  20.842  -5.134  1.00 24.64 ? 229 HOH A O   1 
HETATM 1598 O O   . HOH D 4 .   ? -8.386  -2.695  -0.234  1.00 23.22 ? 230 HOH A O   1 
HETATM 1599 O O   . HOH D 4 .   ? -6.451  12.619  6.508   1.00 25.13 ? 231 HOH A O   1 
HETATM 1600 O O   . HOH D 4 .   ? 2.545   12.603  10.781  1.00 25.50 ? 232 HOH A O   1 
HETATM 1601 O O   . HOH D 4 .   ? 1.795   3.016   21.475  1.00 38.77 ? 233 HOH A O   1 
HETATM 1602 O O   . HOH D 4 .   ? 5.841   -18.109 19.762  1.00 48.07 ? 234 HOH A O   1 
HETATM 1603 O O   . HOH D 4 .   ? 0.700   16.448  3.084   1.00 28.30 ? 235 HOH A O   1 
HETATM 1604 O O   . HOH D 4 .   ? -10.802 -19.074 5.203   1.00 26.86 ? 236 HOH A O   1 
HETATM 1605 O O   . HOH D 4 .   ? -8.064  1.282   8.806   1.00 14.52 ? 237 HOH A O   1 
HETATM 1606 O O   . HOH D 4 .   ? -3.689  6.171   -19.898 1.00 32.10 ? 238 HOH A O   1 
HETATM 1607 O O   . HOH D 4 .   ? 9.160   10.981  9.117   1.00 35.92 ? 239 HOH A O   1 
HETATM 1608 O O   . HOH D 4 .   ? -12.186 1.015   3.746   1.00 10.41 ? 240 HOH A O   1 
HETATM 1609 O O   . HOH D 4 .   ? 0.578   13.575  20.632  1.00 51.33 ? 241 HOH A O   1 
HETATM 1610 O O   . HOH D 4 .   ? 11.722  12.452  3.378   1.00 32.74 ? 242 HOH A O   1 
HETATM 1611 O O   . HOH D 4 .   ? 15.046  0.814   15.652  1.00 41.36 ? 243 HOH A O   1 
HETATM 1612 O O   . HOH D 4 .   ? 2.036   19.630  10.428  1.00 33.30 ? 244 HOH A O   1 
HETATM 1613 O O   . HOH D 4 .   ? -2.575  -5.079  13.496  1.00 14.32 ? 245 HOH A O   1 
HETATM 1614 O O   . HOH D 4 .   ? -17.255 3.711   -4.176  1.00 51.20 ? 246 HOH A O   1 
HETATM 1615 O O   . HOH D 4 .   ? -3.125  14.823  -20.204 1.00 33.33 ? 247 HOH A O   1 
HETATM 1616 O O   . HOH D 4 .   ? 10.017  1.528   20.911  1.00 40.71 ? 248 HOH A O   1 
HETATM 1617 O O   . HOH D 4 .   ? -3.374  15.089  17.199  1.00 49.95 ? 249 HOH A O   1 
HETATM 1618 O O   . HOH D 4 .   ? -12.606 4.060   -21.584 1.00 26.36 ? 250 HOH A O   1 
HETATM 1619 O O   . HOH D 4 .   ? 14.269  -9.841  -3.084  1.00 38.69 ? 251 HOH A O   1 
HETATM 1620 O O   . HOH D 4 .   ? -17.176 8.731   -0.467  1.00 36.18 ? 252 HOH A O   1 
HETATM 1621 O O   . HOH D 4 .   ? 6.683   16.851  15.136  1.00 30.81 ? 253 HOH A O   1 
HETATM 1622 O O   . HOH D 4 .   ? -6.910  0.858   -18.927 1.00 40.79 ? 254 HOH A O   1 
HETATM 1623 O O   . HOH D 4 .   ? 10.017  4.792   19.427  1.00 39.15 ? 255 HOH A O   1 
HETATM 1624 O O   . HOH D 4 .   ? -3.959  14.087  14.972  1.00 29.40 ? 256 HOH A O   1 
HETATM 1625 O O   . HOH D 4 .   ? 3.712   19.771  14.496  1.00 36.14 ? 257 HOH A O   1 
HETATM 1626 O O   . HOH D 4 .   ? -13.809 3.501   -4.134  1.00 24.59 ? 258 HOH A O   1 
HETATM 1627 O O   . HOH D 4 .   ? 15.641  0.654   8.422   1.00 37.91 ? 259 HOH A O   1 
HETATM 1628 O O   . HOH D 4 .   ? -1.971  1.492   22.273  1.00 27.27 ? 260 HOH A O   1 
HETATM 1629 O O   . HOH D 4 .   ? -9.288  17.910  -5.040  1.00 26.97 ? 261 HOH A O   1 
HETATM 1630 O O   . HOH D 4 .   ? 0.954   9.303   19.299  1.00 38.24 ? 262 HOH A O   1 
HETATM 1631 O O   . HOH D 4 .   ? -10.762 -3.737  -4.058  1.00 41.41 ? 263 HOH A O   1 
HETATM 1632 O O   . HOH D 4 .   ? 2.854   -18.793 5.401   1.00 30.95 ? 264 HOH A O   1 
HETATM 1633 O O   . HOH D 4 .   ? -6.707  10.784  8.406   1.00 17.97 ? 265 HOH A O   1 
HETATM 1634 O O   . HOH D 4 .   ? -9.157  -14.910 -5.265  1.00 36.08 ? 266 HOH A O   1 
HETATM 1635 O O   . HOH D 4 .   ? -7.950  -8.419  -20.577 1.00 45.64 ? 267 HOH A O   1 
HETATM 1636 O O   . HOH D 4 .   ? 7.946   -16.625 10.001  1.00 34.82 ? 268 HOH A O   1 
HETATM 1637 O O   . HOH D 4 .   ? 0.772   18.260  0.905   1.00 34.80 ? 269 HOH A O   1 
HETATM 1638 O O   . HOH D 4 .   ? -7.449  -22.399 2.115   1.00 39.71 ? 270 HOH A O   1 
HETATM 1639 O O   . HOH D 4 .   ? -3.719  -20.409 12.443  1.00 47.11 ? 271 HOH A O   1 
HETATM 1640 O O   . HOH D 4 .   ? -3.386  17.682  9.992   1.00 34.84 ? 272 HOH A O   1 
HETATM 1641 O O   . HOH D 4 .   ? -4.644  -9.038  2.040   1.00 15.21 ? 273 HOH A O   1 
HETATM 1642 O O   . HOH D 4 .   ? -8.228  -11.169 3.850   1.00 13.16 ? 274 HOH A O   1 
HETATM 1643 O O   . HOH D 4 .   ? -12.222 -18.868 1.378   1.00 19.38 ? 275 HOH A O   1 
HETATM 1644 O O   . HOH D 4 .   ? 3.144   8.022   18.280  1.00 52.72 ? 276 HOH A O   1 
HETATM 1645 O O   . HOH D 4 .   ? -1.418  9.432   13.055  1.00 25.40 ? 277 HOH A O   1 
HETATM 1646 O O   . HOH D 4 .   ? 4.915   3.311   -11.564 1.00 37.79 ? 278 HOH A O   1 
HETATM 1647 O O   . HOH D 4 .   ? 1.221   18.817  -11.081 1.00 28.59 ? 279 HOH A O   1 
HETATM 1648 O O   . HOH D 4 .   ? 10.773  4.341   -8.258  1.00 47.67 ? 280 HOH A O   1 
HETATM 1649 O O   . HOH D 4 .   ? 4.687   -20.616 1.537   1.00 27.53 ? 281 HOH A O   1 
HETATM 1650 O O   . HOH D 4 .   ? -3.589  -22.562 -6.279  1.00 35.00 ? 282 HOH A O   1 
HETATM 1651 O O   . HOH D 4 .   ? 18.020  -5.528  0.182   1.00 35.34 ? 283 HOH A O   1 
HETATM 1652 O O   . HOH D 4 .   ? 8.268   -4.044  13.173  1.00 47.07 ? 284 HOH A O   1 
HETATM 1653 O O   . HOH D 4 .   ? -3.610  21.171  7.893   1.00 50.21 ? 285 HOH A O   1 
HETATM 1654 O O   . HOH D 4 .   ? -19.253 6.387   -3.192  1.00 45.80 ? 286 HOH A O   1 
HETATM 1655 O O   . HOH D 4 .   ? 11.212  -12.743 -3.764  1.00 36.90 ? 287 HOH A O   1 
HETATM 1656 O O   . HOH D 4 .   ? 13.741  -13.025 1.434   1.00 33.56 ? 288 HOH A O   1 
HETATM 1657 O O   . HOH D 4 .   ? 13.605  2.617   11.426  1.00 27.61 ? 289 HOH A O   1 
HETATM 1658 O O   . HOH D 4 .   ? 8.205   8.126   10.345  1.00 21.81 ? 290 HOH A O   1 
HETATM 1659 O O   . HOH D 4 .   ? -7.314  16.095  14.464  1.00 27.16 ? 291 HOH A O   1 
HETATM 1660 O O   . HOH D 4 .   ? -7.982  10.625  -15.362 1.00 36.79 ? 292 HOH A O   1 
HETATM 1661 O O   . HOH D 4 .   ? -13.427 14.402  -5.806  1.00 19.87 ? 293 HOH A O   1 
HETATM 1662 O O   . HOH D 4 .   ? -3.821  22.743  1.512   1.00 30.00 ? 294 HOH A O   1 
HETATM 1663 O O   . HOH D 4 .   ? 1.084   12.915  -14.131 1.00 24.91 ? 295 HOH A O   1 
HETATM 1664 O O   . HOH D 4 .   ? -1.577  21.412  -10.690 1.00 22.18 ? 296 HOH A O   1 
HETATM 1665 O O   . HOH D 4 .   ? 0.752   -12.932 -11.209 1.00 36.92 ? 297 HOH A O   1 
HETATM 1666 O O   . HOH D 4 .   ? 2.357   11.645  13.092  1.00 32.15 ? 298 HOH A O   1 
HETATM 1667 O O   . HOH D 4 .   ? 10.166  -15.646 -3.820  1.00 28.21 ? 299 HOH A O   1 
HETATM 1668 O O   . HOH D 4 .   ? 15.780  -4.918  7.444   1.00 34.32 ? 300 HOH A O   1 
HETATM 1669 O O   . HOH D 4 .   ? 2.702   -20.633 8.569   1.00 26.12 ? 301 HOH A O   1 
HETATM 1670 O O   . HOH D 4 .   ? 5.869   -20.466 5.522   1.00 30.11 ? 302 HOH A O   1 
HETATM 1671 O O   . HOH D 4 .   ? 3.301   -0.365  -8.972  1.00 31.28 ? 303 HOH A O   1 
HETATM 1672 O O   . HOH D 4 .   ? 3.007   1.855   -7.633  1.00 28.62 ? 304 HOH A O   1 
HETATM 1673 O O   . HOH D 4 .   ? 15.718  -8.280  4.260   1.00 36.98 ? 305 HOH A O   1 
HETATM 1674 O O   . HOH D 4 .   ? -7.513  -24.582 -3.036  1.00 30.67 ? 306 HOH A O   1 
HETATM 1675 O O   . HOH D 4 .   ? -10.504 -21.706 4.493   1.00 26.38 ? 307 HOH A O   1 
HETATM 1676 O O   . HOH D 4 .   ? -6.613  -19.021 6.897   1.00 28.60 ? 308 HOH A O   1 
HETATM 1677 O O   . HOH D 4 .   ? -8.949  -15.875 9.748   1.00 35.21 ? 309 HOH A O   1 
HETATM 1678 O O   . HOH D 4 .   ? -4.358  -3.522  -0.100  1.00 39.19 ? 310 HOH A O   1 
HETATM 1679 O O   . HOH D 4 .   ? -6.443  -2.001  2.064   1.00 31.60 ? 311 HOH A O   1 
HETATM 1680 O O   . HOH D 4 .   ? -1.272  -5.237  15.563  1.00 33.87 ? 312 HOH A O   1 
HETATM 1681 O O   . HOH D 4 .   ? 1.324   9.744   16.381  1.00 25.55 ? 313 HOH A O   1 
HETATM 1682 O O   . HOH D 4 .   ? -4.456  2.318   24.477  1.00 36.59 ? 314 HOH A O   1 
HETATM 1683 O O   . HOH D 4 .   ? -7.340  1.855   24.786  1.00 40.66 ? 315 HOH A O   1 
HETATM 1684 O O   . HOH D 4 .   ? -13.762 -3.143  -13.570 1.00 36.14 ? 316 HOH A O   1 
HETATM 1685 O O   . HOH D 4 .   ? 4.578   19.335  8.604   1.00 23.50 ? 317 HOH A O   1 
HETATM 1686 O O   . HOH D 4 .   ? 6.566   21.571  0.640   1.00 36.66 ? 318 HOH A O   1 
HETATM 1687 O O   . HOH D 4 .   ? -17.776 8.413   -8.763  1.00 41.19 ? 319 HOH A O   1 
HETATM 1688 O O   . HOH D 4 .   ? -11.246 15.613  -9.050  1.00 31.51 ? 320 HOH A O   1 
HETATM 1689 O O   . HOH D 4 .   ? -10.066 17.581  -8.027  1.00 24.92 ? 321 HOH A O   1 
HETATM 1690 O O   . HOH D 4 .   ? -11.643 19.751  -8.351  1.00 25.45 ? 322 HOH A O   1 
HETATM 1691 O O   . HOH D 4 .   ? -4.974  22.885  3.484   1.00 36.12 ? 323 HOH A O   1 
HETATM 1692 O O   . HOH D 4 .   ? -1.588  16.292  4.775   1.00 24.45 ? 324 HOH A O   1 
HETATM 1693 O O   . HOH D 4 .   ? 2.497   15.869  1.468   1.00 40.93 ? 325 HOH A O   1 
HETATM 1694 O O   . HOH D 4 .   ? -4.775  14.966  -13.317 1.00 29.54 ? 326 HOH A O   1 
HETATM 1695 O O   . HOH D 4 .   ? 10.102  19.463  -1.519  1.00 33.44 ? 327 HOH A O   1 
# 
loop_
_pdbx_poly_seq_scheme.asym_id 
_pdbx_poly_seq_scheme.entity_id 
_pdbx_poly_seq_scheme.seq_id 
_pdbx_poly_seq_scheme.mon_id 
_pdbx_poly_seq_scheme.ndb_seq_num 
_pdbx_poly_seq_scheme.pdb_seq_num 
_pdbx_poly_seq_scheme.auth_seq_num 
_pdbx_poly_seq_scheme.pdb_mon_id 
_pdbx_poly_seq_scheme.auth_mon_id 
_pdbx_poly_seq_scheme.pdb_strand_id 
_pdbx_poly_seq_scheme.pdb_ins_code 
_pdbx_poly_seq_scheme.hetero 
A 1 1   MET 1   1   1   MET MET A . n 
A 1 2   LYS 2   2   2   LYS LYS A . n 
A 1 3   LEU 3   3   3   LEU LEU A . n 
A 1 4   TYR 4   4   4   TYR TYR A . n 
A 1 5   TYR 5   5   5   TYR TYR A . n 
A 1 6   LYS 6   6   6   LYS LYS A . n 
A 1 7   VAL 7   7   7   VAL VAL A . n 
A 1 8   GLY 8   8   8   GLY GLY A . n 
A 1 9   ALA 9   9   9   ALA ALA A . n 
A 1 10  CYS 10  10  10  CYS CYS A . n 
A 1 11  SER 11  11  11  SER SER A . n 
A 1 12  LEU 12  12  12  LEU LEU A . n 
A 1 13  ALA 13  13  13  ALA ALA A . n 
A 1 14  PRO 14  14  14  PRO PRO A . n 
A 1 15  HIS 15  15  15  HIS HIS A . n 
A 1 16  ILE 16  16  16  ILE ILE A . n 
A 1 17  ILE 17  17  17  ILE ILE A . n 
A 1 18  LEU 18  18  18  LEU LEU A . n 
A 1 19  SER 19  19  19  SER SER A . n 
A 1 20  GLU 20  20  20  GLU GLU A . n 
A 1 21  ALA 21  21  21  ALA ALA A . n 
A 1 22  GLY 22  22  22  GLY GLY A . n 
A 1 23  LEU 23  23  23  LEU LEU A . n 
A 1 24  PRO 24  24  24  PRO PRO A . n 
A 1 25  TYR 25  25  25  TYR TYR A . n 
A 1 26  GLU 26  26  26  GLU GLU A . n 
A 1 27  LEU 27  27  27  LEU LEU A . n 
A 1 28  GLU 28  28  28  GLU GLU A . n 
A 1 29  ALA 29  29  29  ALA ALA A . n 
A 1 30  VAL 30  30  30  VAL VAL A . n 
A 1 31  ASP 31  31  31  ASP ASP A . n 
A 1 32  LEU 32  32  32  LEU LEU A . n 
A 1 33  LYS 33  33  33  LYS LYS A . n 
A 1 34  ALA 34  34  34  ALA ALA A . n 
A 1 35  LYS 35  35  35  LYS LYS A . n 
A 1 36  LYS 36  36  36  LYS LYS A . n 
A 1 37  THR 37  37  37  THR THR A . n 
A 1 38  ALA 38  38  38  ALA ALA A . n 
A 1 39  ASP 39  39  39  ASP ASP A . n 
A 1 40  GLY 40  40  40  GLY GLY A . n 
A 1 41  GLY 41  41  41  GLY GLY A . n 
A 1 42  ASP 42  42  42  ASP ASP A . n 
A 1 43  TYR 43  43  43  TYR TYR A . n 
A 1 44  PHE 44  44  44  PHE PHE A . n 
A 1 45  ALA 45  45  45  ALA ALA A . n 
A 1 46  VAL 46  46  46  VAL VAL A . n 
A 1 47  ASN 47  47  47  ASN ASN A . n 
A 1 48  PRO 48  48  48  PRO PRO A . n 
A 1 49  ARG 49  49  49  ARG ARG A . n 
A 1 50  GLY 50  50  50  GLY GLY A . n 
A 1 51  ALA 51  51  51  ALA ALA A . n 
A 1 52  VAL 52  52  52  VAL VAL A . n 
A 1 53  PRO 53  53  53  PRO PRO A . n 
A 1 54  ALA 54  54  54  ALA ALA A . n 
A 1 55  LEU 55  55  55  LEU LEU A . n 
A 1 56  GLU 56  56  56  GLU GLU A . n 
A 1 57  VAL 57  57  57  VAL VAL A . n 
A 1 58  LYS 58  58  58  LYS LYS A . n 
A 1 59  PRO 59  59  59  PRO PRO A . n 
A 1 60  GLY 60  60  60  GLY GLY A . n 
A 1 61  THR 61  61  61  THR THR A . n 
A 1 62  VAL 62  62  62  VAL VAL A . n 
A 1 63  ILE 63  63  63  ILE ILE A . n 
A 1 64  THR 64  64  64  THR THR A . n 
A 1 65  GLN 65  65  65  GLN GLN A . n 
A 1 66  ASN 66  66  66  ASN ASN A . n 
A 1 67  ALA 67  67  67  ALA ALA A . n 
A 1 68  ALA 68  68  68  ALA ALA A . n 
A 1 69  ILE 69  69  69  ILE ILE A . n 
A 1 70  LEU 70  70  70  LEU LEU A . n 
A 1 71  GLN 71  71  71  GLN GLN A . n 
A 1 72  TYR 72  72  72  TYR TYR A . n 
A 1 73  ILE 73  73  73  ILE ILE A . n 
A 1 74  GLY 74  74  74  GLY GLY A . n 
A 1 75  ASP 75  75  75  ASP ASP A . n 
A 1 76  HIS 76  76  76  HIS HIS A . n 
A 1 77  SER 77  77  77  SER SER A . n 
A 1 78  ASP 78  78  78  ASP ASP A . n 
A 1 79  VAL 79  79  79  VAL VAL A . n 
A 1 80  ALA 80  80  80  ALA ALA A . n 
A 1 81  ALA 81  81  81  ALA ALA A . n 
A 1 82  PHE 82  82  82  PHE PHE A . n 
A 1 83  LYS 83  83  83  LYS LYS A . n 
A 1 84  PRO 84  84  84  PRO PRO A . n 
A 1 85  ALA 85  85  85  ALA ALA A . n 
A 1 86  TYR 86  86  86  TYR TYR A . n 
A 1 87  GLY 87  87  87  GLY GLY A . n 
A 1 88  SER 88  88  88  SER SER A . n 
A 1 89  ILE 89  89  89  ILE ILE A . n 
A 1 90  GLU 90  90  90  GLU GLU A . n 
A 1 91  ARG 91  91  91  ARG ARG A . n 
A 1 92  ALA 92  92  92  ALA ALA A . n 
A 1 93  ARG 93  93  93  ARG ARG A . n 
A 1 94  LEU 94  94  94  LEU LEU A . n 
A 1 95  GLN 95  95  95  GLN GLN A . n 
A 1 96  GLU 96  96  96  GLU GLU A . n 
A 1 97  ALA 97  97  97  ALA ALA A . n 
A 1 98  LEU 98  98  98  LEU LEU A . n 
A 1 99  GLY 99  99  99  GLY GLY A . n 
A 1 100 PHE 100 100 100 PHE PHE A . n 
A 1 101 CYS 101 101 101 CYS CYS A . n 
A 1 102 SER 102 102 102 SER SER A . n 
A 1 103 ASP 103 103 103 ASP ASP A . n 
A 1 104 LEU 104 104 104 LEU LEU A . n 
A 1 105 HIS 105 105 105 HIS HIS A . n 
A 1 106 ALA 106 106 106 ALA ALA A . n 
A 1 107 ALA 107 107 107 ALA ALA A . n 
A 1 108 PHE 108 108 108 PHE PHE A . n 
A 1 109 SER 109 109 109 SER SER A . n 
A 1 110 GLY 110 110 110 GLY GLY A . n 
A 1 111 LEU 111 111 111 LEU LEU A . n 
A 1 112 PHE 112 112 112 PHE PHE A . n 
A 1 113 ALA 113 113 113 ALA ALA A . n 
A 1 114 PRO 114 114 114 PRO PRO A . n 
A 1 115 ASN 115 115 115 ASN ASN A . n 
A 1 116 LEU 116 116 116 LEU LEU A . n 
A 1 117 SER 117 117 117 SER SER A . n 
A 1 118 GLU 118 118 118 GLU GLU A . n 
A 1 119 GLU 119 119 119 GLU GLU A . n 
A 1 120 ALA 120 120 120 ALA ALA A . n 
A 1 121 ARG 121 121 121 ARG ARG A . n 
A 1 122 ALA 122 122 122 ALA ALA A . n 
A 1 123 GLY 123 123 123 GLY GLY A . n 
A 1 124 VAL 124 124 124 VAL VAL A . n 
A 1 125 ILE 125 125 125 ILE ILE A . n 
A 1 126 ALA 126 126 126 ALA ALA A . n 
A 1 127 ASN 127 127 127 ASN ASN A . n 
A 1 128 ILE 128 128 128 ILE ILE A . n 
A 1 129 ASN 129 129 129 ASN ASN A . n 
A 1 130 ARG 130 130 130 ARG ARG A . n 
A 1 131 ARG 131 131 131 ARG ARG A . n 
A 1 132 LEU 132 132 132 LEU LEU A . n 
A 1 133 GLY 133 133 133 GLY GLY A . n 
A 1 134 GLN 134 134 134 GLN GLN A . n 
A 1 135 LEU 135 135 135 LEU LEU A . n 
A 1 136 GLU 136 136 136 GLU GLU A . n 
A 1 137 ALA 137 137 137 ALA ALA A . n 
A 1 138 MET 138 138 138 MET MET A . n 
A 1 139 LEU 139 139 139 LEU LEU A . n 
A 1 140 SER 140 140 140 SER SER A . n 
A 1 141 ASP 141 141 141 ASP ASP A . n 
A 1 142 LYS 142 142 142 LYS LYS A . n 
A 1 143 ASN 143 143 143 ASN ASN A . n 
A 1 144 ALA 144 144 144 ALA ALA A . n 
A 1 145 TYR 145 145 145 TYR TYR A . n 
A 1 146 TRP 146 146 146 TRP TRP A . n 
A 1 147 LEU 147 147 147 LEU LEU A . n 
A 1 148 GLY 148 148 148 GLY GLY A . n 
A 1 149 ASP 149 149 149 ASP ASP A . n 
A 1 150 ASP 150 150 150 ASP ASP A . n 
A 1 151 PHE 151 151 151 PHE PHE A . n 
A 1 152 THR 152 152 152 THR THR A . n 
A 1 153 GLN 153 153 153 GLN GLN A . n 
A 1 154 PRO 154 154 154 PRO PRO A . n 
A 1 155 ASP 155 155 155 ASP ASP A . n 
A 1 156 ALA 156 156 156 ALA ALA A . n 
A 1 157 TYR 157 157 157 TYR TYR A . n 
A 1 158 ALA 158 158 158 ALA ALA A . n 
A 1 159 SER 159 159 159 SER SER A . n 
A 1 160 VAL 160 160 160 VAL VAL A . n 
A 1 161 ILE 161 161 161 ILE ILE A . n 
A 1 162 ILE 162 162 162 ILE ILE A . n 
A 1 163 GLY 163 163 163 GLY GLY A . n 
A 1 164 TRP 164 164 164 TRP TRP A . n 
A 1 165 GLY 165 165 165 GLY GLY A . n 
A 1 166 VAL 166 166 166 VAL VAL A . n 
A 1 167 GLY 167 167 167 GLY GLY A . n 
A 1 168 GLN 168 168 168 GLN GLN A . n 
A 1 169 LYS 169 169 169 LYS LYS A . n 
A 1 170 LEU 170 170 170 LEU LEU A . n 
A 1 171 ASP 171 171 171 ASP ASP A . n 
A 1 172 LEU 172 172 172 LEU LEU A . n 
A 1 173 SER 173 173 173 SER SER A . n 
A 1 174 ALA 174 174 174 ALA ALA A . n 
A 1 175 TYR 175 175 175 TYR TYR A . n 
A 1 176 PRO 176 176 176 PRO PRO A . n 
A 1 177 LYS 177 177 177 LYS LYS A . n 
A 1 178 ALA 178 178 178 ALA ALA A . n 
A 1 179 LEU 179 179 179 LEU LEU A . n 
A 1 180 LYS 180 180 180 LYS LYS A . n 
A 1 181 LEU 181 181 181 LEU LEU A . n 
A 1 182 ARG 182 182 182 ARG ARG A . n 
A 1 183 GLU 183 183 183 GLU GLU A . n 
A 1 184 ARG 184 184 184 ARG ARG A . n 
A 1 185 VAL 185 185 185 VAL VAL A . n 
A 1 186 LEU 186 186 186 LEU LEU A . n 
A 1 187 ALA 187 187 187 ALA ALA A . n 
A 1 188 ARG 188 188 188 ARG ARG A . n 
A 1 189 PRO 189 189 189 PRO PRO A . n 
A 1 190 ASN 190 190 190 ASN ASN A . n 
A 1 191 VAL 191 191 191 VAL VAL A . n 
A 1 192 GLN 192 192 192 GLN GLN A . n 
A 1 193 LYS 193 193 193 LYS LYS A . n 
A 1 194 ALA 194 194 194 ALA ALA A . n 
A 1 195 PHE 195 195 195 PHE PHE A . n 
A 1 196 LYS 196 196 196 LYS LYS A . n 
A 1 197 GLU 197 197 197 GLU GLU A . n 
A 1 198 GLU 198 198 198 GLU GLU A . n 
A 1 199 GLY 199 199 199 GLY GLY A . n 
A 1 200 LEU 200 200 200 LEU LEU A . n 
A 1 201 ASN 201 201 201 ASN ASN A . n 
# 
loop_
_pdbx_nonpoly_scheme.asym_id 
_pdbx_nonpoly_scheme.entity_id 
_pdbx_nonpoly_scheme.mon_id 
_pdbx_nonpoly_scheme.ndb_seq_num 
_pdbx_nonpoly_scheme.pdb_seq_num 
_pdbx_nonpoly_scheme.auth_seq_num 
_pdbx_nonpoly_scheme.pdb_mon_id 
_pdbx_nonpoly_scheme.auth_mon_id 
_pdbx_nonpoly_scheme.pdb_strand_id 
_pdbx_nonpoly_scheme.pdb_ins_code 
B 2 SO4 1   202 1   SO4 SO4 A . 
C 3 GSH 1   204 204 GSH GTT A . 
D 4 HOH 1   205 2   HOH HOH A . 
D 4 HOH 2   206 3   HOH HOH A . 
D 4 HOH 3   207 5   HOH HOH A . 
D 4 HOH 4   208 6   HOH HOH A . 
D 4 HOH 5   209 8   HOH HOH A . 
D 4 HOH 6   210 9   HOH HOH A . 
D 4 HOH 7   211 10  HOH HOH A . 
D 4 HOH 8   212 12  HOH HOH A . 
D 4 HOH 9   213 13  HOH HOH A . 
D 4 HOH 10  214 14  HOH HOH A . 
D 4 HOH 11  215 15  HOH HOH A . 
D 4 HOH 12  216 16  HOH HOH A . 
D 4 HOH 13  217 18  HOH HOH A . 
D 4 HOH 14  218 19  HOH HOH A . 
D 4 HOH 15  219 20  HOH HOH A . 
D 4 HOH 16  220 21  HOH HOH A . 
D 4 HOH 17  221 22  HOH HOH A . 
D 4 HOH 18  222 23  HOH HOH A . 
D 4 HOH 19  223 24  HOH HOH A . 
D 4 HOH 20  224 25  HOH HOH A . 
D 4 HOH 21  225 26  HOH HOH A . 
D 4 HOH 22  226 27  HOH HOH A . 
D 4 HOH 23  227 28  HOH HOH A . 
D 4 HOH 24  228 29  HOH HOH A . 
D 4 HOH 25  229 30  HOH HOH A . 
D 4 HOH 26  230 31  HOH HOH A . 
D 4 HOH 27  231 33  HOH HOH A . 
D 4 HOH 28  232 34  HOH HOH A . 
D 4 HOH 29  233 35  HOH HOH A . 
D 4 HOH 30  234 36  HOH HOH A . 
D 4 HOH 31  235 37  HOH HOH A . 
D 4 HOH 32  236 38  HOH HOH A . 
D 4 HOH 33  237 39  HOH HOH A . 
D 4 HOH 34  238 40  HOH HOH A . 
D 4 HOH 35  239 41  HOH HOH A . 
D 4 HOH 36  240 42  HOH HOH A . 
D 4 HOH 37  241 43  HOH HOH A . 
D 4 HOH 38  242 44  HOH HOH A . 
D 4 HOH 39  243 45  HOH HOH A . 
D 4 HOH 40  244 46  HOH HOH A . 
D 4 HOH 41  245 47  HOH HOH A . 
D 4 HOH 42  246 48  HOH HOH A . 
D 4 HOH 43  247 49  HOH HOH A . 
D 4 HOH 44  248 50  HOH HOH A . 
D 4 HOH 45  249 53  HOH HOH A . 
D 4 HOH 46  250 54  HOH HOH A . 
D 4 HOH 47  251 55  HOH HOH A . 
D 4 HOH 48  252 57  HOH HOH A . 
D 4 HOH 49  253 58  HOH HOH A . 
D 4 HOH 50  254 59  HOH HOH A . 
D 4 HOH 51  255 62  HOH HOH A . 
D 4 HOH 52  256 65  HOH HOH A . 
D 4 HOH 53  257 67  HOH HOH A . 
D 4 HOH 54  258 68  HOH HOH A . 
D 4 HOH 55  259 69  HOH HOH A . 
D 4 HOH 56  260 70  HOH HOH A . 
D 4 HOH 57  261 72  HOH HOH A . 
D 4 HOH 58  262 75  HOH HOH A . 
D 4 HOH 59  263 79  HOH HOH A . 
D 4 HOH 60  264 84  HOH HOH A . 
D 4 HOH 61  265 87  HOH HOH A . 
D 4 HOH 62  266 88  HOH HOH A . 
D 4 HOH 63  267 90  HOH HOH A . 
D 4 HOH 64  268 91  HOH HOH A . 
D 4 HOH 65  269 92  HOH HOH A . 
D 4 HOH 66  270 94  HOH HOH A . 
D 4 HOH 67  271 96  HOH HOH A . 
D 4 HOH 68  272 98  HOH HOH A . 
D 4 HOH 69  273 99  HOH HOH A . 
D 4 HOH 70  274 100 HOH HOH A . 
D 4 HOH 71  275 101 HOH HOH A . 
D 4 HOH 72  276 103 HOH HOH A . 
D 4 HOH 73  277 106 HOH HOH A . 
D 4 HOH 74  278 110 HOH HOH A . 
D 4 HOH 75  279 111 HOH HOH A . 
D 4 HOH 76  280 112 HOH HOH A . 
D 4 HOH 77  281 113 HOH HOH A . 
D 4 HOH 78  282 115 HOH HOH A . 
D 4 HOH 79  283 116 HOH HOH A . 
D 4 HOH 80  284 118 HOH HOH A . 
D 4 HOH 81  285 123 HOH HOH A . 
D 4 HOH 82  286 124 HOH HOH A . 
D 4 HOH 83  287 129 HOH HOH A . 
D 4 HOH 84  288 132 HOH HOH A . 
D 4 HOH 85  289 133 HOH HOH A . 
D 4 HOH 86  290 134 HOH HOH A . 
D 4 HOH 87  291 135 HOH HOH A . 
D 4 HOH 88  292 136 HOH HOH A . 
D 4 HOH 89  293 137 HOH HOH A . 
D 4 HOH 90  294 138 HOH HOH A . 
D 4 HOH 91  295 139 HOH HOH A . 
D 4 HOH 92  296 140 HOH HOH A . 
D 4 HOH 93  297 141 HOH HOH A . 
D 4 HOH 94  298 142 HOH HOH A . 
D 4 HOH 95  299 143 HOH HOH A . 
D 4 HOH 96  300 144 HOH HOH A . 
D 4 HOH 97  301 145 HOH HOH A . 
D 4 HOH 98  302 146 HOH HOH A . 
D 4 HOH 99  303 147 HOH HOH A . 
D 4 HOH 100 304 148 HOH HOH A . 
D 4 HOH 101 305 149 HOH HOH A . 
D 4 HOH 102 306 150 HOH HOH A . 
D 4 HOH 103 307 151 HOH HOH A . 
D 4 HOH 104 308 152 HOH HOH A . 
D 4 HOH 105 309 153 HOH HOH A . 
D 4 HOH 106 310 154 HOH HOH A . 
D 4 HOH 107 311 155 HOH HOH A . 
D 4 HOH 108 312 156 HOH HOH A . 
D 4 HOH 109 313 157 HOH HOH A . 
D 4 HOH 110 314 158 HOH HOH A . 
D 4 HOH 111 315 159 HOH HOH A . 
D 4 HOH 112 316 161 HOH HOH A . 
D 4 HOH 113 317 162 HOH HOH A . 
D 4 HOH 114 318 163 HOH HOH A . 
D 4 HOH 115 319 164 HOH HOH A . 
D 4 HOH 116 320 165 HOH HOH A . 
D 4 HOH 117 321 166 HOH HOH A . 
D 4 HOH 118 322 167 HOH HOH A . 
D 4 HOH 119 323 168 HOH HOH A . 
D 4 HOH 120 324 169 HOH HOH A . 
D 4 HOH 121 325 170 HOH HOH A . 
D 4 HOH 122 326 171 HOH HOH A . 
D 4 HOH 123 327 172 HOH HOH A . 
# 
_pdbx_struct_assembly.id                   1 
_pdbx_struct_assembly.details              author_and_software_defined_assembly 
_pdbx_struct_assembly.method_details       PISA 
_pdbx_struct_assembly.oligomeric_details   dimeric 
_pdbx_struct_assembly.oligomeric_count     2 
# 
_pdbx_struct_assembly_gen.assembly_id       1 
_pdbx_struct_assembly_gen.oper_expression   1,2 
_pdbx_struct_assembly_gen.asym_id_list      A,B,C,D 
# 
loop_
_pdbx_struct_oper_list.id 
_pdbx_struct_oper_list.type 
_pdbx_struct_oper_list.name 
_pdbx_struct_oper_list.symmetry_operation 
_pdbx_struct_oper_list.matrix[1][1] 
_pdbx_struct_oper_list.matrix[1][2] 
_pdbx_struct_oper_list.matrix[1][3] 
_pdbx_struct_oper_list.vector[1] 
_pdbx_struct_oper_list.matrix[2][1] 
_pdbx_struct_oper_list.matrix[2][2] 
_pdbx_struct_oper_list.matrix[2][3] 
_pdbx_struct_oper_list.vector[2] 
_pdbx_struct_oper_list.matrix[3][1] 
_pdbx_struct_oper_list.matrix[3][2] 
_pdbx_struct_oper_list.matrix[3][3] 
_pdbx_struct_oper_list.vector[3] 
1 'identity operation'         1_555  x,y,z           1.0000000000  0.0000000000 0.0000000000 0.0000000000   0.0000000000 1.0000000000  0.0000000000 0.0000000000  0.0000000000 0.0000000000 1.0000000000 0.0000000000 
2 'crystal symmetry operation' 11_655 -x+y+1,y,-z+1/2 -0.6592625814 0.0576870081 0.7496966439 -20.8570053529 0.0576870081 -0.9902335619 0.1269240007 -2.1290275983 0.7496966439 0.1269240007 0.6494961433 9.6433396826 
# 
_pdbx_struct_special_symmetry.id              1 
_pdbx_struct_special_symmetry.PDB_model_num   1 
_pdbx_struct_special_symmetry.auth_asym_id    A 
_pdbx_struct_special_symmetry.auth_comp_id    HOH 
_pdbx_struct_special_symmetry.auth_seq_id     213 
_pdbx_struct_special_symmetry.PDB_ins_code    ? 
_pdbx_struct_special_symmetry.label_asym_id   D 
_pdbx_struct_special_symmetry.label_comp_id   HOH 
_pdbx_struct_special_symmetry.label_seq_id    . 
# 
loop_
_pdbx_audit_revision_history.ordinal 
_pdbx_audit_revision_history.data_content_type 
_pdbx_audit_revision_history.major_revision 
_pdbx_audit_revision_history.minor_revision 
_pdbx_audit_revision_history.revision_date 
1 'Structure model' 1 0 2007-09-25 
2 'Structure model' 1 1 2011-07-13 
3 'Structure model' 1 2 2012-03-21 
4 'Structure model' 1 3 2023-08-30 
# 
_pdbx_audit_revision_details.ordinal             1 
_pdbx_audit_revision_details.revision_ordinal    1 
_pdbx_audit_revision_details.data_content_type   'Structure model' 
_pdbx_audit_revision_details.provider            repository 
_pdbx_audit_revision_details.type                'Initial release' 
_pdbx_audit_revision_details.description         ? 
_pdbx_audit_revision_details.details             ? 
# 
loop_
_pdbx_audit_revision_group.ordinal 
_pdbx_audit_revision_group.revision_ordinal 
_pdbx_audit_revision_group.data_content_type 
_pdbx_audit_revision_group.group 
1 2 'Structure model' Advisory                    
2 2 'Structure model' 'Version format compliance' 
3 3 'Structure model' 'Non-polymer description'   
4 4 'Structure model' 'Data collection'           
5 4 'Structure model' 'Database references'       
6 4 'Structure model' 'Derived calculations'      
7 4 'Structure model' 'Refinement description'    
# 
loop_
_pdbx_audit_revision_category.ordinal 
_pdbx_audit_revision_category.revision_ordinal 
_pdbx_audit_revision_category.data_content_type 
_pdbx_audit_revision_category.category 
1 4 'Structure model' chem_comp_atom                
2 4 'Structure model' chem_comp_bond                
3 4 'Structure model' database_2                    
4 4 'Structure model' pdbx_initial_refinement_model 
5 4 'Structure model' struct_site                   
# 
loop_
_pdbx_audit_revision_item.ordinal 
_pdbx_audit_revision_item.revision_ordinal 
_pdbx_audit_revision_item.data_content_type 
_pdbx_audit_revision_item.item 
1 4 'Structure model' '_database_2.pdbx_DOI'                
2 4 'Structure model' '_database_2.pdbx_database_accession' 
3 4 'Structure model' '_struct_site.pdbx_auth_asym_id'      
4 4 'Structure model' '_struct_site.pdbx_auth_comp_id'      
5 4 'Structure model' '_struct_site.pdbx_auth_seq_id'       
# 
loop_
_pdbx_refine_tls.id 
_pdbx_refine_tls.details 
_pdbx_refine_tls.method 
_pdbx_refine_tls.origin_x 
_pdbx_refine_tls.origin_y 
_pdbx_refine_tls.origin_z 
_pdbx_refine_tls.T[1][1] 
_pdbx_refine_tls.T[2][2] 
_pdbx_refine_tls.T[3][3] 
_pdbx_refine_tls.T[1][2] 
_pdbx_refine_tls.T[1][3] 
_pdbx_refine_tls.T[2][3] 
_pdbx_refine_tls.L[1][1] 
_pdbx_refine_tls.L[2][2] 
_pdbx_refine_tls.L[3][3] 
_pdbx_refine_tls.L[1][2] 
_pdbx_refine_tls.L[1][3] 
_pdbx_refine_tls.L[2][3] 
_pdbx_refine_tls.S[1][1] 
_pdbx_refine_tls.S[1][2] 
_pdbx_refine_tls.S[1][3] 
_pdbx_refine_tls.S[2][1] 
_pdbx_refine_tls.S[2][2] 
_pdbx_refine_tls.S[2][3] 
_pdbx_refine_tls.S[3][1] 
_pdbx_refine_tls.S[3][2] 
_pdbx_refine_tls.S[3][3] 
_pdbx_refine_tls.pdbx_refine_id 
1  ? refined 4.7462  -9.7967  -0.9154 0.0680 0.0796 0.0828 0.0368  0.0546  0.0013  3.0381 4.2743 7.9472  0.8847  -0.5533 -5.5245 0.0860  -0.0377 -0.0063 -0.2894 -0.1022 -0.2950 0.1461  0.1260  0.0162  'X-RAY DIFFRACTION' 
2  ? refined 8.4721  -5.8184  3.4586  0.0516 0.1044 0.1143 0.0437  0.0408  0.0283  0.9147 4.7664 3.3276  1.7434  0.9511  3.0399  0.1394  -0.0294 -0.0103 0.0769  -0.0931 -0.2528 0.1087  0.1938  -0.0462 'X-RAY DIFFRACTION' 
3  ? refined -1.9078 -17.8585 -3.7205 0.1212 0.0635 0.0801 0.0636  -0.0171 -0.0264 6.5580 2.9985 1.9947  0.0893  -2.1431 1.4852  0.1158  0.2378  -0.3140 -0.1595 -0.0490 0.1045  -0.0053 -0.0230 -0.0668 'X-RAY DIFFRACTION' 
4  ? refined 1.3811  -14.0826 9.1487  0.0954 0.0523 0.0942 0.0492  0.0022  -0.0129 4.0874 9.1899 3.0766  -0.7263 2.8239  -3.8891 -0.0769 -0.0065 -0.1025 0.2702  -0.0234 -0.2498 -0.0655 -0.0419 0.1004  'X-RAY DIFFRACTION' 
5  ? refined 0.1499  -4.2516  10.0968 0.0799 0.0901 0.1102 0.0139  0.0100  0.0201  3.0395 1.2358 3.0673  0.9958  2.4156  1.2736  0.0892  0.0405  -0.0892 -0.0497 -0.0545 -0.1458 0.0444  -0.0018 -0.0346 'X-RAY DIFFRACTION' 
6  ? refined 3.4542  3.9016   16.7453 0.0660 0.0889 0.0990 -0.0277 -0.0095 0.0225  3.9225 2.4236 2.9936  2.3229  -1.6827 -2.5722 0.1696  -0.1310 0.1820  0.1671  -0.0219 0.0027  -0.0821 0.0249  -0.1476 'X-RAY DIFFRACTION' 
7  ? refined -9.3180 5.3615   -4.0570 0.1029 0.0817 0.0940 0.0218  -0.0018 0.0095  0.3195 0.3307 3.3587  0.2172  0.7081  -0.4082 0.0236  0.0091  0.0345  -0.0936 -0.0257 0.0553  0.1957  0.1121  0.0022  'X-RAY DIFFRACTION' 
8  ? refined 1.9261  15.0330  6.4383  0.0705 0.0842 0.1011 -0.0004 -0.0008 0.0069  1.2713 8.6540 -0.1933 2.1521  0.3901  0.3094  -0.0430 -0.0911 0.2408  -0.0210 -0.1109 -0.0428 -0.0364 -0.0671 0.1540  'X-RAY DIFFRACTION' 
9  ? refined -0.3445 6.2542   -6.5880 0.1199 0.1085 0.0882 0.0203  0.0408  0.0307  0.1983 1.0113 2.3875  0.1979  1.4403  -1.7296 0.0222  0.0744  0.0198  -0.1270 0.0203  -0.0886 0.0724  0.1661  -0.0424 'X-RAY DIFFRACTION' 
10 ? refined 8.4252  6.9792   -3.4246 0.0733 0.1284 0.1351 -0.0050 0.0871  0.0575  0.8635 2.8792 0.2601  -1.1470 0.7335  -0.0136 0.0320  0.3007  0.1967  -0.3617 -0.1445 -0.3973 -0.1253 0.2722  0.1125  'X-RAY DIFFRACTION' 
# 
loop_
_pdbx_refine_tls_group.id 
_pdbx_refine_tls_group.refine_tls_id 
_pdbx_refine_tls_group.beg_auth_asym_id 
_pdbx_refine_tls_group.beg_auth_seq_id 
_pdbx_refine_tls_group.beg_label_asym_id 
_pdbx_refine_tls_group.beg_label_seq_id 
_pdbx_refine_tls_group.end_auth_asym_id 
_pdbx_refine_tls_group.end_auth_seq_id 
_pdbx_refine_tls_group.end_label_asym_id 
_pdbx_refine_tls_group.end_label_seq_id 
_pdbx_refine_tls_group.selection 
_pdbx_refine_tls_group.pdbx_refine_id 
_pdbx_refine_tls_group.selection_details 
1  1  A 1   A 1   A 10  A 10  ? 'X-RAY DIFFRACTION' ? 
2  2  A 11  A 11  A 30  A 30  ? 'X-RAY DIFFRACTION' ? 
3  3  A 31  A 31  A 52  A 52  ? 'X-RAY DIFFRACTION' ? 
4  4  A 53  A 53  A 64  A 64  ? 'X-RAY DIFFRACTION' ? 
5  5  A 65  A 65  A 76  A 76  ? 'X-RAY DIFFRACTION' ? 
6  6  A 77  A 77  A 87  A 87  ? 'X-RAY DIFFRACTION' ? 
7  7  A 88  A 88  A 139 A 139 ? 'X-RAY DIFFRACTION' ? 
8  8  A 140 A 140 A 151 A 151 ? 'X-RAY DIFFRACTION' ? 
9  9  A 152 A 152 A 174 A 174 ? 'X-RAY DIFFRACTION' ? 
10 10 A 175 A 175 A 201 A 201 ? 'X-RAY DIFFRACTION' ? 
# 
loop_
_software.name 
_software.classification 
_software.version 
_software.citation_id 
_software.pdbx_ordinal 
ADSC      'data collection' Quantum ? 1 
MOLREP    phasing           .       ? 2 
REFMAC    refinement        5.1.24  ? 3 
DENZO     'data reduction'  .       ? 4 
SCALEPACK 'data scaling'    .       ? 5 
# 
loop_
_pdbx_validate_rmsd_angle.id 
_pdbx_validate_rmsd_angle.PDB_model_num 
_pdbx_validate_rmsd_angle.auth_atom_id_1 
_pdbx_validate_rmsd_angle.auth_asym_id_1 
_pdbx_validate_rmsd_angle.auth_comp_id_1 
_pdbx_validate_rmsd_angle.auth_seq_id_1 
_pdbx_validate_rmsd_angle.PDB_ins_code_1 
_pdbx_validate_rmsd_angle.label_alt_id_1 
_pdbx_validate_rmsd_angle.auth_atom_id_2 
_pdbx_validate_rmsd_angle.auth_asym_id_2 
_pdbx_validate_rmsd_angle.auth_comp_id_2 
_pdbx_validate_rmsd_angle.auth_seq_id_2 
_pdbx_validate_rmsd_angle.PDB_ins_code_2 
_pdbx_validate_rmsd_angle.label_alt_id_2 
_pdbx_validate_rmsd_angle.auth_atom_id_3 
_pdbx_validate_rmsd_angle.auth_asym_id_3 
_pdbx_validate_rmsd_angle.auth_comp_id_3 
_pdbx_validate_rmsd_angle.auth_seq_id_3 
_pdbx_validate_rmsd_angle.PDB_ins_code_3 
_pdbx_validate_rmsd_angle.label_alt_id_3 
_pdbx_validate_rmsd_angle.angle_value 
_pdbx_validate_rmsd_angle.angle_target_value 
_pdbx_validate_rmsd_angle.angle_deviation 
_pdbx_validate_rmsd_angle.angle_standard_deviation 
_pdbx_validate_rmsd_angle.linker_flag 
1 1 NE A ARG 49 ? ? CZ A ARG 49 ? ? NH1 A ARG 49 ? ? 124.13 120.30 3.83  0.50 N 
2 1 NE A ARG 49 ? ? CZ A ARG 49 ? ? NH2 A ARG 49 ? ? 115.98 120.30 -4.32 0.50 N 
# 
loop_
_pdbx_validate_torsion.id 
_pdbx_validate_torsion.PDB_model_num 
_pdbx_validate_torsion.auth_comp_id 
_pdbx_validate_torsion.auth_asym_id 
_pdbx_validate_torsion.auth_seq_id 
_pdbx_validate_torsion.PDB_ins_code 
_pdbx_validate_torsion.label_alt_id 
_pdbx_validate_torsion.phi 
_pdbx_validate_torsion.psi 
1 1 LEU A 23 ? ? 8.06  110.77 
2 1 GLN A 65 ? ? 86.09 123.87 
3 1 TYR A 86 ? B 83.00 -96.35 
# 
loop_
_pdbx_validate_peptide_omega.id 
_pdbx_validate_peptide_omega.PDB_model_num 
_pdbx_validate_peptide_omega.auth_comp_id_1 
_pdbx_validate_peptide_omega.auth_asym_id_1 
_pdbx_validate_peptide_omega.auth_seq_id_1 
_pdbx_validate_peptide_omega.PDB_ins_code_1 
_pdbx_validate_peptide_omega.label_alt_id_1 
_pdbx_validate_peptide_omega.auth_comp_id_2 
_pdbx_validate_peptide_omega.auth_asym_id_2 
_pdbx_validate_peptide_omega.auth_seq_id_2 
_pdbx_validate_peptide_omega.PDB_ins_code_2 
_pdbx_validate_peptide_omega.label_alt_id_2 
_pdbx_validate_peptide_omega.omega 
1 1 GLY A 22 ? ? LEU A 23 ? ? 123.60 
2 1 LEU A 23 ? ? PRO A 24 ? ? 141.28 
3 1 ALA A 85 ? ? TYR A 86 ? B 131.25 
4 1 TYR A 86 ? A GLY A 87 ? ? -69.76 
5 1 TYR A 86 ? B GLY A 87 ? ? 101.45 
6 1 GLY A 87 ? ? SER A 88 ? ? 120.00 
# 
_pdbx_validate_chiral.id              1 
_pdbx_validate_chiral.PDB_model_num   1 
_pdbx_validate_chiral.auth_atom_id    CA1 
_pdbx_validate_chiral.label_alt_id    ? 
_pdbx_validate_chiral.auth_asym_id    A 
_pdbx_validate_chiral.auth_comp_id    GSH 
_pdbx_validate_chiral.auth_seq_id     204 
_pdbx_validate_chiral.PDB_ins_code    ? 
_pdbx_validate_chiral.details         'WRONG HAND' 
_pdbx_validate_chiral.omega           . 
# 
loop_
_chem_comp_atom.comp_id 
_chem_comp_atom.atom_id 
_chem_comp_atom.type_symbol 
_chem_comp_atom.pdbx_aromatic_flag 
_chem_comp_atom.pdbx_stereo_config 
_chem_comp_atom.pdbx_ordinal 
ALA N    N N N 1   
ALA CA   C N S 2   
ALA C    C N N 3   
ALA O    O N N 4   
ALA CB   C N N 5   
ALA OXT  O N N 6   
ALA H    H N N 7   
ALA H2   H N N 8   
ALA HA   H N N 9   
ALA HB1  H N N 10  
ALA HB2  H N N 11  
ALA HB3  H N N 12  
ALA HXT  H N N 13  
ARG N    N N N 14  
ARG CA   C N S 15  
ARG C    C N N 16  
ARG O    O N N 17  
ARG CB   C N N 18  
ARG CG   C N N 19  
ARG CD   C N N 20  
ARG NE   N N N 21  
ARG CZ   C N N 22  
ARG NH1  N N N 23  
ARG NH2  N N N 24  
ARG OXT  O N N 25  
ARG H    H N N 26  
ARG H2   H N N 27  
ARG HA   H N N 28  
ARG HB2  H N N 29  
ARG HB3  H N N 30  
ARG HG2  H N N 31  
ARG HG3  H N N 32  
ARG HD2  H N N 33  
ARG HD3  H N N 34  
ARG HE   H N N 35  
ARG HH11 H N N 36  
ARG HH12 H N N 37  
ARG HH21 H N N 38  
ARG HH22 H N N 39  
ARG HXT  H N N 40  
ASN N    N N N 41  
ASN CA   C N S 42  
ASN C    C N N 43  
ASN O    O N N 44  
ASN CB   C N N 45  
ASN CG   C N N 46  
ASN OD1  O N N 47  
ASN ND2  N N N 48  
ASN OXT  O N N 49  
ASN H    H N N 50  
ASN H2   H N N 51  
ASN HA   H N N 52  
ASN HB2  H N N 53  
ASN HB3  H N N 54  
ASN HD21 H N N 55  
ASN HD22 H N N 56  
ASN HXT  H N N 57  
ASP N    N N N 58  
ASP CA   C N S 59  
ASP C    C N N 60  
ASP O    O N N 61  
ASP CB   C N N 62  
ASP CG   C N N 63  
ASP OD1  O N N 64  
ASP OD2  O N N 65  
ASP OXT  O N N 66  
ASP H    H N N 67  
ASP H2   H N N 68  
ASP HA   H N N 69  
ASP HB2  H N N 70  
ASP HB3  H N N 71  
ASP HD2  H N N 72  
ASP HXT  H N N 73  
CYS N    N N N 74  
CYS CA   C N R 75  
CYS C    C N N 76  
CYS O    O N N 77  
CYS CB   C N N 78  
CYS SG   S N N 79  
CYS OXT  O N N 80  
CYS H    H N N 81  
CYS H2   H N N 82  
CYS HA   H N N 83  
CYS HB2  H N N 84  
CYS HB3  H N N 85  
CYS HG   H N N 86  
CYS HXT  H N N 87  
GLN N    N N N 88  
GLN CA   C N S 89  
GLN C    C N N 90  
GLN O    O N N 91  
GLN CB   C N N 92  
GLN CG   C N N 93  
GLN CD   C N N 94  
GLN OE1  O N N 95  
GLN NE2  N N N 96  
GLN OXT  O N N 97  
GLN H    H N N 98  
GLN H2   H N N 99  
GLN HA   H N N 100 
GLN HB2  H N N 101 
GLN HB3  H N N 102 
GLN HG2  H N N 103 
GLN HG3  H N N 104 
GLN HE21 H N N 105 
GLN HE22 H N N 106 
GLN HXT  H N N 107 
GLU N    N N N 108 
GLU CA   C N S 109 
GLU C    C N N 110 
GLU O    O N N 111 
GLU CB   C N N 112 
GLU CG   C N N 113 
GLU CD   C N N 114 
GLU OE1  O N N 115 
GLU OE2  O N N 116 
GLU OXT  O N N 117 
GLU H    H N N 118 
GLU H2   H N N 119 
GLU HA   H N N 120 
GLU HB2  H N N 121 
GLU HB3  H N N 122 
GLU HG2  H N N 123 
GLU HG3  H N N 124 
GLU HE2  H N N 125 
GLU HXT  H N N 126 
GLY N    N N N 127 
GLY CA   C N N 128 
GLY C    C N N 129 
GLY O    O N N 130 
GLY OXT  O N N 131 
GLY H    H N N 132 
GLY H2   H N N 133 
GLY HA2  H N N 134 
GLY HA3  H N N 135 
GLY HXT  H N N 136 
GSH N1   N N N 137 
GSH CA1  C N S 138 
GSH C1   C N N 139 
GSH O11  O N N 140 
GSH O12  O N N 141 
GSH CB1  C N N 142 
GSH CG1  C N N 143 
GSH CD1  C N N 144 
GSH OE1  O N N 145 
GSH N2   N N N 146 
GSH CA2  C N R 147 
GSH C2   C N N 148 
GSH O2   O N N 149 
GSH CB2  C N N 150 
GSH SG2  S N N 151 
GSH N3   N N N 152 
GSH CA3  C N N 153 
GSH C3   C N N 154 
GSH O31  O N N 155 
GSH O32  O N N 156 
GSH HN11 H N N 157 
GSH HN12 H N N 158 
GSH HA1  H N N 159 
GSH H12  H N N 160 
GSH HB12 H N N 161 
GSH HB13 H N N 162 
GSH HG12 H N N 163 
GSH HG13 H N N 164 
GSH HN2  H N N 165 
GSH HA2  H N N 166 
GSH HB22 H N N 167 
GSH HB23 H N N 168 
GSH HSG  H N N 169 
GSH HN3  H N N 170 
GSH HA31 H N N 171 
GSH HA32 H N N 172 
GSH H32  H N N 173 
HIS N    N N N 174 
HIS CA   C N S 175 
HIS C    C N N 176 
HIS O    O N N 177 
HIS CB   C N N 178 
HIS CG   C Y N 179 
HIS ND1  N Y N 180 
HIS CD2  C Y N 181 
HIS CE1  C Y N 182 
HIS NE2  N Y N 183 
HIS OXT  O N N 184 
HIS H    H N N 185 
HIS H2   H N N 186 
HIS HA   H N N 187 
HIS HB2  H N N 188 
HIS HB3  H N N 189 
HIS HD1  H N N 190 
HIS HD2  H N N 191 
HIS HE1  H N N 192 
HIS HE2  H N N 193 
HIS HXT  H N N 194 
HOH O    O N N 195 
HOH H1   H N N 196 
HOH H2   H N N 197 
ILE N    N N N 198 
ILE CA   C N S 199 
ILE C    C N N 200 
ILE O    O N N 201 
ILE CB   C N S 202 
ILE CG1  C N N 203 
ILE CG2  C N N 204 
ILE CD1  C N N 205 
ILE OXT  O N N 206 
ILE H    H N N 207 
ILE H2   H N N 208 
ILE HA   H N N 209 
ILE HB   H N N 210 
ILE HG12 H N N 211 
ILE HG13 H N N 212 
ILE HG21 H N N 213 
ILE HG22 H N N 214 
ILE HG23 H N N 215 
ILE HD11 H N N 216 
ILE HD12 H N N 217 
ILE HD13 H N N 218 
ILE HXT  H N N 219 
LEU N    N N N 220 
LEU CA   C N S 221 
LEU C    C N N 222 
LEU O    O N N 223 
LEU CB   C N N 224 
LEU CG   C N N 225 
LEU CD1  C N N 226 
LEU CD2  C N N 227 
LEU OXT  O N N 228 
LEU H    H N N 229 
LEU H2   H N N 230 
LEU HA   H N N 231 
LEU HB2  H N N 232 
LEU HB3  H N N 233 
LEU HG   H N N 234 
LEU HD11 H N N 235 
LEU HD12 H N N 236 
LEU HD13 H N N 237 
LEU HD21 H N N 238 
LEU HD22 H N N 239 
LEU HD23 H N N 240 
LEU HXT  H N N 241 
LYS N    N N N 242 
LYS CA   C N S 243 
LYS C    C N N 244 
LYS O    O N N 245 
LYS CB   C N N 246 
LYS CG   C N N 247 
LYS CD   C N N 248 
LYS CE   C N N 249 
LYS NZ   N N N 250 
LYS OXT  O N N 251 
LYS H    H N N 252 
LYS H2   H N N 253 
LYS HA   H N N 254 
LYS HB2  H N N 255 
LYS HB3  H N N 256 
LYS HG2  H N N 257 
LYS HG3  H N N 258 
LYS HD2  H N N 259 
LYS HD3  H N N 260 
LYS HE2  H N N 261 
LYS HE3  H N N 262 
LYS HZ1  H N N 263 
LYS HZ2  H N N 264 
LYS HZ3  H N N 265 
LYS HXT  H N N 266 
MET N    N N N 267 
MET CA   C N S 268 
MET C    C N N 269 
MET O    O N N 270 
MET CB   C N N 271 
MET CG   C N N 272 
MET SD   S N N 273 
MET CE   C N N 274 
MET OXT  O N N 275 
MET H    H N N 276 
MET H2   H N N 277 
MET HA   H N N 278 
MET HB2  H N N 279 
MET HB3  H N N 280 
MET HG2  H N N 281 
MET HG3  H N N 282 
MET HE1  H N N 283 
MET HE2  H N N 284 
MET HE3  H N N 285 
MET HXT  H N N 286 
PHE N    N N N 287 
PHE CA   C N S 288 
PHE C    C N N 289 
PHE O    O N N 290 
PHE CB   C N N 291 
PHE CG   C Y N 292 
PHE CD1  C Y N 293 
PHE CD2  C Y N 294 
PHE CE1  C Y N 295 
PHE CE2  C Y N 296 
PHE CZ   C Y N 297 
PHE OXT  O N N 298 
PHE H    H N N 299 
PHE H2   H N N 300 
PHE HA   H N N 301 
PHE HB2  H N N 302 
PHE HB3  H N N 303 
PHE HD1  H N N 304 
PHE HD2  H N N 305 
PHE HE1  H N N 306 
PHE HE2  H N N 307 
PHE HZ   H N N 308 
PHE HXT  H N N 309 
PRO N    N N N 310 
PRO CA   C N S 311 
PRO C    C N N 312 
PRO O    O N N 313 
PRO CB   C N N 314 
PRO CG   C N N 315 
PRO CD   C N N 316 
PRO OXT  O N N 317 
PRO H    H N N 318 
PRO HA   H N N 319 
PRO HB2  H N N 320 
PRO HB3  H N N 321 
PRO HG2  H N N 322 
PRO HG3  H N N 323 
PRO HD2  H N N 324 
PRO HD3  H N N 325 
PRO HXT  H N N 326 
SER N    N N N 327 
SER CA   C N S 328 
SER C    C N N 329 
SER O    O N N 330 
SER CB   C N N 331 
SER OG   O N N 332 
SER OXT  O N N 333 
SER H    H N N 334 
SER H2   H N N 335 
SER HA   H N N 336 
SER HB2  H N N 337 
SER HB3  H N N 338 
SER HG   H N N 339 
SER HXT  H N N 340 
SO4 S    S N N 341 
SO4 O1   O N N 342 
SO4 O2   O N N 343 
SO4 O3   O N N 344 
SO4 O4   O N N 345 
THR N    N N N 346 
THR CA   C N S 347 
THR C    C N N 348 
THR O    O N N 349 
THR CB   C N R 350 
THR OG1  O N N 351 
THR CG2  C N N 352 
THR OXT  O N N 353 
THR H    H N N 354 
THR H2   H N N 355 
THR HA   H N N 356 
THR HB   H N N 357 
THR HG1  H N N 358 
THR HG21 H N N 359 
THR HG22 H N N 360 
THR HG23 H N N 361 
THR HXT  H N N 362 
TRP N    N N N 363 
TRP CA   C N S 364 
TRP C    C N N 365 
TRP O    O N N 366 
TRP CB   C N N 367 
TRP CG   C Y N 368 
TRP CD1  C Y N 369 
TRP CD2  C Y N 370 
TRP NE1  N Y N 371 
TRP CE2  C Y N 372 
TRP CE3  C Y N 373 
TRP CZ2  C Y N 374 
TRP CZ3  C Y N 375 
TRP CH2  C Y N 376 
TRP OXT  O N N 377 
TRP H    H N N 378 
TRP H2   H N N 379 
TRP HA   H N N 380 
TRP HB2  H N N 381 
TRP HB3  H N N 382 
TRP HD1  H N N 383 
TRP HE1  H N N 384 
TRP HE3  H N N 385 
TRP HZ2  H N N 386 
TRP HZ3  H N N 387 
TRP HH2  H N N 388 
TRP HXT  H N N 389 
TYR N    N N N 390 
TYR CA   C N S 391 
TYR C    C N N 392 
TYR O    O N N 393 
TYR CB   C N N 394 
TYR CG   C Y N 395 
TYR CD1  C Y N 396 
TYR CD2  C Y N 397 
TYR CE1  C Y N 398 
TYR CE2  C Y N 399 
TYR CZ   C Y N 400 
TYR OH   O N N 401 
TYR OXT  O N N 402 
TYR H    H N N 403 
TYR H2   H N N 404 
TYR HA   H N N 405 
TYR HB2  H N N 406 
TYR HB3  H N N 407 
TYR HD1  H N N 408 
TYR HD2  H N N 409 
TYR HE1  H N N 410 
TYR HE2  H N N 411 
TYR HH   H N N 412 
TYR HXT  H N N 413 
VAL N    N N N 414 
VAL CA   C N S 415 
VAL C    C N N 416 
VAL O    O N N 417 
VAL CB   C N N 418 
VAL CG1  C N N 419 
VAL CG2  C N N 420 
VAL OXT  O N N 421 
VAL H    H N N 422 
VAL H2   H N N 423 
VAL HA   H N N 424 
VAL HB   H N N 425 
VAL HG11 H N N 426 
VAL HG12 H N N 427 
VAL HG13 H N N 428 
VAL HG21 H N N 429 
VAL HG22 H N N 430 
VAL HG23 H N N 431 
VAL HXT  H N N 432 
# 
loop_
_chem_comp_bond.comp_id 
_chem_comp_bond.atom_id_1 
_chem_comp_bond.atom_id_2 
_chem_comp_bond.value_order 
_chem_comp_bond.pdbx_aromatic_flag 
_chem_comp_bond.pdbx_stereo_config 
_chem_comp_bond.pdbx_ordinal 
ALA N   CA   sing N N 1   
ALA N   H    sing N N 2   
ALA N   H2   sing N N 3   
ALA CA  C    sing N N 4   
ALA CA  CB   sing N N 5   
ALA CA  HA   sing N N 6   
ALA C   O    doub N N 7   
ALA C   OXT  sing N N 8   
ALA CB  HB1  sing N N 9   
ALA CB  HB2  sing N N 10  
ALA CB  HB3  sing N N 11  
ALA OXT HXT  sing N N 12  
ARG N   CA   sing N N 13  
ARG N   H    sing N N 14  
ARG N   H2   sing N N 15  
ARG CA  C    sing N N 16  
ARG CA  CB   sing N N 17  
ARG CA  HA   sing N N 18  
ARG C   O    doub N N 19  
ARG C   OXT  sing N N 20  
ARG CB  CG   sing N N 21  
ARG CB  HB2  sing N N 22  
ARG CB  HB3  sing N N 23  
ARG CG  CD   sing N N 24  
ARG CG  HG2  sing N N 25  
ARG CG  HG3  sing N N 26  
ARG CD  NE   sing N N 27  
ARG CD  HD2  sing N N 28  
ARG CD  HD3  sing N N 29  
ARG NE  CZ   sing N N 30  
ARG NE  HE   sing N N 31  
ARG CZ  NH1  sing N N 32  
ARG CZ  NH2  doub N N 33  
ARG NH1 HH11 sing N N 34  
ARG NH1 HH12 sing N N 35  
ARG NH2 HH21 sing N N 36  
ARG NH2 HH22 sing N N 37  
ARG OXT HXT  sing N N 38  
ASN N   CA   sing N N 39  
ASN N   H    sing N N 40  
ASN N   H2   sing N N 41  
ASN CA  C    sing N N 42  
ASN CA  CB   sing N N 43  
ASN CA  HA   sing N N 44  
ASN C   O    doub N N 45  
ASN C   OXT  sing N N 46  
ASN CB  CG   sing N N 47  
ASN CB  HB2  sing N N 48  
ASN CB  HB3  sing N N 49  
ASN CG  OD1  doub N N 50  
ASN CG  ND2  sing N N 51  
ASN ND2 HD21 sing N N 52  
ASN ND2 HD22 sing N N 53  
ASN OXT HXT  sing N N 54  
ASP N   CA   sing N N 55  
ASP N   H    sing N N 56  
ASP N   H2   sing N N 57  
ASP CA  C    sing N N 58  
ASP CA  CB   sing N N 59  
ASP CA  HA   sing N N 60  
ASP C   O    doub N N 61  
ASP C   OXT  sing N N 62  
ASP CB  CG   sing N N 63  
ASP CB  HB2  sing N N 64  
ASP CB  HB3  sing N N 65  
ASP CG  OD1  doub N N 66  
ASP CG  OD2  sing N N 67  
ASP OD2 HD2  sing N N 68  
ASP OXT HXT  sing N N 69  
CYS N   CA   sing N N 70  
CYS N   H    sing N N 71  
CYS N   H2   sing N N 72  
CYS CA  C    sing N N 73  
CYS CA  CB   sing N N 74  
CYS CA  HA   sing N N 75  
CYS C   O    doub N N 76  
CYS C   OXT  sing N N 77  
CYS CB  SG   sing N N 78  
CYS CB  HB2  sing N N 79  
CYS CB  HB3  sing N N 80  
CYS SG  HG   sing N N 81  
CYS OXT HXT  sing N N 82  
GLN N   CA   sing N N 83  
GLN N   H    sing N N 84  
GLN N   H2   sing N N 85  
GLN CA  C    sing N N 86  
GLN CA  CB   sing N N 87  
GLN CA  HA   sing N N 88  
GLN C   O    doub N N 89  
GLN C   OXT  sing N N 90  
GLN CB  CG   sing N N 91  
GLN CB  HB2  sing N N 92  
GLN CB  HB3  sing N N 93  
GLN CG  CD   sing N N 94  
GLN CG  HG2  sing N N 95  
GLN CG  HG3  sing N N 96  
GLN CD  OE1  doub N N 97  
GLN CD  NE2  sing N N 98  
GLN NE2 HE21 sing N N 99  
GLN NE2 HE22 sing N N 100 
GLN OXT HXT  sing N N 101 
GLU N   CA   sing N N 102 
GLU N   H    sing N N 103 
GLU N   H2   sing N N 104 
GLU CA  C    sing N N 105 
GLU CA  CB   sing N N 106 
GLU CA  HA   sing N N 107 
GLU C   O    doub N N 108 
GLU C   OXT  sing N N 109 
GLU CB  CG   sing N N 110 
GLU CB  HB2  sing N N 111 
GLU CB  HB3  sing N N 112 
GLU CG  CD   sing N N 113 
GLU CG  HG2  sing N N 114 
GLU CG  HG3  sing N N 115 
GLU CD  OE1  doub N N 116 
GLU CD  OE2  sing N N 117 
GLU OE2 HE2  sing N N 118 
GLU OXT HXT  sing N N 119 
GLY N   CA   sing N N 120 
GLY N   H    sing N N 121 
GLY N   H2   sing N N 122 
GLY CA  C    sing N N 123 
GLY CA  HA2  sing N N 124 
GLY CA  HA3  sing N N 125 
GLY C   O    doub N N 126 
GLY C   OXT  sing N N 127 
GLY OXT HXT  sing N N 128 
GSH N1  CA1  sing N N 129 
GSH N1  HN11 sing N N 130 
GSH N1  HN12 sing N N 131 
GSH CA1 C1   sing N N 132 
GSH CA1 CB1  sing N N 133 
GSH CA1 HA1  sing N N 134 
GSH C1  O11  doub N N 135 
GSH C1  O12  sing N N 136 
GSH O12 H12  sing N N 137 
GSH CB1 CG1  sing N N 138 
GSH CB1 HB12 sing N N 139 
GSH CB1 HB13 sing N N 140 
GSH CG1 CD1  sing N N 141 
GSH CG1 HG12 sing N N 142 
GSH CG1 HG13 sing N N 143 
GSH CD1 OE1  doub N N 144 
GSH CD1 N2   sing N N 145 
GSH N2  CA2  sing N N 146 
GSH N2  HN2  sing N N 147 
GSH CA2 C2   sing N N 148 
GSH CA2 CB2  sing N N 149 
GSH CA2 HA2  sing N N 150 
GSH C2  O2   doub N N 151 
GSH C2  N3   sing N N 152 
GSH CB2 SG2  sing N N 153 
GSH CB2 HB22 sing N N 154 
GSH CB2 HB23 sing N N 155 
GSH SG2 HSG  sing N N 156 
GSH N3  CA3  sing N N 157 
GSH N3  HN3  sing N N 158 
GSH CA3 C3   sing N N 159 
GSH CA3 HA31 sing N N 160 
GSH CA3 HA32 sing N N 161 
GSH C3  O31  doub N N 162 
GSH C3  O32  sing N N 163 
GSH O32 H32  sing N N 164 
HIS N   CA   sing N N 165 
HIS N   H    sing N N 166 
HIS N   H2   sing N N 167 
HIS CA  C    sing N N 168 
HIS CA  CB   sing N N 169 
HIS CA  HA   sing N N 170 
HIS C   O    doub N N 171 
HIS C   OXT  sing N N 172 
HIS CB  CG   sing N N 173 
HIS CB  HB2  sing N N 174 
HIS CB  HB3  sing N N 175 
HIS CG  ND1  sing Y N 176 
HIS CG  CD2  doub Y N 177 
HIS ND1 CE1  doub Y N 178 
HIS ND1 HD1  sing N N 179 
HIS CD2 NE2  sing Y N 180 
HIS CD2 HD2  sing N N 181 
HIS CE1 NE2  sing Y N 182 
HIS CE1 HE1  sing N N 183 
HIS NE2 HE2  sing N N 184 
HIS OXT HXT  sing N N 185 
HOH O   H1   sing N N 186 
HOH O   H2   sing N N 187 
ILE N   CA   sing N N 188 
ILE N   H    sing N N 189 
ILE N   H2   sing N N 190 
ILE CA  C    sing N N 191 
ILE CA  CB   sing N N 192 
ILE CA  HA   sing N N 193 
ILE C   O    doub N N 194 
ILE C   OXT  sing N N 195 
ILE CB  CG1  sing N N 196 
ILE CB  CG2  sing N N 197 
ILE CB  HB   sing N N 198 
ILE CG1 CD1  sing N N 199 
ILE CG1 HG12 sing N N 200 
ILE CG1 HG13 sing N N 201 
ILE CG2 HG21 sing N N 202 
ILE CG2 HG22 sing N N 203 
ILE CG2 HG23 sing N N 204 
ILE CD1 HD11 sing N N 205 
ILE CD1 HD12 sing N N 206 
ILE CD1 HD13 sing N N 207 
ILE OXT HXT  sing N N 208 
LEU N   CA   sing N N 209 
LEU N   H    sing N N 210 
LEU N   H2   sing N N 211 
LEU CA  C    sing N N 212 
LEU CA  CB   sing N N 213 
LEU CA  HA   sing N N 214 
LEU C   O    doub N N 215 
LEU C   OXT  sing N N 216 
LEU CB  CG   sing N N 217 
LEU CB  HB2  sing N N 218 
LEU CB  HB3  sing N N 219 
LEU CG  CD1  sing N N 220 
LEU CG  CD2  sing N N 221 
LEU CG  HG   sing N N 222 
LEU CD1 HD11 sing N N 223 
LEU CD1 HD12 sing N N 224 
LEU CD1 HD13 sing N N 225 
LEU CD2 HD21 sing N N 226 
LEU CD2 HD22 sing N N 227 
LEU CD2 HD23 sing N N 228 
LEU OXT HXT  sing N N 229 
LYS N   CA   sing N N 230 
LYS N   H    sing N N 231 
LYS N   H2   sing N N 232 
LYS CA  C    sing N N 233 
LYS CA  CB   sing N N 234 
LYS CA  HA   sing N N 235 
LYS C   O    doub N N 236 
LYS C   OXT  sing N N 237 
LYS CB  CG   sing N N 238 
LYS CB  HB2  sing N N 239 
LYS CB  HB3  sing N N 240 
LYS CG  CD   sing N N 241 
LYS CG  HG2  sing N N 242 
LYS CG  HG3  sing N N 243 
LYS CD  CE   sing N N 244 
LYS CD  HD2  sing N N 245 
LYS CD  HD3  sing N N 246 
LYS CE  NZ   sing N N 247 
LYS CE  HE2  sing N N 248 
LYS CE  HE3  sing N N 249 
LYS NZ  HZ1  sing N N 250 
LYS NZ  HZ2  sing N N 251 
LYS NZ  HZ3  sing N N 252 
LYS OXT HXT  sing N N 253 
MET N   CA   sing N N 254 
MET N   H    sing N N 255 
MET N   H2   sing N N 256 
MET CA  C    sing N N 257 
MET CA  CB   sing N N 258 
MET CA  HA   sing N N 259 
MET C   O    doub N N 260 
MET C   OXT  sing N N 261 
MET CB  CG   sing N N 262 
MET CB  HB2  sing N N 263 
MET CB  HB3  sing N N 264 
MET CG  SD   sing N N 265 
MET CG  HG2  sing N N 266 
MET CG  HG3  sing N N 267 
MET SD  CE   sing N N 268 
MET CE  HE1  sing N N 269 
MET CE  HE2  sing N N 270 
MET CE  HE3  sing N N 271 
MET OXT HXT  sing N N 272 
PHE N   CA   sing N N 273 
PHE N   H    sing N N 274 
PHE N   H2   sing N N 275 
PHE CA  C    sing N N 276 
PHE CA  CB   sing N N 277 
PHE CA  HA   sing N N 278 
PHE C   O    doub N N 279 
PHE C   OXT  sing N N 280 
PHE CB  CG   sing N N 281 
PHE CB  HB2  sing N N 282 
PHE CB  HB3  sing N N 283 
PHE CG  CD1  doub Y N 284 
PHE CG  CD2  sing Y N 285 
PHE CD1 CE1  sing Y N 286 
PHE CD1 HD1  sing N N 287 
PHE CD2 CE2  doub Y N 288 
PHE CD2 HD2  sing N N 289 
PHE CE1 CZ   doub Y N 290 
PHE CE1 HE1  sing N N 291 
PHE CE2 CZ   sing Y N 292 
PHE CE2 HE2  sing N N 293 
PHE CZ  HZ   sing N N 294 
PHE OXT HXT  sing N N 295 
PRO N   CA   sing N N 296 
PRO N   CD   sing N N 297 
PRO N   H    sing N N 298 
PRO CA  C    sing N N 299 
PRO CA  CB   sing N N 300 
PRO CA  HA   sing N N 301 
PRO C   O    doub N N 302 
PRO C   OXT  sing N N 303 
PRO CB  CG   sing N N 304 
PRO CB  HB2  sing N N 305 
PRO CB  HB3  sing N N 306 
PRO CG  CD   sing N N 307 
PRO CG  HG2  sing N N 308 
PRO CG  HG3  sing N N 309 
PRO CD  HD2  sing N N 310 
PRO CD  HD3  sing N N 311 
PRO OXT HXT  sing N N 312 
SER N   CA   sing N N 313 
SER N   H    sing N N 314 
SER N   H2   sing N N 315 
SER CA  C    sing N N 316 
SER CA  CB   sing N N 317 
SER CA  HA   sing N N 318 
SER C   O    doub N N 319 
SER C   OXT  sing N N 320 
SER CB  OG   sing N N 321 
SER CB  HB2  sing N N 322 
SER CB  HB3  sing N N 323 
SER OG  HG   sing N N 324 
SER OXT HXT  sing N N 325 
SO4 S   O1   doub N N 326 
SO4 S   O2   doub N N 327 
SO4 S   O3   sing N N 328 
SO4 S   O4   sing N N 329 
THR N   CA   sing N N 330 
THR N   H    sing N N 331 
THR N   H2   sing N N 332 
THR CA  C    sing N N 333 
THR CA  CB   sing N N 334 
THR CA  HA   sing N N 335 
THR C   O    doub N N 336 
THR C   OXT  sing N N 337 
THR CB  OG1  sing N N 338 
THR CB  CG2  sing N N 339 
THR CB  HB   sing N N 340 
THR OG1 HG1  sing N N 341 
THR CG2 HG21 sing N N 342 
THR CG2 HG22 sing N N 343 
THR CG2 HG23 sing N N 344 
THR OXT HXT  sing N N 345 
TRP N   CA   sing N N 346 
TRP N   H    sing N N 347 
TRP N   H2   sing N N 348 
TRP CA  C    sing N N 349 
TRP CA  CB   sing N N 350 
TRP CA  HA   sing N N 351 
TRP C   O    doub N N 352 
TRP C   OXT  sing N N 353 
TRP CB  CG   sing N N 354 
TRP CB  HB2  sing N N 355 
TRP CB  HB3  sing N N 356 
TRP CG  CD1  doub Y N 357 
TRP CG  CD2  sing Y N 358 
TRP CD1 NE1  sing Y N 359 
TRP CD1 HD1  sing N N 360 
TRP CD2 CE2  doub Y N 361 
TRP CD2 CE3  sing Y N 362 
TRP NE1 CE2  sing Y N 363 
TRP NE1 HE1  sing N N 364 
TRP CE2 CZ2  sing Y N 365 
TRP CE3 CZ3  doub Y N 366 
TRP CE3 HE3  sing N N 367 
TRP CZ2 CH2  doub Y N 368 
TRP CZ2 HZ2  sing N N 369 
TRP CZ3 CH2  sing Y N 370 
TRP CZ3 HZ3  sing N N 371 
TRP CH2 HH2  sing N N 372 
TRP OXT HXT  sing N N 373 
TYR N   CA   sing N N 374 
TYR N   H    sing N N 375 
TYR N   H2   sing N N 376 
TYR CA  C    sing N N 377 
TYR CA  CB   sing N N 378 
TYR CA  HA   sing N N 379 
TYR C   O    doub N N 380 
TYR C   OXT  sing N N 381 
TYR CB  CG   sing N N 382 
TYR CB  HB2  sing N N 383 
TYR CB  HB3  sing N N 384 
TYR CG  CD1  doub Y N 385 
TYR CG  CD2  sing Y N 386 
TYR CD1 CE1  sing Y N 387 
TYR CD1 HD1  sing N N 388 
TYR CD2 CE2  doub Y N 389 
TYR CD2 HD2  sing N N 390 
TYR CE1 CZ   doub Y N 391 
TYR CE1 HE1  sing N N 392 
TYR CE2 CZ   sing Y N 393 
TYR CE2 HE2  sing N N 394 
TYR CZ  OH   sing N N 395 
TYR OH  HH   sing N N 396 
TYR OXT HXT  sing N N 397 
VAL N   CA   sing N N 398 
VAL N   H    sing N N 399 
VAL N   H2   sing N N 400 
VAL CA  C    sing N N 401 
VAL CA  CB   sing N N 402 
VAL CA  HA   sing N N 403 
VAL C   O    doub N N 404 
VAL C   OXT  sing N N 405 
VAL CB  CG1  sing N N 406 
VAL CB  CG2  sing N N 407 
VAL CB  HB   sing N N 408 
VAL CG1 HG11 sing N N 409 
VAL CG1 HG12 sing N N 410 
VAL CG1 HG13 sing N N 411 
VAL CG2 HG21 sing N N 412 
VAL CG2 HG22 sing N N 413 
VAL CG2 HG23 sing N N 414 
VAL OXT HXT  sing N N 415 
# 
loop_
_pdbx_entity_nonpoly.entity_id 
_pdbx_entity_nonpoly.name 
_pdbx_entity_nonpoly.comp_id 
2 'SULFATE ION' SO4 
3 GLUTATHIONE   GSH 
4 water         HOH 
# 
_pdbx_initial_refinement_model.id               1 
_pdbx_initial_refinement_model.entity_id_list   ? 
_pdbx_initial_refinement_model.type             'experimental model' 
_pdbx_initial_refinement_model.source_name      PDB 
_pdbx_initial_refinement_model.accession_code   1A0F 
_pdbx_initial_refinement_model.details          'PDB ENTRY 1A0F' 
# 
